data_8RT9
#
_entry.id   8RT9
#
_cell.length_a   1.00
_cell.length_b   1.00
_cell.length_c   1.00
_cell.angle_alpha   90.00
_cell.angle_beta   90.00
_cell.angle_gamma   90.00
#
_symmetry.space_group_name_H-M   'P 1'
#
loop_
_entity.id
_entity.type
_entity.pdbx_description
1 polymer 'TrwJ protein'
2 polymer 'TrwI protein'
#
loop_
_entity_poly.entity_id
_entity_poly.type
_entity_poly.pdbx_seq_one_letter_code
_entity_poly.pdbx_strand_id
1 'polypeptide(L)'
;MKKLVMTAAVAAILGAASPVMAQGIPVFDGTRALDFVQQFARMKEQLDTAKDQLAEAQRMYEAVTGGRGLGDLMRNAQLR
EYLPDDLRTVYDSANGGGYSGISGSINDILRDERLNGSVADMRRSIEERSRTAAATDKAVGLRAYEGAQQRLAQIEGLMD
EISRTQDQKAIEELQARIAGEQAAIQNETTKLQMIAQLRQAEQALISEQRRERNMRILSSGNQGMPTIQ
;
A,B,C,D,E
2 'polypeptide(L)'
;MAFELFTPLFNKIDQTTATYVTDISSRAIAAITPVVSVGLTLGFITYGWLIIRGAVEMPVAEFLNRCLRIGIIVSIALAG
GLYQGEIANAITTVPDELASALLGNPTQGASAAALVDQSAQQGFDRASEAFEEAGFFSSDGLLYGLFGIIILLATGLLAA
IGGAFLLLAKIALALLAGLGPLFILALIWQPTHRFFDQWAQQVLNYGLLIVLFAAVFGLLMQIFGSYMADLRFDGAQNVA
YAIGGSVILSIVSIVLLMQLPSIASGLAGGIGLGYMWELRSMRSGAGAAMRGGRAMARGARAAPGAARGAAVGAANMAKT
VATGGAGVARAAAGYFRGRKAG
;
F,G,H,I,J
#
# COMPACT_ATOMS: atom_id res chain seq x y z
N GLN A 23 18.27 -122.54 -45.98
CA GLN A 23 19.55 -123.25 -45.95
C GLN A 23 19.33 -124.75 -45.88
N GLY A 24 19.81 -125.37 -44.81
CA GLY A 24 19.81 -126.81 -44.72
C GLY A 24 19.30 -127.32 -43.39
N ILE A 25 18.49 -128.37 -43.46
CA ILE A 25 17.96 -129.05 -42.28
C ILE A 25 17.28 -128.03 -41.38
N PRO A 26 16.11 -127.52 -41.75
CA PRO A 26 15.46 -126.49 -40.93
C PRO A 26 15.17 -127.02 -39.53
N VAL A 27 15.32 -126.13 -38.55
CA VAL A 27 15.12 -126.46 -37.14
C VAL A 27 14.22 -125.41 -36.52
N PHE A 28 13.33 -125.87 -35.63
CA PHE A 28 12.41 -125.01 -34.90
C PHE A 28 12.87 -124.95 -33.45
N ASP A 29 13.49 -123.84 -33.07
CA ASP A 29 13.91 -123.65 -31.69
C ASP A 29 12.70 -123.24 -30.86
N GLY A 30 11.99 -124.23 -30.34
CA GLY A 30 10.73 -123.97 -29.67
C GLY A 30 10.86 -123.01 -28.50
N THR A 31 12.03 -123.00 -27.86
CA THR A 31 12.21 -122.12 -26.72
C THR A 31 12.25 -120.66 -27.12
N ARG A 32 12.90 -120.34 -28.23
CA ARG A 32 13.04 -118.95 -28.61
C ARG A 32 11.70 -118.32 -28.93
N ALA A 33 10.73 -119.13 -29.35
CA ALA A 33 9.42 -118.60 -29.71
C ALA A 33 8.77 -117.88 -28.54
N LEU A 34 8.71 -118.53 -27.38
CA LEU A 34 8.17 -117.88 -26.19
C LEU A 34 9.03 -116.68 -25.82
N ASP A 35 10.35 -116.86 -25.87
CA ASP A 35 11.26 -115.76 -25.55
C ASP A 35 11.07 -114.60 -26.52
N PHE A 36 10.91 -114.89 -27.81
CA PHE A 36 10.73 -113.81 -28.75
C PHE A 36 9.41 -113.10 -28.52
N VAL A 37 8.37 -113.83 -28.13
CA VAL A 37 7.10 -113.18 -27.84
C VAL A 37 7.27 -112.21 -26.68
N GLN A 38 7.98 -112.64 -25.63
CA GLN A 38 8.20 -111.72 -24.51
C GLN A 38 9.02 -110.50 -24.92
N GLN A 39 10.06 -110.71 -25.73
CA GLN A 39 10.88 -109.60 -26.19
C GLN A 39 10.07 -108.63 -27.03
N PHE A 40 9.18 -109.16 -27.86
CA PHE A 40 8.32 -108.31 -28.68
C PHE A 40 7.39 -107.49 -27.81
N ALA A 41 6.87 -108.09 -26.74
CA ALA A 41 6.02 -107.33 -25.82
C ALA A 41 6.78 -106.19 -25.18
N ARG A 42 8.02 -106.45 -24.77
CA ARG A 42 8.81 -105.40 -24.08
C ARG A 42 9.18 -104.31 -25.10
N MET A 43 9.45 -104.68 -26.36
CA MET A 43 9.71 -103.65 -27.35
C MET A 43 8.47 -102.80 -27.59
N LYS A 44 7.29 -103.42 -27.61
CA LYS A 44 6.07 -102.64 -27.73
C LYS A 44 5.95 -101.64 -26.59
N GLU A 45 6.26 -102.07 -25.38
CA GLU A 45 6.12 -101.18 -24.25
C GLU A 45 7.13 -100.05 -24.30
N GLN A 46 8.36 -100.33 -24.76
CA GLN A 46 9.34 -99.28 -24.96
C GLN A 46 8.87 -98.28 -26.01
N LEU A 47 8.29 -98.76 -27.10
CA LEU A 47 7.79 -97.87 -28.12
C LEU A 47 6.68 -96.99 -27.59
N ASP A 48 5.78 -97.57 -26.80
CA ASP A 48 4.70 -96.78 -26.22
C ASP A 48 5.25 -95.69 -25.30
N THR A 49 6.25 -96.03 -24.49
CA THR A 49 6.85 -95.02 -23.62
C THR A 49 7.51 -93.91 -24.43
N ALA A 50 8.20 -94.28 -25.52
CA ALA A 50 8.82 -93.27 -26.36
C ALA A 50 7.78 -92.35 -26.98
N LYS A 51 6.67 -92.92 -27.44
CA LYS A 51 5.61 -92.10 -28.01
C LYS A 51 5.00 -91.18 -26.95
N ASP A 52 4.87 -91.67 -25.72
CA ASP A 52 4.39 -90.82 -24.64
C ASP A 52 5.33 -89.65 -24.40
N GLN A 53 6.64 -89.92 -24.42
CA GLN A 53 7.61 -88.84 -24.27
C GLN A 53 7.48 -87.82 -25.40
N LEU A 54 7.29 -88.32 -26.62
CA LEU A 54 7.14 -87.41 -27.75
C LEU A 54 5.91 -86.53 -27.60
N ALA A 55 4.80 -87.13 -27.17
CA ALA A 55 3.58 -86.35 -26.95
C ALA A 55 3.80 -85.32 -25.86
N GLU A 56 4.54 -85.69 -24.81
CA GLU A 56 4.82 -84.75 -23.73
C GLU A 56 5.65 -83.57 -24.23
N ALA A 57 6.68 -83.85 -25.02
CA ALA A 57 7.52 -82.78 -25.53
C ALA A 57 6.74 -81.86 -26.47
N GLN A 58 5.90 -82.45 -27.34
CA GLN A 58 5.08 -81.62 -28.22
C GLN A 58 4.13 -80.75 -27.40
N ARG A 59 3.53 -81.33 -26.37
CA ARG A 59 2.58 -80.57 -25.50
C ARG A 59 3.32 -79.38 -24.89
N MET A 60 4.54 -79.60 -24.38
CA MET A 60 5.24 -78.50 -23.73
C MET A 60 5.64 -77.44 -24.74
N TYR A 61 6.03 -77.84 -25.94
CA TYR A 61 6.32 -76.86 -26.98
C TYR A 61 5.09 -76.03 -27.31
N GLU A 62 3.93 -76.66 -27.40
CA GLU A 62 2.70 -75.89 -27.61
C GLU A 62 2.43 -74.96 -26.44
N ALA A 63 2.79 -75.37 -25.23
CA ALA A 63 2.58 -74.53 -24.07
C ALA A 63 3.51 -73.32 -24.06
N VAL A 64 4.66 -73.42 -24.70
CA VAL A 64 5.62 -72.33 -24.72
C VAL A 64 5.39 -71.38 -25.89
N THR A 65 5.11 -71.91 -27.06
CA THR A 65 5.00 -71.12 -28.28
C THR A 65 3.53 -70.89 -28.65
N GLY A 66 3.32 -69.94 -29.55
CA GLY A 66 2.00 -69.60 -30.04
C GLY A 66 1.56 -68.24 -29.53
N GLY A 67 0.38 -67.82 -29.97
CA GLY A 67 -0.22 -66.59 -29.51
C GLY A 67 -1.44 -66.86 -28.64
N ARG A 68 -1.56 -66.13 -27.54
CA ARG A 68 -2.59 -66.41 -26.55
C ARG A 68 -3.68 -65.35 -26.51
N GLY A 69 -3.53 -64.25 -27.24
CA GLY A 69 -4.57 -63.25 -27.32
C GLY A 69 -4.52 -62.20 -26.24
N LEU A 70 -3.77 -62.41 -25.17
CA LEU A 70 -3.59 -61.36 -24.18
C LEU A 70 -2.76 -60.25 -24.80
N GLY A 71 -3.21 -59.02 -24.59
CA GLY A 71 -2.90 -57.95 -25.50
C GLY A 71 -3.89 -57.89 -26.65
N ASP A 72 -4.54 -56.75 -26.86
CA ASP A 72 -5.92 -56.68 -27.31
C ASP A 72 -6.85 -57.15 -26.21
N LEU A 73 -6.44 -56.93 -24.96
CA LEU A 73 -7.24 -57.22 -23.77
C LEU A 73 -7.46 -55.91 -23.03
N MET A 74 -8.72 -55.48 -22.95
CA MET A 74 -9.08 -54.20 -22.36
C MET A 74 -8.32 -53.06 -23.03
N ARG A 75 -8.39 -53.03 -24.36
CA ARG A 75 -7.70 -52.03 -25.16
C ARG A 75 -8.64 -51.01 -25.80
N ASN A 76 -9.94 -51.31 -25.86
CA ASN A 76 -10.88 -50.39 -26.48
C ASN A 76 -11.32 -49.28 -25.53
N ALA A 77 -11.00 -49.41 -24.24
CA ALA A 77 -11.36 -48.35 -23.30
C ALA A 77 -10.53 -47.11 -23.58
N GLN A 78 -11.15 -46.11 -24.18
CA GLN A 78 -10.43 -44.91 -24.63
C GLN A 78 -10.28 -43.98 -23.43
N LEU A 79 -9.27 -44.28 -22.61
CA LEU A 79 -8.98 -43.47 -21.44
C LEU A 79 -8.18 -42.23 -21.77
N ARG A 80 -7.67 -42.11 -23.00
CA ARG A 80 -7.01 -40.88 -23.41
C ARG A 80 -7.98 -39.75 -23.64
N GLU A 81 -9.28 -40.03 -23.68
CA GLU A 81 -10.30 -39.01 -23.89
C GLU A 81 -10.59 -38.21 -22.63
N TYR A 82 -10.01 -38.59 -21.50
CA TYR A 82 -10.21 -37.88 -20.25
C TYR A 82 -9.15 -36.82 -20.00
N LEU A 83 -8.23 -36.63 -20.93
CA LEU A 83 -7.25 -35.57 -20.91
C LEU A 83 -7.30 -34.82 -22.22
N PRO A 84 -6.91 -33.55 -22.24
CA PRO A 84 -7.04 -32.76 -23.46
C PRO A 84 -6.25 -33.35 -24.61
N ASP A 85 -6.81 -33.23 -25.81
CA ASP A 85 -6.12 -33.75 -27.00
C ASP A 85 -4.93 -32.86 -27.35
N ASP A 86 -5.15 -31.55 -27.44
CA ASP A 86 -4.09 -30.59 -27.68
C ASP A 86 -4.26 -29.43 -26.72
N LEU A 87 -3.15 -28.83 -26.32
CA LEU A 87 -3.19 -27.81 -25.29
C LEU A 87 -3.27 -26.39 -25.85
N ARG A 88 -3.21 -26.21 -27.16
CA ARG A 88 -3.39 -24.86 -27.70
C ARG A 88 -4.78 -24.32 -27.37
N THR A 89 -5.80 -25.15 -27.50
CA THR A 89 -7.18 -24.74 -27.40
C THR A 89 -7.82 -25.14 -26.08
N VAL A 90 -7.01 -25.50 -25.08
CA VAL A 90 -7.58 -25.94 -23.81
C VAL A 90 -8.26 -24.78 -23.10
N TYR A 91 -7.79 -23.56 -23.31
CA TYR A 91 -8.36 -22.41 -22.64
C TYR A 91 -9.40 -21.69 -23.48
N ASP A 92 -9.70 -22.20 -24.67
CA ASP A 92 -10.80 -21.72 -25.48
C ASP A 92 -11.99 -22.67 -25.43
N SER A 93 -11.97 -23.63 -24.51
CA SER A 93 -12.97 -24.69 -24.49
C SER A 93 -14.34 -24.18 -24.05
N ALA A 94 -14.39 -23.18 -23.18
CA ALA A 94 -15.67 -22.71 -22.65
C ALA A 94 -16.57 -22.19 -23.76
N ASN A 95 -16.02 -21.40 -24.67
CA ASN A 95 -16.82 -20.79 -25.72
C ASN A 95 -17.32 -21.82 -26.72
N GLY A 96 -16.74 -23.00 -26.73
CA GLY A 96 -17.01 -23.98 -27.76
C GLY A 96 -15.74 -24.34 -28.48
N GLY A 97 -15.68 -25.58 -28.94
CA GLY A 97 -14.43 -26.09 -29.48
C GLY A 97 -13.45 -26.34 -28.35
N GLY A 98 -12.18 -26.44 -28.73
CA GLY A 98 -11.17 -26.77 -27.76
C GLY A 98 -11.37 -28.17 -27.21
N TYR A 99 -11.78 -28.26 -25.94
CA TYR A 99 -12.01 -29.58 -25.30
C TYR A 99 -13.50 -29.70 -24.97
N SER A 100 -14.22 -30.55 -25.72
CA SER A 100 -15.70 -30.68 -25.54
C SER A 100 -16.05 -31.19 -24.14
N GLY A 101 -15.30 -32.15 -23.60
CA GLY A 101 -15.70 -32.73 -22.30
C GLY A 101 -15.68 -31.71 -21.18
N ILE A 102 -14.63 -30.89 -21.10
CA ILE A 102 -14.58 -29.80 -20.08
C ILE A 102 -15.58 -28.69 -20.43
N SER A 103 -15.77 -28.37 -21.72
CA SER A 103 -16.65 -27.25 -22.12
C SER A 103 -17.91 -27.18 -21.23
N GLY A 104 -18.68 -28.28 -21.17
CA GLY A 104 -19.87 -28.31 -20.34
C GLY A 104 -19.57 -28.08 -18.87
N SER A 105 -18.51 -28.73 -18.37
CA SER A 105 -18.16 -28.57 -16.97
C SER A 105 -17.78 -27.12 -16.65
N ILE A 106 -17.04 -26.46 -17.55
CA ILE A 106 -16.64 -25.08 -17.34
C ILE A 106 -17.85 -24.19 -17.25
N ASN A 107 -18.81 -24.37 -18.15
CA ASN A 107 -19.99 -23.53 -18.10
C ASN A 107 -20.73 -23.73 -16.78
N ASP A 108 -20.85 -24.98 -16.33
CA ASP A 108 -21.51 -25.22 -15.05
C ASP A 108 -20.77 -24.56 -13.89
N ILE A 109 -19.44 -24.67 -13.89
CA ILE A 109 -18.64 -24.11 -12.81
C ILE A 109 -18.76 -22.60 -12.77
N LEU A 110 -18.64 -21.96 -13.93
CA LEU A 110 -18.73 -20.51 -13.99
C LEU A 110 -20.11 -20.04 -13.55
N ARG A 111 -21.16 -20.79 -13.91
CA ARG A 111 -22.49 -20.47 -13.41
C ARG A 111 -22.55 -20.57 -11.89
N ASP A 112 -21.91 -21.58 -11.32
CA ASP A 112 -22.04 -21.80 -9.88
C ASP A 112 -21.12 -20.91 -9.06
N GLU A 113 -20.13 -20.27 -9.68
CA GLU A 113 -19.21 -19.44 -8.93
C GLU A 113 -19.64 -17.99 -8.81
N ARG A 114 -20.81 -17.64 -9.34
CA ARG A 114 -21.29 -16.27 -9.27
C ARG A 114 -22.02 -16.06 -7.96
N LEU A 115 -21.64 -15.01 -7.25
CA LEU A 115 -22.16 -14.75 -5.91
C LEU A 115 -23.53 -14.11 -5.97
N ASN A 116 -24.38 -14.45 -5.01
CA ASN A 116 -25.72 -13.91 -4.90
C ASN A 116 -25.99 -13.55 -3.46
N GLY A 117 -26.94 -12.65 -3.25
CA GLY A 117 -27.32 -12.23 -1.93
C GLY A 117 -26.61 -10.96 -1.52
N SER A 118 -26.79 -10.59 -0.26
CA SER A 118 -26.18 -9.40 0.27
C SER A 118 -24.67 -9.57 0.34
N VAL A 119 -23.98 -8.44 0.42
CA VAL A 119 -22.52 -8.44 0.43
C VAL A 119 -22.00 -9.11 1.70
N ALA A 120 -22.72 -8.97 2.82
CA ALA A 120 -22.31 -9.65 4.05
C ALA A 120 -22.37 -11.17 3.89
N ASP A 121 -23.42 -11.68 3.25
CA ASP A 121 -23.49 -13.11 2.96
C ASP A 121 -22.35 -13.54 2.07
N MET A 122 -21.99 -12.70 1.10
CA MET A 122 -20.85 -12.99 0.24
C MET A 122 -19.58 -13.11 1.06
N ARG A 123 -19.41 -12.22 2.03
CA ARG A 123 -18.22 -12.25 2.88
C ARG A 123 -18.16 -13.53 3.70
N ARG A 124 -19.29 -13.89 4.32
CA ARG A 124 -19.29 -15.10 5.13
C ARG A 124 -19.04 -16.34 4.29
N SER A 125 -19.64 -16.40 3.09
CA SER A 125 -19.41 -17.53 2.20
C SER A 125 -17.94 -17.63 1.80
N ILE A 126 -17.32 -16.50 1.49
CA ILE A 126 -15.92 -16.54 1.05
C ILE A 126 -15.01 -16.98 2.18
N GLU A 127 -15.22 -16.44 3.39
CA GLU A 127 -14.39 -16.86 4.52
C GLU A 127 -14.56 -18.34 4.82
N GLU A 128 -15.81 -18.82 4.78
CA GLU A 128 -16.04 -20.24 4.98
C GLU A 128 -15.33 -21.08 3.93
N ARG A 129 -15.39 -20.66 2.66
CA ARG A 129 -14.68 -21.40 1.63
C ARG A 129 -13.19 -21.46 1.89
N SER A 130 -12.60 -20.33 2.30
CA SER A 130 -11.16 -20.31 2.52
C SER A 130 -10.76 -21.28 3.63
N ARG A 131 -11.45 -21.18 4.78
CA ARG A 131 -11.11 -22.05 5.90
C ARG A 131 -11.34 -23.51 5.54
N THR A 132 -12.46 -23.82 4.90
CA THR A 132 -12.76 -25.20 4.55
C THR A 132 -11.77 -25.74 3.54
N ALA A 133 -11.30 -24.89 2.62
CA ALA A 133 -10.32 -25.35 1.64
C ALA A 133 -9.01 -25.73 2.31
N ALA A 134 -8.54 -24.89 3.22
CA ALA A 134 -7.30 -25.23 3.92
C ALA A 134 -7.45 -26.53 4.70
N ALA A 135 -8.55 -26.66 5.43
CA ALA A 135 -8.76 -27.87 6.23
C ALA A 135 -8.90 -29.11 5.34
N THR A 136 -9.58 -28.97 4.20
CA THR A 136 -9.74 -30.10 3.29
C THR A 136 -8.41 -30.55 2.73
N ASP A 137 -7.57 -29.60 2.35
CA ASP A 137 -6.22 -29.92 1.88
C ASP A 137 -5.49 -30.75 2.93
N LYS A 138 -5.49 -30.27 4.17
CA LYS A 138 -4.77 -30.97 5.23
C LYS A 138 -5.32 -32.39 5.42
N ALA A 139 -6.65 -32.51 5.51
CA ALA A 139 -7.25 -33.81 5.80
C ALA A 139 -6.99 -34.80 4.69
N VAL A 140 -7.09 -34.37 3.43
CA VAL A 140 -6.81 -35.24 2.31
C VAL A 140 -5.37 -35.73 2.37
N GLY A 141 -4.44 -34.82 2.66
CA GLY A 141 -3.05 -35.22 2.77
C GLY A 141 -2.83 -36.28 3.85
N LEU A 142 -3.44 -36.06 5.01
CA LEU A 142 -3.24 -36.99 6.13
C LEU A 142 -3.77 -38.38 5.80
N ARG A 143 -5.01 -38.45 5.30
CA ARG A 143 -5.58 -39.77 5.00
C ARG A 143 -4.81 -40.46 3.89
N ALA A 144 -4.38 -39.69 2.89
CA ALA A 144 -3.59 -40.29 1.81
C ALA A 144 -2.28 -40.86 2.35
N TYR A 145 -1.66 -40.18 3.31
CA TYR A 145 -0.42 -40.71 3.87
C TYR A 145 -0.66 -42.01 4.62
N GLU A 146 -1.76 -42.10 5.35
CA GLU A 146 -2.11 -43.36 5.98
C GLU A 146 -2.23 -44.47 4.95
N GLY A 147 -2.92 -44.18 3.84
CA GLY A 147 -3.02 -45.15 2.77
C GLY A 147 -1.68 -45.55 2.20
N ALA A 148 -0.77 -44.59 2.07
CA ALA A 148 0.56 -44.88 1.55
C ALA A 148 1.34 -45.82 2.46
N GLN A 149 1.22 -45.62 3.77
CA GLN A 149 1.88 -46.53 4.71
C GLN A 149 1.31 -47.94 4.58
N GLN A 150 0.00 -48.06 4.46
CA GLN A 150 -0.58 -49.38 4.26
C GLN A 150 -0.11 -50.01 2.95
N ARG A 151 0.08 -49.14 1.95
CA ARG A 151 0.59 -49.61 0.62
C ARG A 151 1.99 -50.19 0.82
N LEU A 152 2.84 -49.52 1.62
CA LEU A 152 4.18 -50.05 1.90
C LEU A 152 4.10 -51.41 2.57
N ALA A 153 3.19 -51.56 3.54
CA ALA A 153 3.03 -52.86 4.17
C ALA A 153 2.66 -53.93 3.16
N GLN A 154 1.77 -53.60 2.22
CA GLN A 154 1.38 -54.55 1.19
C GLN A 154 2.55 -54.94 0.29
N ILE A 155 3.39 -53.97 -0.09
CA ILE A 155 4.55 -54.28 -0.92
C ILE A 155 5.49 -55.21 -0.18
N GLU A 156 5.68 -54.96 1.11
CA GLU A 156 6.54 -55.86 1.93
C GLU A 156 5.99 -57.28 1.87
N GLY A 157 4.66 -57.42 1.90
CA GLY A 157 4.03 -58.75 1.86
C GLY A 157 4.32 -59.49 0.57
N LEU A 158 4.29 -58.80 -0.56
CA LEU A 158 4.57 -59.42 -1.89
C LEU A 158 6.01 -59.95 -1.89
N MET A 159 6.94 -59.18 -1.34
CA MET A 159 8.36 -59.64 -1.24
C MET A 159 8.46 -60.85 -0.30
N ASP A 160 7.67 -60.87 0.78
CA ASP A 160 7.65 -62.07 1.67
C ASP A 160 7.15 -63.26 0.85
N GLU A 161 6.15 -63.06 -0.02
CA GLU A 161 5.63 -64.14 -0.89
C GLU A 161 6.75 -64.61 -1.82
N ILE A 162 7.60 -63.70 -2.28
CA ILE A 162 8.69 -64.07 -3.24
C ILE A 162 9.62 -65.11 -2.59
N SER A 163 9.87 -65.00 -1.27
CA SER A 163 10.82 -65.92 -0.60
C SER A 163 10.34 -67.38 -0.67
N ARG A 164 9.05 -67.62 -0.89
CA ARG A 164 8.50 -69.01 -0.88
C ARG A 164 8.23 -69.56 -2.30
N THR A 165 8.34 -68.75 -3.34
CA THR A 165 8.00 -69.22 -4.72
C THR A 165 8.79 -70.48 -5.07
N GLN A 166 8.15 -71.46 -5.72
CA GLN A 166 8.83 -72.75 -6.03
C GLN A 166 8.92 -72.98 -7.55
N ASP A 167 7.78 -73.00 -8.26
CA ASP A 167 7.84 -73.32 -9.68
C ASP A 167 8.09 -72.04 -10.46
N GLN A 168 8.23 -72.18 -11.76
CA GLN A 168 8.43 -71.00 -12.60
C GLN A 168 7.13 -70.25 -12.82
N LYS A 169 6.03 -70.98 -12.99
CA LYS A 169 4.74 -70.33 -13.17
C LYS A 169 4.38 -69.47 -11.97
N ALA A 170 4.71 -69.94 -10.77
CA ALA A 170 4.41 -69.19 -9.57
C ALA A 170 5.14 -67.86 -9.55
N ILE A 171 6.44 -67.87 -9.86
CA ILE A 171 7.20 -66.63 -9.80
C ILE A 171 6.81 -65.70 -10.95
N GLU A 172 6.41 -66.24 -12.10
CA GLU A 172 5.94 -65.37 -13.16
C GLU A 172 4.62 -64.69 -12.79
N GLU A 173 3.71 -65.44 -12.16
CA GLU A 173 2.49 -64.81 -11.67
C GLU A 173 2.79 -63.76 -10.62
N LEU A 174 3.77 -64.02 -9.75
CA LEU A 174 4.12 -63.03 -8.75
C LEU A 174 4.71 -61.78 -9.38
N GLN A 175 5.52 -61.95 -10.43
CA GLN A 175 6.05 -60.79 -11.13
C GLN A 175 4.94 -59.95 -11.72
N ALA A 176 3.95 -60.60 -12.34
CA ALA A 176 2.86 -59.83 -12.93
C ALA A 176 2.00 -59.19 -11.86
N ARG A 177 1.84 -59.85 -10.71
CA ARG A 177 1.15 -59.22 -9.59
C ARG A 177 1.87 -57.98 -9.09
N ILE A 178 3.18 -58.05 -8.96
CA ILE A 178 3.94 -56.89 -8.51
C ILE A 178 3.87 -55.78 -9.56
N ALA A 179 3.85 -56.15 -10.84
CA ALA A 179 3.69 -55.14 -11.89
C ALA A 179 2.35 -54.44 -11.78
N GLY A 180 1.28 -55.20 -11.51
CA GLY A 180 0.00 -54.57 -11.29
C GLY A 180 0.01 -53.67 -10.07
N GLU A 181 0.75 -54.06 -9.04
CA GLU A 181 0.85 -53.23 -7.84
C GLU A 181 1.53 -51.90 -8.17
N GLN A 182 2.60 -51.96 -8.98
CA GLN A 182 3.24 -50.75 -9.45
C GLN A 182 2.29 -49.89 -10.25
N ALA A 183 1.46 -50.51 -11.09
CA ALA A 183 0.48 -49.75 -11.84
C ALA A 183 -0.49 -49.03 -10.92
N ALA A 184 -0.89 -49.69 -9.84
CA ALA A 184 -1.76 -49.05 -8.86
C ALA A 184 -1.09 -47.85 -8.21
N ILE A 185 0.18 -47.98 -7.86
CA ILE A 185 0.86 -46.83 -7.26
C ILE A 185 1.02 -45.69 -8.27
N GLN A 186 1.25 -46.03 -9.54
CA GLN A 186 1.23 -45.03 -10.60
C GLN A 186 -0.10 -44.29 -10.64
N ASN A 187 -1.19 -45.04 -10.53
CA ASN A 187 -2.51 -44.42 -10.57
C ASN A 187 -2.68 -43.47 -9.39
N GLU A 188 -2.21 -43.86 -8.21
CA GLU A 188 -2.29 -42.97 -7.07
C GLU A 188 -1.45 -41.71 -7.29
N THR A 189 -0.30 -41.84 -7.93
CA THR A 189 0.51 -40.67 -8.25
C THR A 189 -0.26 -39.70 -9.15
N THR A 190 -0.90 -40.24 -10.19
CA THR A 190 -1.69 -39.39 -11.07
C THR A 190 -2.84 -38.74 -10.30
N LYS A 191 -3.48 -39.48 -9.42
CA LYS A 191 -4.57 -38.92 -8.62
C LYS A 191 -4.09 -37.79 -7.73
N LEU A 192 -2.91 -37.93 -7.14
CA LEU A 192 -2.37 -36.87 -6.32
C LEU A 192 -2.06 -35.63 -7.13
N GLN A 193 -1.53 -35.80 -8.34
CA GLN A 193 -1.31 -34.66 -9.22
C GLN A 193 -2.62 -33.94 -9.51
N MET A 194 -3.66 -34.72 -9.78
CA MET A 194 -4.97 -34.15 -10.08
C MET A 194 -5.52 -33.40 -8.89
N ILE A 195 -5.30 -33.94 -7.68
CA ILE A 195 -5.77 -33.28 -6.44
C ILE A 195 -5.04 -31.94 -6.28
N ALA A 196 -3.72 -31.92 -6.55
CA ALA A 196 -2.97 -30.67 -6.43
C ALA A 196 -3.49 -29.63 -7.41
N GLN A 197 -3.77 -30.03 -8.65
CA GLN A 197 -4.32 -29.10 -9.61
C GLN A 197 -5.67 -28.56 -9.14
N LEU A 198 -6.51 -29.44 -8.60
CA LEU A 198 -7.81 -29.00 -8.10
C LEU A 198 -7.65 -28.03 -6.95
N ARG A 199 -6.67 -28.26 -6.08
CA ARG A 199 -6.40 -27.34 -4.97
C ARG A 199 -6.06 -25.96 -5.49
N GLN A 200 -5.18 -25.90 -6.47
CA GLN A 200 -4.80 -24.63 -7.07
C GLN A 200 -6.01 -23.94 -7.70
N ALA A 201 -6.84 -24.71 -8.42
CA ALA A 201 -8.03 -24.14 -9.04
C ALA A 201 -8.99 -23.59 -8.00
N GLU A 202 -9.14 -24.29 -6.88
CA GLU A 202 -10.02 -23.81 -5.82
C GLU A 202 -9.53 -22.51 -5.23
N GLN A 203 -8.21 -22.39 -5.01
CA GLN A 203 -7.69 -21.14 -4.50
C GLN A 203 -7.92 -20.00 -5.49
N ALA A 204 -7.73 -20.28 -6.78
CA ALA A 204 -7.99 -19.26 -7.80
C ALA A 204 -9.46 -18.84 -7.79
N LEU A 205 -10.35 -19.81 -7.64
CA LEU A 205 -11.78 -19.48 -7.62
C LEU A 205 -12.14 -18.64 -6.41
N ILE A 206 -11.57 -18.94 -5.25
CA ILE A 206 -11.82 -18.12 -4.07
C ILE A 206 -11.34 -16.70 -4.30
N SER A 207 -10.17 -16.54 -4.91
CA SER A 207 -9.69 -15.20 -5.23
C SER A 207 -10.63 -14.49 -6.19
N GLU A 208 -11.15 -15.21 -7.17
CA GLU A 208 -12.09 -14.62 -8.12
C GLU A 208 -13.35 -14.14 -7.42
N GLN A 209 -13.86 -14.93 -6.47
CA GLN A 209 -15.03 -14.52 -5.72
C GLN A 209 -14.75 -13.29 -4.88
N ARG A 210 -13.57 -13.23 -4.26
CA ARG A 210 -13.19 -12.04 -3.50
C ARG A 210 -13.21 -10.82 -4.40
N ARG A 211 -12.66 -10.94 -5.60
CA ARG A 211 -12.57 -9.79 -6.47
C ARG A 211 -13.94 -9.40 -7.02
N GLU A 212 -14.82 -10.38 -7.21
CA GLU A 212 -16.19 -10.07 -7.60
C GLU A 212 -16.89 -9.26 -6.52
N ARG A 213 -16.72 -9.65 -5.26
CA ARG A 213 -17.31 -8.88 -4.17
C ARG A 213 -16.73 -7.47 -4.12
N ASN A 214 -15.41 -7.36 -4.27
CA ASN A 214 -14.77 -6.05 -4.25
C ASN A 214 -15.30 -5.17 -5.37
N MET A 215 -15.44 -5.76 -6.56
CA MET A 215 -15.94 -4.98 -7.72
C MET A 215 -17.38 -4.55 -7.45
N ARG A 216 -18.19 -5.41 -6.83
CA ARG A 216 -19.58 -5.08 -6.56
C ARG A 216 -19.70 -3.93 -5.57
N ILE A 217 -18.81 -3.88 -4.57
CA ILE A 217 -18.87 -2.78 -3.62
C ILE A 217 -18.46 -1.47 -4.28
N LEU A 218 -17.41 -1.49 -5.09
CA LEU A 218 -16.83 -0.27 -5.64
C LEU A 218 -17.33 0.05 -7.05
N SER A 219 -18.35 -0.65 -7.53
CA SER A 219 -18.80 -0.45 -8.90
C SER A 219 -19.27 0.99 -9.11
N SER A 220 -18.90 1.55 -10.25
CA SER A 220 -19.32 2.90 -10.61
C SER A 220 -20.76 2.95 -11.09
N GLY A 221 -21.40 1.81 -11.32
CA GLY A 221 -22.80 1.80 -11.67
C GLY A 221 -23.74 2.00 -10.50
N ASN A 222 -23.22 2.00 -9.27
CA ASN A 222 -24.04 2.25 -8.11
C ASN A 222 -24.54 3.68 -8.13
N GLN A 223 -25.76 3.89 -7.66
CA GLN A 223 -26.40 5.19 -7.72
C GLN A 223 -26.88 5.71 -6.38
N GLY A 224 -26.69 4.96 -5.30
CA GLY A 224 -27.24 5.35 -4.03
C GLY A 224 -26.28 6.17 -3.19
N MET A 225 -26.84 6.85 -2.20
CA MET A 225 -26.08 7.58 -1.21
C MET A 225 -27.00 7.90 -0.04
N PRO A 226 -26.45 8.22 1.12
CA PRO A 226 -27.30 8.56 2.26
C PRO A 226 -28.13 9.80 2.00
N THR A 227 -29.30 9.86 2.61
CA THR A 227 -30.23 10.95 2.44
C THR A 227 -30.27 11.80 3.72
N ILE A 228 -30.29 13.12 3.55
CA ILE A 228 -30.42 14.04 4.67
C ILE A 228 -31.91 14.22 4.96
N GLN A 229 -32.31 13.91 6.18
CA GLN A 229 -33.70 14.04 6.58
C GLN A 229 -33.83 14.48 8.03
N GLN B 23 8.63 -126.64 -36.83
CA GLN B 23 9.32 -127.10 -38.02
C GLN B 23 9.84 -128.52 -37.84
N GLY B 24 11.16 -128.67 -37.92
CA GLY B 24 11.74 -130.01 -37.92
C GLY B 24 12.92 -130.13 -36.98
N ILE B 25 12.96 -131.26 -36.29
CA ILE B 25 14.06 -131.59 -35.39
C ILE B 25 14.27 -130.45 -34.40
N PRO B 26 13.38 -130.26 -33.43
CA PRO B 26 13.54 -129.14 -32.50
C PRO B 26 14.85 -129.23 -31.74
N VAL B 27 15.45 -128.07 -31.51
CA VAL B 27 16.74 -127.96 -30.82
C VAL B 27 16.63 -126.92 -29.72
N PHE B 28 17.27 -127.19 -28.59
CA PHE B 28 17.31 -126.29 -27.46
C PHE B 28 18.71 -125.70 -27.35
N ASP B 29 18.85 -124.45 -27.76
CA ASP B 29 20.14 -123.76 -27.66
C ASP B 29 20.32 -123.31 -26.23
N GLY B 30 20.90 -124.17 -25.40
CA GLY B 30 20.98 -123.89 -23.97
C GLY B 30 21.72 -122.61 -23.67
N THR B 31 22.66 -122.22 -24.52
CA THR B 31 23.42 -121.01 -24.25
C THR B 31 22.56 -119.76 -24.40
N ARG B 32 21.68 -119.72 -25.40
CA ARG B 32 20.91 -118.51 -25.63
C ARG B 32 19.97 -118.23 -24.47
N ALA B 33 19.57 -119.27 -23.74
CA ALA B 33 18.62 -119.07 -22.64
C ALA B 33 19.19 -118.13 -21.59
N LEU B 34 20.41 -118.38 -21.13
CA LEU B 34 21.06 -117.47 -20.20
C LEU B 34 21.25 -116.10 -20.83
N ASP B 35 21.70 -116.08 -22.08
CA ASP B 35 21.88 -114.83 -22.78
C ASP B 35 20.58 -114.07 -22.92
N PHE B 36 19.50 -114.79 -23.24
CA PHE B 36 18.22 -114.09 -23.39
C PHE B 36 17.75 -113.55 -22.05
N VAL B 37 18.00 -114.27 -20.96
CA VAL B 37 17.62 -113.75 -19.65
C VAL B 37 18.35 -112.44 -19.38
N GLN B 38 19.65 -112.41 -19.66
CA GLN B 38 20.40 -111.17 -19.45
C GLN B 38 19.87 -110.03 -20.33
N GLN B 39 19.56 -110.33 -21.59
CA GLN B 39 19.05 -109.32 -22.49
C GLN B 39 17.70 -108.79 -22.01
N PHE B 40 16.86 -109.69 -21.49
CA PHE B 40 15.57 -109.29 -20.97
C PHE B 40 15.73 -108.37 -19.76
N ALA B 41 16.71 -108.68 -18.91
CA ALA B 41 16.98 -107.80 -17.77
C ALA B 41 17.38 -106.41 -18.22
N ARG B 42 18.26 -106.35 -19.22
CA ARG B 42 18.74 -105.02 -19.70
C ARG B 42 17.59 -104.27 -20.37
N MET B 43 16.70 -104.98 -21.09
CA MET B 43 15.55 -104.29 -21.66
C MET B 43 14.63 -103.75 -20.57
N LYS B 44 14.45 -104.52 -19.49
CA LYS B 44 13.68 -104.01 -18.37
C LYS B 44 14.29 -102.73 -17.83
N GLU B 45 15.61 -102.70 -17.69
CA GLU B 45 16.24 -101.52 -17.12
C GLU B 45 16.12 -100.33 -18.07
N GLN B 46 16.23 -100.56 -19.38
CA GLN B 46 16.00 -99.49 -20.35
C GLN B 46 14.58 -98.96 -20.25
N LEU B 47 13.60 -99.85 -20.13
CA LEU B 47 12.22 -99.41 -20.00
C LEU B 47 12.02 -98.59 -18.74
N ASP B 48 12.63 -99.00 -17.64
CA ASP B 48 12.51 -98.24 -16.40
C ASP B 48 13.10 -96.86 -16.55
N THR B 49 14.27 -96.76 -17.21
CA THR B 49 14.87 -95.45 -17.43
C THR B 49 13.98 -94.57 -18.30
N ALA B 50 13.39 -95.15 -19.35
CA ALA B 50 12.51 -94.39 -20.21
C ALA B 50 11.29 -93.88 -19.43
N LYS B 51 10.73 -94.73 -18.57
CA LYS B 51 9.59 -94.29 -17.77
C LYS B 51 9.99 -93.19 -16.79
N ASP B 52 11.20 -93.27 -16.25
CA ASP B 52 11.69 -92.21 -15.38
C ASP B 52 11.80 -90.90 -16.15
N GLN B 53 12.30 -90.96 -17.39
CA GLN B 53 12.38 -89.75 -18.21
C GLN B 53 10.99 -89.19 -18.47
N LEU B 54 10.02 -90.07 -18.73
CA LEU B 54 8.66 -89.60 -18.98
C LEU B 54 8.09 -88.92 -17.75
N ALA B 55 8.31 -89.50 -16.57
CA ALA B 55 7.84 -88.88 -15.34
C ALA B 55 8.50 -87.53 -15.13
N GLU B 56 9.79 -87.43 -15.45
CA GLU B 56 10.51 -86.17 -15.30
C GLU B 56 9.92 -85.11 -16.22
N ALA B 57 9.67 -85.47 -17.48
CA ALA B 57 9.11 -84.50 -18.42
C ALA B 57 7.72 -84.06 -18.00
N GLN B 58 6.89 -85.00 -17.54
CA GLN B 58 5.57 -84.63 -17.06
C GLN B 58 5.65 -83.70 -15.87
N ARG B 59 6.57 -84.00 -14.95
CA ARG B 59 6.76 -83.15 -13.74
C ARG B 59 7.11 -81.74 -14.18
N MET B 60 8.03 -81.60 -15.13
CA MET B 60 8.46 -80.26 -15.54
C MET B 60 7.33 -79.52 -16.23
N TYR B 61 6.54 -80.23 -17.04
CA TYR B 61 5.38 -79.59 -17.65
C TYR B 61 4.39 -79.11 -16.61
N GLU B 62 4.16 -79.91 -15.57
CA GLU B 62 3.31 -79.44 -14.48
C GLU B 62 3.91 -78.24 -13.78
N ALA B 63 5.23 -78.18 -13.70
CA ALA B 63 5.90 -77.04 -13.06
C ALA B 63 5.77 -75.77 -13.89
N VAL B 64 5.63 -75.91 -15.21
CA VAL B 64 5.56 -74.74 -16.07
C VAL B 64 4.11 -74.26 -16.25
N THR B 65 3.17 -75.18 -16.42
CA THR B 65 1.79 -74.83 -16.73
C THR B 65 0.91 -74.96 -15.49
N GLY B 66 -0.29 -74.39 -15.59
CA GLY B 66 -1.27 -74.42 -14.54
C GLY B 66 -1.44 -73.05 -13.90
N GLY B 67 -2.35 -72.97 -12.94
CA GLY B 67 -2.58 -71.76 -12.19
C GLY B 67 -2.12 -71.91 -10.75
N ARG B 68 -1.45 -70.90 -10.22
CA ARG B 68 -0.83 -71.01 -8.91
C ARG B 68 -1.51 -70.16 -7.85
N GLY B 69 -2.60 -69.49 -8.23
CA GLY B 69 -3.37 -68.74 -7.22
C GLY B 69 -2.66 -67.48 -6.78
N LEU B 70 -1.43 -67.27 -7.26
CA LEU B 70 -0.76 -65.97 -6.95
C LEU B 70 -1.60 -64.90 -7.64
N GLY B 71 -1.83 -63.78 -6.98
CA GLY B 71 -2.79 -62.79 -7.53
C GLY B 71 -4.13 -63.08 -6.88
N ASP B 72 -5.04 -62.11 -6.83
CA ASP B 72 -6.31 -62.33 -6.07
C ASP B 72 -5.90 -62.57 -4.60
N LEU B 73 -4.76 -62.01 -4.19
CA LEU B 73 -4.25 -62.17 -2.80
C LEU B 73 -3.89 -60.77 -2.29
N MET B 74 -4.20 -60.46 -1.03
CA MET B 74 -3.97 -59.09 -0.49
C MET B 74 -4.74 -58.10 -1.39
N ARG B 75 -5.51 -58.63 -2.35
CA ARG B 75 -6.31 -57.78 -3.27
C ARG B 75 -7.48 -57.15 -2.52
N ASN B 76 -7.91 -57.75 -1.40
CA ASN B 76 -9.08 -57.22 -0.72
C ASN B 76 -8.78 -55.95 0.06
N ALA B 77 -7.51 -55.60 0.22
CA ALA B 77 -7.16 -54.37 0.91
C ALA B 77 -7.57 -53.18 0.08
N GLN B 78 -8.67 -52.53 0.46
CA GLN B 78 -9.24 -51.44 -0.33
C GLN B 78 -8.47 -50.16 -0.03
N LEU B 79 -7.32 -50.03 -0.68
CA LEU B 79 -6.48 -48.86 -0.51
C LEU B 79 -6.95 -47.68 -1.34
N ARG B 80 -7.89 -47.88 -2.26
CA ARG B 80 -8.47 -46.76 -2.98
C ARG B 80 -9.39 -45.92 -2.12
N GLU B 81 -9.75 -46.39 -0.94
CA GLU B 81 -10.62 -45.66 -0.04
C GLU B 81 -9.89 -44.55 0.71
N TYR B 82 -8.57 -44.46 0.56
CA TYR B 82 -7.79 -43.43 1.22
C TYR B 82 -7.59 -42.20 0.35
N LEU B 83 -8.18 -42.18 -0.84
CA LEU B 83 -8.20 -41.03 -1.72
C LEU B 83 -9.65 -40.75 -2.13
N PRO B 84 -9.98 -39.51 -2.46
CA PRO B 84 -11.38 -39.18 -2.76
C PRO B 84 -11.91 -39.99 -3.92
N ASP B 85 -13.19 -40.35 -3.83
CA ASP B 85 -13.82 -41.09 -4.91
C ASP B 85 -14.06 -40.21 -6.12
N ASP B 86 -14.66 -39.04 -5.91
CA ASP B 86 -14.87 -38.06 -6.97
C ASP B 86 -14.49 -36.69 -6.43
N LEU B 87 -13.98 -35.84 -7.31
CA LEU B 87 -13.45 -34.56 -6.88
C LEU B 87 -14.46 -33.42 -6.96
N ARG B 88 -15.66 -33.65 -7.48
CA ARG B 88 -16.67 -32.60 -7.47
C ARG B 88 -17.01 -32.19 -6.05
N THR B 89 -17.17 -33.17 -5.17
CA THR B 89 -17.68 -32.95 -3.82
C THR B 89 -16.60 -32.99 -2.77
N VAL B 90 -15.33 -32.90 -3.17
CA VAL B 90 -14.25 -32.99 -2.20
C VAL B 90 -14.25 -31.78 -1.28
N TYR B 91 -14.71 -30.63 -1.76
CA TYR B 91 -14.71 -29.43 -0.96
C TYR B 91 -16.04 -29.18 -0.27
N ASP B 92 -17.00 -30.08 -0.43
CA ASP B 92 -18.24 -30.06 0.33
C ASP B 92 -18.25 -31.10 1.43
N SER B 93 -17.10 -31.70 1.71
CA SER B 93 -17.05 -32.84 2.62
C SER B 93 -17.29 -32.43 4.07
N ALA B 94 -16.89 -31.22 4.45
CA ALA B 94 -17.00 -30.81 5.85
C ALA B 94 -18.45 -30.80 6.31
N ASN B 95 -19.35 -30.27 5.48
CA ASN B 95 -20.75 -30.15 5.88
C ASN B 95 -21.44 -31.50 5.96
N GLY B 96 -20.84 -32.53 5.38
CA GLY B 96 -21.48 -33.82 5.24
C GLY B 96 -21.56 -34.20 3.78
N GLY B 97 -21.52 -35.50 3.53
CA GLY B 97 -21.41 -35.96 2.16
C GLY B 97 -20.02 -35.69 1.63
N GLY B 98 -19.88 -35.71 0.31
CA GLY B 98 -18.58 -35.56 -0.29
C GLY B 98 -17.68 -36.73 0.06
N TYR B 99 -16.68 -36.46 0.90
CA TYR B 99 -15.72 -37.53 1.31
C TYR B 99 -15.89 -37.77 2.81
N SER B 100 -16.48 -38.90 3.20
CA SER B 100 -16.77 -39.18 4.63
C SER B 100 -15.48 -39.27 5.45
N GLY B 101 -14.43 -39.90 4.93
CA GLY B 101 -13.22 -40.09 5.75
C GLY B 101 -12.59 -38.77 6.16
N ILE B 102 -12.45 -37.83 5.23
CA ILE B 102 -11.92 -36.48 5.58
C ILE B 102 -12.94 -35.68 6.40
N SER B 103 -14.24 -35.83 6.14
CA SER B 103 -15.28 -35.01 6.84
C SER B 103 -14.94 -34.87 8.33
N GLY B 104 -14.74 -35.99 9.04
CA GLY B 104 -14.39 -35.92 10.45
C GLY B 104 -13.08 -35.20 10.70
N SER B 105 -12.07 -35.50 9.88
CA SER B 105 -10.78 -34.85 10.05
C SER B 105 -10.88 -33.34 9.85
N ILE B 106 -11.66 -32.89 8.86
CA ILE B 106 -11.84 -31.47 8.60
C ILE B 106 -12.46 -30.79 9.78
N ASN B 107 -13.51 -31.40 10.35
CA ASN B 107 -14.13 -30.77 11.50
C ASN B 107 -13.15 -30.63 12.65
N ASP B 108 -12.36 -31.69 12.90
CA ASP B 108 -11.37 -31.60 13.96
C ASP B 108 -10.33 -30.50 13.69
N ILE B 109 -9.86 -30.41 12.45
CA ILE B 109 -8.84 -29.43 12.12
C ILE B 109 -9.38 -28.01 12.27
N LEU B 110 -10.59 -27.76 11.76
CA LEU B 110 -11.19 -26.44 11.88
C LEU B 110 -11.41 -26.07 13.33
N ARG B 111 -11.81 -27.03 14.16
CA ARG B 111 -11.91 -26.78 15.58
C ARG B 111 -10.57 -26.40 16.18
N ASP B 112 -9.49 -27.07 15.77
CA ASP B 112 -8.20 -26.83 16.40
C ASP B 112 -7.49 -25.59 15.86
N GLU B 113 -7.94 -25.05 14.73
CA GLU B 113 -7.27 -23.89 14.15
C GLU B 113 -7.82 -22.56 14.65
N ARG B 114 -8.79 -22.58 15.55
CA ARG B 114 -9.36 -21.34 16.06
C ARG B 114 -8.52 -20.83 17.22
N LEU B 115 -8.14 -19.56 17.14
CA LEU B 115 -7.23 -18.98 18.11
C LEU B 115 -7.96 -18.60 19.39
N ASN B 116 -7.27 -18.75 20.51
CA ASN B 116 -7.81 -18.41 21.83
C ASN B 116 -6.75 -17.65 22.60
N GLY B 117 -7.20 -16.89 23.59
CA GLY B 117 -6.30 -16.12 24.42
C GLY B 117 -6.16 -14.69 23.95
N SER B 118 -5.23 -13.99 24.58
CA SER B 118 -4.99 -12.60 24.22
C SER B 118 -4.37 -12.51 22.83
N VAL B 119 -4.48 -11.32 22.25
CA VAL B 119 -4.00 -11.11 20.89
C VAL B 119 -2.47 -11.25 20.83
N ALA B 120 -1.78 -10.88 21.91
CA ALA B 120 -0.33 -11.06 21.96
C ALA B 120 0.05 -12.54 21.92
N ASP B 121 -0.69 -13.38 22.66
CA ASP B 121 -0.45 -14.81 22.58
C ASP B 121 -0.72 -15.34 21.18
N MET B 122 -1.74 -14.80 20.53
CA MET B 122 -2.02 -15.18 19.14
C MET B 122 -0.83 -14.85 18.25
N ARG B 123 -0.25 -13.67 18.46
CA ARG B 123 0.90 -13.26 17.65
C ARG B 123 2.08 -14.18 17.86
N ARG B 124 2.39 -14.50 19.11
CA ARG B 124 3.52 -15.37 19.39
C ARG B 124 3.29 -16.76 18.82
N SER B 125 2.07 -17.28 18.94
CA SER B 125 1.77 -18.59 18.38
C SER B 125 1.94 -18.60 16.87
N ILE B 126 1.46 -17.54 16.19
CA ILE B 126 1.54 -17.51 14.74
C ILE B 126 2.99 -17.42 14.28
N GLU B 127 3.79 -16.58 14.92
CA GLU B 127 5.20 -16.48 14.54
C GLU B 127 5.93 -17.79 14.78
N GLU B 128 5.65 -18.45 15.90
CA GLU B 128 6.26 -19.75 16.16
C GLU B 128 5.86 -20.76 15.10
N ARG B 129 4.59 -20.77 14.70
CA ARG B 129 4.17 -21.70 13.66
C ARG B 129 4.90 -21.44 12.37
N SER B 130 5.05 -20.17 11.98
CA SER B 130 5.72 -19.86 10.73
C SER B 130 7.16 -20.36 10.73
N ARG B 131 7.90 -20.00 11.77
CA ARG B 131 9.30 -20.42 11.84
C ARG B 131 9.44 -21.93 11.88
N THR B 132 8.62 -22.59 12.70
CA THR B 132 8.69 -24.03 12.82
C THR B 132 8.32 -24.71 11.51
N ALA B 133 7.37 -24.14 10.76
CA ALA B 133 6.99 -24.74 9.50
C ALA B 133 8.13 -24.69 8.50
N ALA B 134 8.80 -23.54 8.40
CA ALA B 134 9.93 -23.45 7.48
C ALA B 134 11.03 -24.44 7.87
N ALA B 135 11.35 -24.49 9.17
CA ALA B 135 12.41 -25.40 9.62
C ALA B 135 12.02 -26.85 9.39
N THR B 136 10.75 -27.20 9.62
CA THR B 136 10.29 -28.56 9.42
C THR B 136 10.39 -28.97 7.96
N ASP B 137 10.00 -28.07 7.06
CA ASP B 137 10.14 -28.34 5.63
C ASP B 137 11.59 -28.67 5.30
N LYS B 138 12.51 -27.82 5.76
CA LYS B 138 13.92 -28.04 5.44
C LYS B 138 14.40 -29.37 6.00
N ALA B 139 14.09 -29.66 7.26
CA ALA B 139 14.61 -30.87 7.90
C ALA B 139 14.06 -32.12 7.23
N VAL B 140 12.77 -32.13 6.88
CA VAL B 140 12.18 -33.26 6.19
C VAL B 140 12.89 -33.48 4.86
N GLY B 141 13.13 -32.40 4.12
CA GLY B 141 13.82 -32.54 2.84
C GLY B 141 15.20 -33.15 3.00
N LEU B 142 15.96 -32.67 3.99
CA LEU B 142 17.32 -33.15 4.18
C LEU B 142 17.35 -34.64 4.53
N ARG B 143 16.54 -35.05 5.50
CA ARG B 143 16.55 -36.44 5.89
C ARG B 143 16.06 -37.34 4.75
N ALA B 144 15.06 -36.89 4.01
CA ALA B 144 14.58 -37.66 2.89
C ALA B 144 15.67 -37.84 1.84
N TYR B 145 16.48 -36.79 1.61
CA TYR B 145 17.56 -36.92 0.65
C TYR B 145 18.60 -37.94 1.10
N GLU B 146 18.91 -37.95 2.39
CA GLU B 146 19.80 -38.99 2.90
C GLU B 146 19.24 -40.38 2.62
N GLY B 147 17.94 -40.56 2.87
CA GLY B 147 17.31 -41.83 2.57
C GLY B 147 17.38 -42.18 1.09
N ALA B 148 17.24 -41.18 0.23
CA ALA B 148 17.31 -41.43 -1.21
C ALA B 148 18.69 -41.90 -1.63
N GLN B 149 19.73 -41.31 -1.05
CA GLN B 149 21.09 -41.78 -1.35
C GLN B 149 21.30 -43.22 -0.91
N GLN B 150 20.80 -43.56 0.28
CA GLN B 150 20.91 -44.96 0.71
C GLN B 150 20.12 -45.88 -0.21
N ARG B 151 19.00 -45.37 -0.74
CA ARG B 151 18.18 -46.15 -1.70
C ARG B 151 19.01 -46.41 -2.95
N LEU B 152 19.76 -45.41 -3.44
CA LEU B 152 20.62 -45.62 -4.60
C LEU B 152 21.66 -46.69 -4.33
N ALA B 153 22.26 -46.66 -3.14
CA ALA B 153 23.22 -47.70 -2.79
C ALA B 153 22.59 -49.08 -2.84
N GLN B 154 21.35 -49.19 -2.34
CA GLN B 154 20.66 -50.48 -2.37
C GLN B 154 20.40 -50.96 -3.79
N ILE B 155 19.99 -50.04 -4.67
CA ILE B 155 19.74 -50.42 -6.06
C ILE B 155 21.03 -50.92 -6.71
N GLU B 156 22.13 -50.22 -6.45
CA GLU B 156 23.41 -50.67 -6.99
C GLU B 156 23.77 -52.04 -6.49
N GLY B 157 23.47 -52.32 -5.21
CA GLY B 157 23.72 -53.66 -4.70
C GLY B 157 22.90 -54.72 -5.41
N LEU B 158 21.63 -54.42 -5.69
CA LEU B 158 20.75 -55.40 -6.38
C LEU B 158 21.37 -55.74 -7.75
N MET B 159 21.95 -54.76 -8.44
CA MET B 159 22.56 -55.02 -9.78
C MET B 159 23.87 -55.80 -9.62
N ASP B 160 24.54 -55.71 -8.46
CA ASP B 160 25.75 -56.54 -8.23
C ASP B 160 25.29 -58.01 -8.20
N GLU B 161 24.14 -58.29 -7.57
CA GLU B 161 23.59 -59.66 -7.50
C GLU B 161 23.24 -60.13 -8.92
N ILE B 162 22.77 -59.24 -9.79
CA ILE B 162 22.31 -59.63 -11.15
C ILE B 162 23.47 -60.29 -11.92
N SER B 163 24.70 -59.80 -11.72
CA SER B 163 25.88 -60.35 -12.44
C SER B 163 26.13 -61.81 -12.05
N ARG B 164 25.94 -62.17 -10.78
CA ARG B 164 26.29 -63.54 -10.33
C ARG B 164 25.12 -64.53 -10.50
N THR B 165 23.97 -64.11 -11.03
CA THR B 165 22.81 -65.05 -11.12
C THR B 165 23.16 -66.24 -12.01
N GLN B 166 22.73 -67.45 -11.62
CA GLN B 166 23.12 -68.67 -12.38
C GLN B 166 21.91 -69.36 -13.01
N ASP B 167 20.93 -69.80 -12.21
CA ASP B 167 19.82 -70.54 -12.78
C ASP B 167 18.77 -69.56 -13.26
N GLN B 168 17.71 -70.08 -13.86
CA GLN B 168 16.63 -69.22 -14.32
C GLN B 168 15.75 -68.77 -13.16
N LYS B 169 15.50 -69.67 -12.21
CA LYS B 169 14.68 -69.32 -11.06
C LYS B 169 15.32 -68.19 -10.28
N ALA B 170 16.64 -68.20 -10.16
CA ALA B 170 17.34 -67.15 -9.43
C ALA B 170 17.13 -65.79 -10.08
N ILE B 171 17.28 -65.71 -11.39
CA ILE B 171 17.14 -64.42 -12.05
C ILE B 171 15.70 -63.97 -12.07
N GLU B 172 14.74 -64.90 -12.13
CA GLU B 172 13.35 -64.49 -12.04
C GLU B 172 13.00 -63.94 -10.66
N GLU B 173 13.51 -64.58 -9.61
CA GLU B 173 13.33 -64.01 -8.28
C GLU B 173 13.98 -62.65 -8.16
N LEU B 174 15.16 -62.47 -8.77
CA LEU B 174 15.80 -61.17 -8.70
C LEU B 174 15.01 -60.12 -9.45
N GLN B 175 14.41 -60.49 -10.58
CA GLN B 175 13.56 -59.55 -11.30
C GLN B 175 12.38 -59.12 -10.45
N ALA B 176 11.74 -60.07 -9.77
CA ALA B 176 10.60 -59.70 -8.94
C ALA B 176 11.04 -58.88 -7.73
N ARG B 177 12.23 -59.15 -7.20
CA ARG B 177 12.76 -58.31 -6.13
C ARG B 177 12.99 -56.88 -6.59
N ILE B 178 13.58 -56.71 -7.77
CA ILE B 178 13.80 -55.37 -8.29
C ILE B 178 12.47 -54.67 -8.57
N ALA B 179 11.47 -55.43 -9.02
CA ALA B 179 10.15 -54.85 -9.22
C ALA B 179 9.56 -54.35 -7.91
N GLY B 180 9.70 -55.14 -6.84
CA GLY B 180 9.26 -54.68 -5.54
C GLY B 180 10.01 -53.44 -5.09
N GLU B 181 11.30 -53.37 -5.43
CA GLU B 181 12.09 -52.20 -5.07
C GLU B 181 11.56 -50.96 -5.79
N GLN B 182 11.22 -51.11 -7.07
CA GLN B 182 10.60 -50.03 -7.81
C GLN B 182 9.28 -49.61 -7.19
N ALA B 183 8.49 -50.59 -6.73
CA ALA B 183 7.24 -50.26 -6.06
C ALA B 183 7.48 -49.45 -4.80
N ALA B 184 8.54 -49.78 -4.07
CA ALA B 184 8.88 -49.00 -2.87
C ALA B 184 9.25 -47.57 -3.24
N ILE B 185 10.02 -47.38 -4.31
CA ILE B 185 10.37 -46.01 -4.70
C ILE B 185 9.13 -45.25 -5.17
N GLN B 186 8.22 -45.94 -5.86
CA GLN B 186 6.93 -45.34 -6.19
C GLN B 186 6.20 -44.86 -4.95
N ASN B 187 6.19 -45.69 -3.91
CA ASN B 187 5.51 -45.31 -2.67
C ASN B 187 6.16 -44.07 -2.07
N GLU B 188 7.48 -44.00 -2.10
CA GLU B 188 8.15 -42.81 -1.59
C GLU B 188 7.80 -41.58 -2.41
N THR B 189 7.64 -41.74 -3.73
CA THR B 189 7.22 -40.61 -4.56
C THR B 189 5.84 -40.11 -4.14
N THR B 190 4.91 -41.04 -3.93
CA THR B 190 3.57 -40.65 -3.48
C THR B 190 3.65 -39.96 -2.13
N LYS B 191 4.48 -40.47 -1.22
CA LYS B 191 4.62 -39.86 0.10
C LYS B 191 5.16 -38.44 -0.01
N LEU B 192 6.11 -38.21 -0.90
CA LEU B 192 6.64 -36.87 -1.08
C LEU B 192 5.58 -35.92 -1.63
N GLN B 193 4.77 -36.40 -2.57
CA GLN B 193 3.67 -35.57 -3.06
C GLN B 193 2.73 -35.19 -1.92
N MET B 194 2.43 -36.15 -1.06
CA MET B 194 1.54 -35.92 0.07
C MET B 194 2.15 -34.91 1.03
N ILE B 195 3.46 -35.01 1.24
CA ILE B 195 4.17 -34.05 2.15
C ILE B 195 4.08 -32.64 1.55
N ALA B 196 4.26 -32.51 0.23
CA ALA B 196 4.18 -31.20 -0.40
C ALA B 196 2.78 -30.60 -0.25
N GLN B 197 1.74 -31.43 -0.44
CA GLN B 197 0.39 -30.93 -0.24
C GLN B 197 0.18 -30.48 1.20
N LEU B 198 0.69 -31.26 2.15
CA LEU B 198 0.54 -30.88 3.56
C LEU B 198 1.26 -29.57 3.85
N ARG B 199 2.43 -29.38 3.25
CA ARG B 199 3.17 -28.13 3.42
C ARG B 199 2.33 -26.94 2.95
N GLN B 200 1.74 -27.07 1.77
CA GLN B 200 0.89 -26.01 1.24
C GLN B 200 -0.30 -25.76 2.16
N ALA B 201 -0.93 -26.82 2.66
CA ALA B 201 -2.06 -26.66 3.55
C ALA B 201 -1.65 -25.97 4.84
N GLU B 202 -0.48 -26.28 5.36
CA GLU B 202 -0.01 -25.64 6.58
C GLU B 202 0.22 -24.15 6.37
N GLN B 203 0.80 -23.78 5.22
CA GLN B 203 0.98 -22.35 4.95
C GLN B 203 -0.36 -21.65 4.84
N ALA B 204 -1.33 -22.28 4.19
CA ALA B 204 -2.66 -21.69 4.09
C ALA B 204 -3.29 -21.52 5.47
N LEU B 205 -3.11 -22.50 6.35
CA LEU B 205 -3.68 -22.41 7.69
C LEU B 205 -3.03 -21.29 8.49
N ILE B 206 -1.71 -21.11 8.35
CA ILE B 206 -1.05 -20.01 9.04
C ILE B 206 -1.59 -18.68 8.55
N SER B 207 -1.80 -18.56 7.24
CA SER B 207 -2.39 -17.33 6.71
C SER B 207 -3.79 -17.11 7.26
N GLU B 208 -4.57 -18.18 7.39
CA GLU B 208 -5.92 -18.07 7.93
C GLU B 208 -5.88 -17.58 9.37
N GLN B 209 -4.95 -18.10 10.16
CA GLN B 209 -4.81 -17.64 11.54
C GLN B 209 -4.41 -16.17 11.60
N ARG B 210 -3.50 -15.76 10.73
CA ARG B 210 -3.13 -14.35 10.67
C ARG B 210 -4.35 -13.48 10.41
N ARG B 211 -5.17 -13.90 9.46
CA ARG B 211 -6.33 -13.09 9.10
C ARG B 211 -7.39 -13.11 10.19
N GLU B 212 -7.50 -14.22 10.91
CA GLU B 212 -8.41 -14.25 12.06
C GLU B 212 -7.96 -13.25 13.12
N ARG B 213 -6.66 -13.19 13.41
CA ARG B 213 -6.18 -12.21 14.36
C ARG B 213 -6.43 -10.80 13.88
N ASN B 214 -6.17 -10.54 12.60
CA ASN B 214 -6.40 -9.21 12.04
C ASN B 214 -7.87 -8.82 12.16
N MET B 215 -8.76 -9.77 11.84
CA MET B 215 -10.22 -9.49 11.93
C MET B 215 -10.59 -9.21 13.38
N ARG B 216 -10.01 -9.95 14.33
CA ARG B 216 -10.34 -9.75 15.73
C ARG B 216 -9.92 -8.38 16.22
N ILE B 217 -8.77 -7.88 15.76
CA ILE B 217 -8.34 -6.55 16.18
C ILE B 217 -9.24 -5.48 15.60
N LEU B 218 -9.61 -5.60 14.32
CA LEU B 218 -10.33 -4.56 13.62
C LEU B 218 -11.83 -4.77 13.59
N SER B 219 -12.36 -5.73 14.36
CA SER B 219 -13.77 -6.04 14.30
C SER B 219 -14.61 -4.84 14.69
N SER B 220 -15.69 -4.62 13.95
CA SER B 220 -16.62 -3.54 14.25
C SER B 220 -17.53 -3.85 15.43
N GLY B 221 -17.53 -5.09 15.91
CA GLY B 221 -18.29 -5.42 17.09
C GLY B 221 -17.65 -5.00 18.39
N ASN B 222 -16.40 -4.54 18.34
CA ASN B 222 -15.74 -4.05 19.53
C ASN B 222 -16.43 -2.78 20.03
N GLN B 223 -16.48 -2.62 21.34
CA GLN B 223 -17.20 -1.52 21.95
C GLN B 223 -16.36 -0.68 22.89
N GLY B 224 -15.10 -1.01 23.09
CA GLY B 224 -14.30 -0.32 24.06
C GLY B 224 -13.54 0.86 23.49
N MET B 225 -13.09 1.72 24.39
CA MET B 225 -12.22 2.84 24.04
C MET B 225 -11.60 3.36 25.33
N PRO B 226 -10.51 4.12 25.24
CA PRO B 226 -9.91 4.68 26.46
C PRO B 226 -10.86 5.62 27.18
N THR B 227 -10.71 5.71 28.48
CA THR B 227 -11.55 6.54 29.33
C THR B 227 -10.75 7.73 29.84
N ILE B 228 -11.36 8.90 29.83
CA ILE B 228 -10.75 10.10 30.38
C ILE B 228 -11.04 10.15 31.87
N GLN B 229 -9.99 10.19 32.68
CA GLN B 229 -10.14 10.23 34.13
C GLN B 229 -9.06 11.09 34.77
N GLN C 23 14.79 -128.96 -24.76
CA GLN C 23 14.13 -129.67 -25.84
C GLN C 23 14.94 -130.86 -26.31
N GLY C 24 15.36 -130.84 -27.57
CA GLY C 24 16.00 -132.00 -28.15
C GLY C 24 17.25 -131.63 -28.93
N ILE C 25 18.28 -132.46 -28.75
CA ILE C 25 19.54 -132.32 -29.48
C ILE C 25 20.08 -130.91 -29.30
N PRO C 26 20.58 -130.57 -28.12
CA PRO C 26 21.06 -129.19 -27.90
C PRO C 26 22.17 -128.84 -28.86
N VAL C 27 22.16 -127.58 -29.31
CA VAL C 27 23.14 -127.07 -30.26
C VAL C 27 23.71 -125.75 -29.74
N PHE C 28 25.00 -125.56 -29.95
CA PHE C 28 25.71 -124.35 -29.56
C PHE C 28 26.03 -123.56 -30.82
N ASP C 29 25.28 -122.49 -31.06
CA ASP C 29 25.54 -121.63 -32.21
C ASP C 29 26.70 -120.71 -31.86
N GLY C 30 27.92 -121.18 -32.13
CA GLY C 30 29.10 -120.45 -31.71
C GLY C 30 29.16 -119.03 -32.24
N THR C 31 28.57 -118.80 -33.41
CA THR C 31 28.62 -117.47 -34.00
C THR C 31 27.78 -116.48 -33.20
N ARG C 32 26.60 -116.89 -32.73
CA ARG C 32 25.73 -115.95 -32.06
C ARG C 32 26.35 -115.46 -30.75
N ALA C 33 27.23 -116.26 -30.16
CA ALA C 33 27.83 -115.87 -28.89
C ALA C 33 28.61 -114.57 -29.02
N LEU C 34 29.48 -114.48 -30.01
CA LEU C 34 30.20 -113.23 -30.25
C LEU C 34 29.23 -112.12 -30.61
N ASP C 35 28.26 -112.43 -31.47
CA ASP C 35 27.26 -111.45 -31.85
C ASP C 35 26.45 -110.98 -30.65
N PHE C 36 26.08 -111.92 -29.78
CA PHE C 36 25.30 -111.50 -28.62
C PHE C 36 26.13 -110.64 -27.68
N VAL C 37 27.42 -110.94 -27.56
CA VAL C 37 28.28 -110.08 -26.74
C VAL C 37 28.29 -108.66 -27.28
N GLN C 38 28.43 -108.53 -28.60
CA GLN C 38 28.44 -107.18 -29.18
C GLN C 38 27.10 -106.48 -28.96
N GLN C 39 25.99 -107.21 -29.13
CA GLN C 39 24.68 -106.62 -28.93
C GLN C 39 24.49 -106.18 -27.48
N PHE C 40 24.99 -106.98 -26.55
CA PHE C 40 24.89 -106.63 -25.14
C PHE C 40 25.69 -105.36 -24.85
N ALA C 41 26.86 -105.22 -25.47
CA ALA C 41 27.64 -104.01 -25.29
C ALA C 41 26.89 -102.79 -25.79
N ARG C 42 26.25 -102.92 -26.96
CA ARG C 42 25.53 -101.75 -27.53
C ARG C 42 24.30 -101.44 -26.67
N MET C 43 23.64 -102.46 -26.12
CA MET C 43 22.52 -102.17 -25.22
C MET C 43 23.01 -101.47 -23.97
N LYS C 44 24.16 -101.86 -23.44
CA LYS C 44 24.73 -101.14 -22.30
C LYS C 44 24.95 -99.69 -22.64
N GLU C 45 25.48 -99.42 -23.83
CA GLU C 45 25.76 -98.04 -24.19
C GLU C 45 24.48 -97.24 -24.37
N GLN C 46 23.44 -97.86 -24.94
CA GLN C 46 22.14 -97.20 -25.04
C GLN C 46 21.59 -96.88 -23.66
N LEU C 47 21.70 -97.82 -22.73
CA LEU C 47 21.21 -97.58 -21.37
C LEU C 47 21.96 -96.44 -20.72
N ASP C 48 23.28 -96.38 -20.90
CA ASP C 48 24.07 -95.30 -20.33
C ASP C 48 23.64 -93.96 -20.92
N THR C 49 23.39 -93.90 -22.23
CA THR C 49 22.93 -92.65 -22.83
C THR C 49 21.57 -92.24 -22.29
N ALA C 50 20.67 -93.21 -22.11
CA ALA C 50 19.36 -92.89 -21.56
C ALA C 50 19.48 -92.36 -20.14
N LYS C 51 20.35 -92.96 -19.33
CA LYS C 51 20.54 -92.47 -17.97
C LYS C 51 21.14 -91.07 -17.97
N ASP C 52 22.03 -90.79 -18.92
CA ASP C 52 22.58 -89.44 -19.04
C ASP C 52 21.48 -88.44 -19.38
N GLN C 53 20.57 -88.82 -20.28
CA GLN C 53 19.45 -87.95 -20.59
C GLN C 53 18.58 -87.70 -19.37
N LEU C 54 18.34 -88.75 -18.60
CA LEU C 54 17.53 -88.60 -17.39
C LEU C 54 18.19 -87.65 -16.40
N ALA C 55 19.51 -87.80 -16.21
CA ALA C 55 20.22 -86.89 -15.32
C ALA C 55 20.14 -85.46 -15.82
N GLU C 56 20.24 -85.28 -17.14
CA GLU C 56 20.15 -83.95 -17.72
C GLU C 56 18.79 -83.32 -17.47
N ALA C 57 17.72 -84.10 -17.68
CA ALA C 57 16.38 -83.59 -17.46
C ALA C 57 16.15 -83.25 -16.00
N GLN C 58 16.62 -84.11 -15.09
CA GLN C 58 16.49 -83.81 -13.67
C GLN C 58 17.24 -82.54 -13.30
N ARG C 59 18.44 -82.40 -13.85
CA ARG C 59 19.27 -81.19 -13.57
C ARG C 59 18.50 -79.95 -14.01
N MET C 60 17.90 -79.99 -15.21
CA MET C 60 17.22 -78.79 -15.71
C MET C 60 15.99 -78.49 -14.88
N TYR C 61 15.27 -79.53 -14.44
CA TYR C 61 14.14 -79.30 -13.55
C TYR C 61 14.57 -78.66 -12.25
N GLU C 62 15.69 -79.11 -11.68
CA GLU C 62 16.21 -78.45 -10.49
C GLU C 62 16.60 -77.02 -10.78
N ALA C 63 17.07 -76.75 -11.99
CA ALA C 63 17.45 -75.38 -12.34
C ALA C 63 16.23 -74.48 -12.48
N VAL C 64 15.08 -75.04 -12.82
CA VAL C 64 13.88 -74.23 -13.01
C VAL C 64 13.09 -74.06 -11.72
N THR C 65 12.97 -75.12 -10.92
CA THR C 65 12.13 -75.10 -9.73
C THR C 65 12.98 -74.95 -8.47
N GLY C 66 12.31 -74.63 -7.37
CA GLY C 66 12.94 -74.47 -6.08
C GLY C 66 12.97 -73.01 -5.66
N GLY C 67 13.49 -72.77 -4.46
CA GLY C 67 13.65 -71.42 -3.95
C GLY C 67 15.12 -71.05 -3.88
N ARG C 68 15.45 -69.82 -4.29
CA ARG C 68 16.84 -69.41 -4.41
C ARG C 68 17.26 -68.38 -3.37
N GLY C 69 16.33 -67.90 -2.55
CA GLY C 69 16.67 -66.99 -1.49
C GLY C 69 16.71 -65.53 -1.86
N LEU C 70 16.75 -65.21 -3.15
CA LEU C 70 16.65 -63.82 -3.57
C LEU C 70 15.25 -63.31 -3.25
N GLY C 71 15.18 -62.13 -2.66
CA GLY C 71 14.06 -61.77 -1.85
C GLY C 71 14.22 -62.23 -0.42
N ASP C 72 14.15 -61.32 0.55
CA ASP C 72 14.97 -61.37 1.76
C ASP C 72 16.41 -61.07 1.42
N LEU C 73 16.62 -60.24 0.40
CA LEU C 73 17.92 -59.75 -0.03
C LEU C 73 17.90 -58.23 0.09
N MET C 74 18.73 -57.70 0.98
CA MET C 74 18.76 -56.27 1.27
C MET C 74 17.38 -55.77 1.67
N ARG C 75 16.77 -56.46 2.63
CA ARG C 75 15.44 -56.12 3.10
C ARG C 75 15.44 -55.53 4.50
N ASN C 76 16.52 -55.68 5.26
CA ASN C 76 16.57 -55.14 6.61
C ASN C 76 16.90 -53.65 6.64
N ALA C 77 17.33 -53.09 5.52
CA ALA C 77 17.62 -51.66 5.48
C ALA C 77 16.33 -50.88 5.60
N GLN C 78 16.10 -50.30 6.78
CA GLN C 78 14.83 -49.63 7.06
C GLN C 78 14.90 -48.22 6.49
N LEU C 79 14.64 -48.13 5.19
CA LEU C 79 14.65 -46.86 4.50
C LEU C 79 13.37 -46.09 4.68
N ARG C 80 12.32 -46.70 5.24
CA ARG C 80 11.11 -45.98 5.55
C ARG C 80 11.27 -45.05 6.74
N GLU C 81 12.36 -45.18 7.48
CA GLU C 81 12.62 -44.32 8.63
C GLU C 81 13.12 -42.95 8.24
N TYR C 82 13.39 -42.71 6.97
CA TYR C 82 13.85 -41.42 6.50
C TYR C 82 12.72 -40.51 6.05
N LEU C 83 11.48 -40.97 6.18
CA LEU C 83 10.29 -40.17 5.92
C LEU C 83 9.37 -40.26 7.14
N PRO C 84 8.54 -39.25 7.37
CA PRO C 84 7.71 -39.24 8.57
C PRO C 84 6.80 -40.46 8.65
N ASP C 85 6.59 -40.95 9.86
CA ASP C 85 5.71 -42.09 10.05
C ASP C 85 4.25 -41.68 9.87
N ASP C 86 3.84 -40.61 10.54
CA ASP C 86 2.50 -40.06 10.39
C ASP C 86 2.61 -38.55 10.27
N LEU C 87 1.71 -37.95 9.51
CA LEU C 87 1.80 -36.54 9.20
C LEU C 87 1.00 -35.65 10.16
N ARG C 88 0.25 -36.22 11.09
CA ARG C 88 -0.44 -35.38 12.06
C ARG C 88 0.55 -34.59 12.90
N THR C 89 1.63 -35.25 13.32
CA THR C 89 2.57 -34.70 14.29
C THR C 89 3.87 -34.24 13.64
N VAL C 90 3.88 -34.10 12.32
CA VAL C 90 5.12 -33.70 11.64
C VAL C 90 5.50 -32.28 12.00
N TYR C 91 4.53 -31.43 12.30
CA TYR C 91 4.82 -30.04 12.62
C TYR C 91 4.90 -29.79 14.11
N ASP C 92 4.77 -30.83 14.93
CA ASP C 92 5.03 -30.75 16.36
C ASP C 92 6.36 -31.38 16.72
N SER C 93 7.19 -31.69 15.73
CA SER C 93 8.41 -32.44 15.97
C SER C 93 9.45 -31.64 16.72
N ALA C 94 9.51 -30.32 16.51
CA ALA C 94 10.55 -29.51 17.12
C ALA C 94 10.49 -29.58 18.63
N ASN C 95 9.30 -29.48 19.21
CA ASN C 95 9.15 -29.45 20.66
C ASN C 95 9.47 -30.80 21.29
N GLY C 96 9.52 -31.85 20.49
CA GLY C 96 9.64 -33.20 21.01
C GLY C 96 8.46 -34.03 20.56
N GLY C 97 8.70 -35.32 20.39
CA GLY C 97 7.70 -36.16 19.79
C GLY C 97 7.59 -35.88 18.31
N GLY C 98 6.47 -36.29 17.73
CA GLY C 98 6.32 -36.15 16.29
C GLY C 98 7.31 -36.99 15.54
N TYR C 99 8.28 -36.33 14.91
CA TYR C 99 9.33 -37.05 14.14
C TYR C 99 10.67 -36.85 14.85
N SER C 100 11.14 -37.89 15.55
CA SER C 100 12.41 -37.80 16.32
C SER C 100 13.61 -37.55 15.39
N GLY C 101 13.61 -38.15 14.20
CA GLY C 101 14.78 -38.02 13.30
C GLY C 101 15.06 -36.58 12.90
N ILE C 102 14.00 -35.81 12.58
CA ILE C 102 14.19 -34.41 12.13
C ILE C 102 14.16 -33.46 13.33
N SER C 103 13.81 -33.95 14.53
CA SER C 103 13.66 -33.02 15.69
C SER C 103 15.00 -32.34 15.97
N GLY C 104 16.10 -33.11 15.97
CA GLY C 104 17.43 -32.52 16.18
C GLY C 104 17.80 -31.57 15.05
N SER C 105 17.48 -31.96 13.81
CA SER C 105 17.81 -31.11 12.63
C SER C 105 17.05 -29.78 12.72
N ILE C 106 15.78 -29.82 13.12
CA ILE C 106 14.96 -28.57 13.18
C ILE C 106 15.59 -27.62 14.20
N ASN C 107 15.83 -28.11 15.42
CA ASN C 107 16.43 -27.24 16.44
C ASN C 107 17.71 -26.61 15.93
N ASP C 108 18.54 -27.39 15.24
CA ASP C 108 19.78 -26.83 14.68
C ASP C 108 19.49 -25.73 13.66
N ILE C 109 18.51 -25.96 12.79
CA ILE C 109 18.20 -25.00 11.74
C ILE C 109 17.67 -23.71 12.34
N LEU C 110 16.75 -23.82 13.30
CA LEU C 110 16.19 -22.63 13.94
C LEU C 110 17.26 -21.85 14.67
N ARG C 111 18.21 -22.56 15.30
CA ARG C 111 19.34 -21.88 15.91
C ARG C 111 20.16 -21.13 14.87
N ASP C 112 20.37 -21.73 13.70
CA ASP C 112 21.26 -21.12 12.72
C ASP C 112 20.59 -20.02 11.91
N GLU C 113 19.25 -19.94 11.94
CA GLU C 113 18.55 -18.94 11.14
C GLU C 113 18.35 -17.62 11.87
N ARG C 114 18.84 -17.49 13.10
CA ARG C 114 18.67 -16.26 13.86
C ARG C 114 19.78 -15.29 13.50
N LEU C 115 19.40 -14.07 13.15
CA LEU C 115 20.34 -13.08 12.65
C LEU C 115 21.08 -12.43 13.80
N ASN C 116 22.35 -12.10 13.55
CA ASN C 116 23.21 -11.45 14.52
C ASN C 116 23.96 -10.32 13.83
N GLY C 117 24.42 -9.37 14.61
CA GLY C 117 25.17 -8.25 14.10
C GLY C 117 24.30 -7.05 13.85
N SER C 118 24.91 -6.05 13.22
CA SER C 118 24.19 -4.82 12.91
C SER C 118 23.13 -5.09 11.85
N VAL C 119 22.16 -4.19 11.78
CA VAL C 119 21.06 -4.34 10.84
C VAL C 119 21.55 -4.26 9.40
N ALA C 120 22.59 -3.46 9.14
CA ALA C 120 23.16 -3.40 7.80
C ALA C 120 23.75 -4.74 7.39
N ASP C 121 24.46 -5.40 8.31
CA ASP C 121 24.97 -6.74 8.02
C ASP C 121 23.84 -7.71 7.76
N MET C 122 22.74 -7.57 8.49
CA MET C 122 21.58 -8.40 8.27
C MET C 122 21.05 -8.20 6.85
N ARG C 123 21.02 -6.95 6.41
CA ARG C 123 20.52 -6.65 5.07
C ARG C 123 21.41 -7.27 4.00
N ARG C 124 22.73 -7.11 4.15
CA ARG C 124 23.63 -7.68 3.16
C ARG C 124 23.54 -9.19 3.13
N SER C 125 23.45 -9.83 4.30
CA SER C 125 23.32 -11.28 4.35
C SER C 125 22.04 -11.73 3.66
N ILE C 126 20.93 -11.03 3.90
CA ILE C 126 19.65 -11.45 3.31
C ILE C 126 19.69 -11.30 1.79
N GLU C 127 20.22 -10.19 1.30
CA GLU C 127 20.30 -10.00 -0.15
C GLU C 127 21.20 -11.05 -0.79
N GLU C 128 22.33 -11.35 -0.16
CA GLU C 128 23.20 -12.39 -0.67
C GLU C 128 22.49 -13.73 -0.70
N ARG C 129 21.74 -14.06 0.35
CA ARG C 129 21.02 -15.33 0.35
C ARG C 129 20.02 -15.39 -0.78
N SER C 130 19.29 -14.30 -1.02
CA SER C 130 18.28 -14.32 -2.08
C SER C 130 18.92 -14.55 -3.44
N ARG C 131 19.96 -13.78 -3.76
CA ARG C 131 20.61 -13.93 -5.05
C ARG C 131 21.22 -15.32 -5.22
N THR C 132 21.91 -15.79 -4.17
CA THR C 132 22.54 -17.10 -4.25
C THR C 132 21.51 -18.20 -4.38
N ALA C 133 20.36 -18.05 -3.74
CA ALA C 133 19.32 -19.07 -3.84
C ALA C 133 18.79 -19.17 -5.27
N ALA C 134 18.53 -18.02 -5.89
CA ALA C 134 18.05 -18.07 -7.27
C ALA C 134 19.08 -18.71 -8.19
N ALA C 135 20.35 -18.30 -8.04
CA ALA C 135 21.39 -18.85 -8.89
C ALA C 135 21.59 -20.34 -8.65
N THR C 136 21.49 -20.77 -7.40
CA THR C 136 21.65 -22.19 -7.08
C THR C 136 20.54 -23.02 -7.70
N ASP C 137 19.32 -22.52 -7.62
CA ASP C 137 18.19 -23.19 -8.27
C ASP C 137 18.48 -23.39 -9.75
N LYS C 138 18.88 -22.32 -10.43
CA LYS C 138 19.13 -22.41 -11.85
C LYS C 138 20.25 -23.41 -12.16
N ALA C 139 21.36 -23.32 -11.43
CA ALA C 139 22.50 -24.19 -11.71
C ALA C 139 22.18 -25.65 -11.49
N VAL C 140 21.46 -25.95 -10.41
CA VAL C 140 21.06 -27.33 -10.14
C VAL C 140 20.19 -27.85 -11.27
N GLY C 141 19.24 -27.04 -11.71
CA GLY C 141 18.39 -27.47 -12.82
C GLY C 141 19.19 -27.78 -14.07
N LEU C 142 20.13 -26.91 -14.41
CA LEU C 142 20.90 -27.09 -15.64
C LEU C 142 21.74 -28.37 -15.59
N ARG C 143 22.48 -28.56 -14.50
CA ARG C 143 23.31 -29.76 -14.41
C ARG C 143 22.47 -31.02 -14.39
N ALA C 144 21.33 -30.97 -13.69
CA ALA C 144 20.46 -32.14 -13.67
C ALA C 144 19.94 -32.47 -15.06
N TYR C 145 19.65 -31.45 -15.87
CA TYR C 145 19.19 -31.71 -17.23
C TYR C 145 20.28 -32.36 -18.07
N GLU C 146 21.52 -31.92 -17.90
CA GLU C 146 22.62 -32.60 -18.59
C GLU C 146 22.68 -34.07 -18.20
N GLY C 147 22.55 -34.35 -16.90
CA GLY C 147 22.52 -35.73 -16.46
C GLY C 147 21.37 -36.52 -17.06
N ALA C 148 20.21 -35.89 -17.20
CA ALA C 148 19.05 -36.56 -17.78
C ALA C 148 19.29 -36.93 -19.23
N GLN C 149 19.93 -36.02 -19.98
CA GLN C 149 20.21 -36.28 -21.42
C GLN C 149 21.19 -37.45 -21.54
N GLN C 150 22.21 -37.48 -20.66
CA GLN C 150 23.17 -38.62 -20.65
C GLN C 150 22.41 -39.90 -20.24
N ARG C 151 21.46 -39.77 -19.31
CA ARG C 151 20.64 -40.93 -18.87
C ARG C 151 19.86 -41.47 -20.07
N LEU C 152 19.32 -40.58 -20.91
CA LEU C 152 18.61 -41.02 -22.14
C LEU C 152 19.57 -41.85 -23.00
N ALA C 153 20.78 -41.32 -23.24
CA ALA C 153 21.75 -42.05 -24.06
C ALA C 153 21.99 -43.45 -23.51
N GLN C 154 22.07 -43.58 -22.19
CA GLN C 154 22.28 -44.89 -21.58
C GLN C 154 21.10 -45.83 -21.86
N ILE C 155 19.88 -45.32 -21.75
CA ILE C 155 18.71 -46.16 -22.03
C ILE C 155 18.73 -46.64 -23.47
N GLU C 156 19.07 -45.74 -24.40
CA GLU C 156 19.15 -46.13 -25.80
C GLU C 156 20.20 -47.21 -25.99
N GLY C 157 21.32 -47.11 -25.29
CA GLY C 157 22.32 -48.15 -25.37
C GLY C 157 21.81 -49.49 -24.88
N LEU C 158 21.06 -49.50 -23.79
CA LEU C 158 20.51 -50.76 -23.27
C LEU C 158 19.54 -51.38 -24.28
N MET C 159 18.77 -50.54 -24.98
CA MET C 159 17.87 -51.09 -26.03
C MET C 159 18.70 -51.58 -27.22
N ASP C 160 19.88 -51.00 -27.46
CA ASP C 160 20.76 -51.51 -28.55
C ASP C 160 21.25 -52.92 -28.15
N GLU C 161 21.52 -53.13 -26.86
CA GLU C 161 21.96 -54.47 -26.36
C GLU C 161 20.84 -55.49 -26.59
N ILE C 162 19.58 -55.06 -26.47
CA ILE C 162 18.43 -56.01 -26.60
C ILE C 162 18.44 -56.65 -28.00
N SER C 163 18.83 -55.89 -29.03
CA SER C 163 18.81 -56.40 -30.42
C SER C 163 19.75 -57.60 -30.59
N ARG C 164 20.80 -57.71 -29.76
CA ARG C 164 21.80 -58.79 -29.95
C ARG C 164 21.63 -59.97 -28.97
N THR C 165 20.62 -59.94 -28.10
CA THR C 165 20.45 -61.03 -27.09
C THR C 165 20.19 -62.37 -27.79
N GLN C 166 20.79 -63.46 -27.29
CA GLN C 166 20.66 -64.77 -27.98
C GLN C 166 19.95 -65.80 -27.09
N ASP C 167 20.47 -66.08 -25.89
CA ASP C 167 19.88 -67.12 -25.08
C ASP C 167 18.78 -66.50 -24.23
N GLN C 168 18.09 -67.35 -23.47
CA GLN C 168 17.04 -66.85 -22.59
C GLN C 168 17.62 -66.20 -21.34
N LYS C 169 18.69 -66.78 -20.80
CA LYS C 169 19.33 -66.20 -19.63
C LYS C 169 19.82 -64.79 -19.92
N ALA C 170 20.35 -64.57 -21.11
CA ALA C 170 20.85 -63.25 -21.47
C ALA C 170 19.74 -62.21 -21.47
N ILE C 171 18.59 -62.54 -22.07
CA ILE C 171 17.52 -61.55 -22.13
C ILE C 171 16.88 -61.35 -20.76
N GLU C 172 16.85 -62.39 -19.92
CA GLU C 172 16.33 -62.19 -18.58
C GLU C 172 17.24 -61.29 -17.75
N GLU C 173 18.56 -61.47 -17.89
CA GLU C 173 19.48 -60.55 -17.23
C GLU C 173 19.32 -59.14 -17.76
N LEU C 174 19.09 -58.98 -19.05
CA LEU C 174 18.90 -57.65 -19.60
C LEU C 174 17.61 -57.02 -19.09
N GLN C 175 16.56 -57.82 -18.94
CA GLN C 175 15.33 -57.29 -18.37
C GLN C 175 15.54 -56.80 -16.95
N ALA C 176 16.27 -57.56 -16.15
CA ALA C 176 16.50 -57.13 -14.78
C ALA C 176 17.42 -55.91 -14.73
N ARG C 177 18.37 -55.82 -15.66
CA ARG C 177 19.19 -54.61 -15.76
C ARG C 177 18.36 -53.39 -16.10
N ILE C 178 17.44 -53.51 -17.05
CA ILE C 178 16.59 -52.39 -17.41
C ILE C 178 15.67 -52.03 -16.25
N ALA C 179 15.22 -53.03 -15.49
CA ALA C 179 14.41 -52.75 -14.30
C ALA C 179 15.21 -51.96 -13.27
N GLY C 180 16.46 -52.33 -13.06
CA GLY C 180 17.31 -51.54 -12.18
C GLY C 180 17.51 -50.13 -12.68
N GLU C 181 17.60 -49.98 -13.99
CA GLU C 181 17.76 -48.66 -14.58
C GLU C 181 16.53 -47.80 -14.30
N GLN C 182 15.35 -48.40 -14.44
CA GLN C 182 14.10 -47.72 -14.08
C GLN C 182 14.10 -47.33 -12.62
N ALA C 183 14.58 -48.22 -11.75
CA ALA C 183 14.65 -47.88 -10.33
C ALA C 183 15.56 -46.68 -10.10
N ALA C 184 16.66 -46.59 -10.83
CA ALA C 184 17.54 -45.44 -10.71
C ALA C 184 16.83 -44.16 -11.14
N ILE C 185 16.08 -44.21 -12.23
CA ILE C 185 15.37 -43.00 -12.65
C ILE C 185 14.29 -42.62 -11.64
N GLN C 186 13.63 -43.62 -11.04
CA GLN C 186 12.72 -43.37 -9.94
C GLN C 186 13.41 -42.63 -8.80
N ASN C 187 14.61 -43.08 -8.45
CA ASN C 187 15.35 -42.43 -7.38
C ASN C 187 15.66 -40.99 -7.73
N GLU C 188 16.03 -40.72 -8.98
CA GLU C 188 16.27 -39.34 -9.38
C GLU C 188 15.00 -38.50 -9.31
N THR C 189 13.85 -39.10 -9.63
CA THR C 189 12.59 -38.37 -9.49
C THR C 189 12.34 -37.98 -8.04
N THR C 190 12.55 -38.92 -7.13
CA THR C 190 12.39 -38.60 -5.71
C THR C 190 13.36 -37.52 -5.27
N LYS C 191 14.59 -37.59 -5.75
CA LYS C 191 15.59 -36.57 -5.40
C LYS C 191 15.17 -35.20 -5.90
N LEU C 192 14.61 -35.12 -7.10
CA LEU C 192 14.16 -33.84 -7.63
C LEU C 192 13.00 -33.29 -6.80
N GLN C 193 12.08 -34.16 -6.37
CA GLN C 193 11.01 -33.71 -5.49
C GLN C 193 11.58 -33.12 -4.21
N MET C 194 12.57 -33.80 -3.64
CA MET C 194 13.19 -33.35 -2.40
C MET C 194 13.88 -32.01 -2.61
N ILE C 195 14.52 -31.85 -3.77
CA ILE C 195 15.21 -30.56 -4.08
C ILE C 195 14.16 -29.45 -4.16
N ALA C 196 13.01 -29.72 -4.80
CA ALA C 196 11.98 -28.69 -4.90
C ALA C 196 11.46 -28.29 -3.52
N GLN C 197 11.24 -29.28 -2.65
CA GLN C 197 10.81 -28.96 -1.29
C GLN C 197 11.86 -28.12 -0.58
N LEU C 198 13.12 -28.46 -0.74
CA LEU C 198 14.18 -27.68 -0.10
C LEU C 198 14.21 -26.26 -0.63
N ARG C 199 13.98 -26.08 -1.93
CA ARG C 199 13.94 -24.75 -2.52
C ARG C 199 12.84 -23.92 -1.87
N GLN C 200 11.66 -24.51 -1.73
CA GLN C 200 10.55 -23.81 -1.09
C GLN C 200 10.90 -23.45 0.35
N ALA C 201 11.49 -24.39 1.08
CA ALA C 201 11.86 -24.13 2.46
C ALA C 201 12.88 -23.00 2.56
N GLU C 202 13.83 -22.95 1.63
CA GLU C 202 14.83 -21.89 1.63
C GLU C 202 14.19 -20.53 1.39
N GLN C 203 13.24 -20.46 0.46
CA GLN C 203 12.56 -19.19 0.24
C GLN C 203 11.78 -18.77 1.48
N ALA C 204 11.12 -19.72 2.13
CA ALA C 204 10.41 -19.40 3.37
C ALA C 204 11.36 -18.89 4.44
N LEU C 205 12.54 -19.50 4.55
CA LEU C 205 13.49 -19.07 5.56
C LEU C 205 14.02 -17.66 5.27
N ILE C 206 14.25 -17.35 4.00
CA ILE C 206 14.69 -16.01 3.65
C ILE C 206 13.61 -14.99 4.02
N SER C 207 12.35 -15.32 3.76
CA SER C 207 11.26 -14.43 4.16
C SER C 207 11.23 -14.26 5.68
N GLU C 208 11.46 -15.35 6.42
CA GLU C 208 11.47 -15.26 7.87
C GLU C 208 12.58 -14.34 8.36
N GLN C 209 13.75 -14.43 7.74
CA GLN C 209 14.85 -13.54 8.13
C GLN C 209 14.52 -12.09 7.81
N ARG C 210 13.89 -11.85 6.67
CA ARG C 210 13.48 -10.49 6.35
C ARG C 210 12.55 -9.95 7.42
N ARG C 211 11.59 -10.77 7.85
CA ARG C 211 10.62 -10.29 8.82
C ARG C 211 11.25 -10.12 10.19
N GLU C 212 12.24 -10.95 10.52
CA GLU C 212 12.97 -10.75 11.76
C GLU C 212 13.70 -9.41 11.75
N ARG C 213 14.35 -9.07 10.64
CA ARG C 213 15.00 -7.77 10.55
C ARG C 213 13.99 -6.64 10.67
N ASN C 214 12.86 -6.76 9.98
CA ASN C 214 11.83 -5.74 10.03
C ASN C 214 11.33 -5.55 11.46
N MET C 215 11.10 -6.67 12.15
CA MET C 215 10.60 -6.60 13.56
C MET C 215 11.67 -5.93 14.43
N ARG C 216 12.94 -6.24 14.20
CA ARG C 216 14.00 -5.66 15.01
C ARG C 216 14.10 -4.16 14.83
N ILE C 217 13.88 -3.67 13.60
CA ILE C 217 13.93 -2.22 13.39
C ILE C 217 12.74 -1.54 14.06
N LEU C 218 11.55 -2.11 13.95
CA LEU C 218 10.33 -1.47 14.40
C LEU C 218 9.89 -1.91 15.80
N SER C 219 10.73 -2.64 16.52
CA SER C 219 10.34 -3.16 17.82
C SER C 219 10.00 -2.04 18.78
N SER C 220 8.92 -2.22 19.54
CA SER C 220 8.52 -1.25 20.54
C SER C 220 9.37 -1.31 21.80
N GLY C 221 10.23 -2.31 21.93
CA GLY C 221 11.14 -2.36 23.05
C GLY C 221 12.34 -1.46 22.91
N ASN C 222 12.53 -0.86 21.75
CA ASN C 222 13.62 0.08 21.56
C ASN C 222 13.39 1.31 22.42
N GLN C 223 14.49 1.88 22.93
CA GLN C 223 14.40 3.00 23.86
C GLN C 223 15.20 4.21 23.43
N GLY C 224 15.89 4.15 22.30
CA GLY C 224 16.76 5.22 21.92
C GLY C 224 16.09 6.26 21.04
N MET C 225 16.72 7.42 20.96
CA MET C 225 16.31 8.49 20.06
C MET C 225 17.45 9.49 19.95
N PRO C 226 17.46 10.33 18.93
CA PRO C 226 18.53 11.32 18.82
C PRO C 226 18.51 12.30 19.98
N THR C 227 19.69 12.82 20.31
CA THR C 227 19.87 13.74 21.41
C THR C 227 20.16 15.13 20.88
N ILE C 228 19.54 16.14 21.49
CA ILE C 228 19.81 17.53 21.13
C ILE C 228 21.01 18.00 21.94
N GLN C 229 22.04 18.46 21.24
CA GLN C 229 23.26 18.93 21.90
C GLN C 229 23.86 20.10 21.14
N GLN D 23 28.37 -126.37 -26.29
CA GLN D 23 27.45 -127.48 -26.07
C GLN D 23 27.72 -128.62 -27.04
N GLY D 24 26.74 -128.94 -27.88
CA GLY D 24 26.85 -130.11 -28.72
C GLY D 24 26.45 -129.83 -30.15
N ILE D 25 27.22 -130.40 -31.06
CA ILE D 25 26.95 -130.31 -32.50
C ILE D 25 26.79 -128.85 -32.90
N PRO D 26 27.87 -128.08 -32.94
CA PRO D 26 27.74 -126.66 -33.26
C PRO D 26 27.14 -126.45 -34.64
N VAL D 27 26.29 -125.42 -34.75
CA VAL D 27 25.60 -125.10 -35.99
C VAL D 27 25.78 -123.62 -36.30
N PHE D 28 25.95 -123.31 -37.57
CA PHE D 28 26.09 -121.95 -38.06
C PHE D 28 24.82 -121.56 -38.79
N ASP D 29 23.98 -120.75 -38.15
CA ASP D 29 22.76 -120.27 -38.77
C ASP D 29 23.12 -119.13 -39.71
N GLY D 30 23.44 -119.47 -40.96
CA GLY D 30 23.95 -118.47 -41.88
C GLY D 30 23.00 -117.31 -42.09
N THR D 31 21.70 -117.55 -41.96
CA THR D 31 20.74 -116.49 -42.17
C THR D 31 20.81 -115.44 -41.08
N ARG D 32 20.98 -115.84 -39.82
CA ARG D 32 20.96 -114.88 -38.74
C ARG D 32 22.14 -113.91 -38.84
N ALA D 33 23.23 -114.33 -39.48
CA ALA D 33 24.40 -113.48 -39.57
C ALA D 33 24.08 -112.18 -40.30
N LEU D 34 23.46 -112.28 -41.47
CA LEU D 34 23.05 -111.08 -42.19
C LEU D 34 22.02 -110.30 -41.39
N ASP D 35 21.07 -111.02 -40.79
CA ASP D 35 20.06 -110.38 -39.97
C ASP D 35 20.68 -109.68 -38.78
N PHE D 36 21.65 -110.32 -38.13
CA PHE D 36 22.27 -109.68 -36.98
C PHE D 36 23.07 -108.46 -37.40
N VAL D 37 23.70 -108.50 -38.58
CA VAL D 37 24.41 -107.31 -39.04
C VAL D 37 23.44 -106.15 -39.22
N GLN D 38 22.27 -106.42 -39.82
CA GLN D 38 21.29 -105.35 -39.99
C GLN D 38 20.80 -104.83 -38.64
N GLN D 39 20.55 -105.73 -37.70
CA GLN D 39 20.08 -105.31 -36.38
C GLN D 39 21.13 -104.47 -35.68
N PHE D 40 22.40 -104.84 -35.82
CA PHE D 40 23.48 -104.08 -35.23
C PHE D 40 23.55 -102.68 -35.82
N ALA D 41 23.35 -102.57 -37.13
CA ALA D 41 23.34 -101.26 -37.77
C ALA D 41 22.22 -100.39 -37.20
N ARG D 42 21.03 -100.97 -37.04
CA ARG D 42 19.88 -100.18 -36.54
C ARG D 42 20.13 -99.79 -35.08
N MET D 43 20.76 -100.68 -34.28
CA MET D 43 21.07 -100.29 -32.92
C MET D 43 22.09 -99.16 -32.89
N LYS D 44 23.07 -99.18 -33.80
CA LYS D 44 24.00 -98.06 -33.90
C LYS D 44 23.25 -96.78 -34.18
N GLU D 45 22.30 -96.83 -35.10
CA GLU D 45 21.59 -95.60 -35.45
C GLU D 45 20.72 -95.10 -34.30
N GLN D 46 20.10 -96.03 -33.55
CA GLN D 46 19.37 -95.63 -32.36
C GLN D 46 20.28 -94.98 -31.33
N LEU D 47 21.48 -95.54 -31.13
CA LEU D 47 22.41 -94.96 -30.18
C LEU D 47 22.84 -93.57 -30.61
N ASP D 48 23.07 -93.38 -31.91
CA ASP D 48 23.45 -92.07 -32.41
C ASP D 48 22.33 -91.06 -32.18
N THR D 49 21.08 -91.46 -32.42
CA THR D 49 19.97 -90.56 -32.17
C THR D 49 19.86 -90.21 -30.70
N ALA D 50 20.06 -91.19 -29.82
CA ALA D 50 20.00 -90.91 -28.39
C ALA D 50 21.09 -89.95 -27.98
N LYS D 51 22.30 -90.12 -28.52
CA LYS D 51 23.38 -89.20 -28.19
C LYS D 51 23.09 -87.81 -28.72
N ASP D 52 22.45 -87.70 -29.89
CA ASP D 52 22.05 -86.40 -30.39
C ASP D 52 21.05 -85.74 -29.47
N GLN D 53 20.08 -86.51 -28.95
CA GLN D 53 19.14 -85.96 -28.00
C GLN D 53 19.84 -85.48 -26.74
N LEU D 54 20.81 -86.25 -26.26
CA LEU D 54 21.55 -85.85 -25.08
C LEU D 54 22.30 -84.54 -25.31
N ALA D 55 22.95 -84.42 -26.47
CA ALA D 55 23.65 -83.18 -26.79
C ALA D 55 22.68 -82.01 -26.86
N GLU D 56 21.50 -82.25 -27.42
CA GLU D 56 20.49 -81.20 -27.50
C GLU D 56 20.05 -80.75 -26.12
N ALA D 57 19.78 -81.69 -25.22
CA ALA D 57 19.35 -81.35 -23.88
C ALA D 57 20.45 -80.60 -23.13
N GLN D 58 21.69 -81.04 -23.27
CA GLN D 58 22.80 -80.33 -22.63
C GLN D 58 22.92 -78.91 -23.16
N ARG D 59 22.78 -78.77 -24.49
CA ARG D 59 22.87 -77.42 -25.12
C ARG D 59 21.79 -76.52 -24.52
N MET D 60 20.56 -77.03 -24.40
CA MET D 60 19.49 -76.17 -23.91
C MET D 60 19.71 -75.82 -22.44
N TYR D 61 20.23 -76.75 -21.66
CA TYR D 61 20.55 -76.43 -20.27
C TYR D 61 21.61 -75.35 -20.18
N GLU D 62 22.63 -75.42 -21.05
CA GLU D 62 23.61 -74.35 -21.08
C GLU D 62 22.99 -73.04 -21.51
N ALA D 63 21.98 -73.10 -22.38
CA ALA D 63 21.32 -71.88 -22.81
C ALA D 63 20.48 -71.26 -21.71
N VAL D 64 20.00 -72.06 -20.77
CA VAL D 64 19.16 -71.55 -19.69
C VAL D 64 19.97 -71.09 -18.50
N THR D 65 21.01 -71.85 -18.12
CA THR D 65 21.78 -71.58 -16.91
C THR D 65 23.10 -70.91 -17.25
N GLY D 66 23.74 -70.36 -16.23
CA GLY D 66 25.02 -69.70 -16.34
C GLY D 66 24.88 -68.21 -16.18
N GLY D 67 26.02 -67.52 -16.22
CA GLY D 67 26.05 -66.07 -16.17
C GLY D 67 26.47 -65.47 -17.49
N ARG D 68 25.78 -64.41 -17.91
CA ARG D 68 25.98 -63.85 -19.24
C ARG D 68 26.67 -62.50 -19.22
N GLY D 69 26.91 -61.91 -18.05
CA GLY D 69 27.64 -60.68 -17.96
C GLY D 69 26.81 -59.43 -18.10
N LEU D 70 25.57 -59.53 -18.59
CA LEU D 70 24.70 -58.38 -18.60
C LEU D 70 24.33 -58.02 -17.17
N GLY D 71 24.42 -56.73 -16.86
CA GLY D 71 24.65 -56.30 -15.51
C GLY D 71 26.11 -56.26 -15.17
N ASP D 72 26.62 -55.11 -14.72
CA ASP D 72 27.96 -54.64 -15.05
C ASP D 72 28.03 -54.24 -16.52
N LEU D 73 26.90 -53.77 -17.05
CA LEU D 73 26.79 -53.25 -18.41
C LEU D 73 26.34 -51.80 -18.31
N MET D 74 27.22 -50.89 -18.74
CA MET D 74 26.97 -49.45 -18.62
C MET D 74 26.70 -49.07 -17.18
N ARG D 75 27.59 -49.50 -16.29
CA ARG D 75 27.46 -49.24 -14.87
C ARG D 75 28.47 -48.23 -14.34
N ASN D 76 29.54 -47.97 -15.10
CA ASN D 76 30.55 -47.02 -14.63
C ASN D 76 30.17 -45.57 -14.90
N ALA D 77 29.12 -45.34 -15.69
CA ALA D 77 28.69 -43.98 -15.93
C ALA D 77 28.10 -43.40 -14.67
N GLN D 78 28.85 -42.51 -14.01
CA GLN D 78 28.45 -41.98 -12.70
C GLN D 78 27.48 -40.84 -12.93
N LEU D 79 26.22 -41.22 -13.16
CA LEU D 79 25.17 -40.23 -13.38
C LEU D 79 24.63 -39.65 -12.09
N ARG D 80 25.00 -40.21 -10.94
CA ARG D 80 24.62 -39.61 -9.67
C ARG D 80 25.39 -38.34 -9.37
N GLU D 81 26.44 -38.05 -10.12
CA GLU D 81 27.24 -36.85 -9.93
C GLU D 81 26.58 -35.62 -10.49
N TYR D 82 25.46 -35.76 -11.19
CA TYR D 82 24.75 -34.63 -11.76
C TYR D 82 23.66 -34.10 -10.84
N LEU D 83 23.54 -34.66 -9.64
CA LEU D 83 22.65 -34.19 -8.61
C LEU D 83 23.44 -34.02 -7.32
N PRO D 84 23.02 -33.12 -6.43
CA PRO D 84 23.80 -32.86 -5.22
C PRO D 84 23.99 -34.10 -4.38
N ASP D 85 25.17 -34.22 -3.77
CA ASP D 85 25.44 -35.36 -2.91
C ASP D 85 24.67 -35.24 -1.61
N ASP D 86 24.75 -34.09 -0.94
CA ASP D 86 23.99 -33.82 0.26
C ASP D 86 23.38 -32.43 0.16
N LEU D 87 22.20 -32.26 0.75
CA LEU D 87 21.48 -31.02 0.58
C LEU D 87 21.74 -30.00 1.70
N ARG D 88 22.51 -30.35 2.73
CA ARG D 88 22.85 -29.35 3.74
C ARG D 88 23.63 -28.20 3.13
N THR D 89 24.59 -28.52 2.26
CA THR D 89 25.54 -27.56 1.75
C THR D 89 25.23 -27.14 0.32
N VAL D 90 24.02 -27.42 -0.17
CA VAL D 90 23.71 -27.08 -1.55
C VAL D 90 23.64 -25.58 -1.74
N TYR D 91 23.29 -24.84 -0.70
CA TYR D 91 23.17 -23.39 -0.81
C TYR D 91 24.43 -22.66 -0.36
N ASP D 92 25.46 -23.40 0.03
CA ASP D 92 26.77 -22.82 0.30
C ASP D 92 27.76 -23.10 -0.83
N SER D 93 27.25 -23.58 -1.97
CA SER D 93 28.13 -24.03 -3.04
C SER D 93 28.85 -22.88 -3.73
N ALA D 94 28.22 -21.71 -3.81
CA ALA D 94 28.81 -20.59 -4.54
C ALA D 94 30.16 -20.18 -3.95
N ASN D 95 30.23 -20.09 -2.62
CA ASN D 95 31.43 -19.63 -1.97
C ASN D 95 32.57 -20.64 -2.08
N GLY D 96 32.26 -21.87 -2.44
CA GLY D 96 33.23 -22.94 -2.40
C GLY D 96 32.74 -24.04 -1.49
N GLY D 97 33.12 -25.27 -1.81
CA GLY D 97 32.56 -26.41 -1.11
C GLY D 97 31.12 -26.62 -1.54
N GLY D 98 30.40 -27.37 -0.71
CA GLY D 98 29.04 -27.71 -1.07
C GLY D 98 29.00 -28.59 -2.30
N TYR D 99 28.55 -28.02 -3.40
CA TYR D 99 28.49 -28.72 -4.68
C TYR D 99 29.32 -27.93 -5.69
N SER D 100 30.27 -28.61 -6.34
CA SER D 100 31.22 -27.90 -7.24
C SER D 100 30.74 -27.84 -8.69
N GLY D 101 29.95 -28.82 -9.13
CA GLY D 101 29.44 -28.70 -10.52
C GLY D 101 28.59 -27.45 -10.63
N ILE D 102 27.70 -27.22 -9.66
CA ILE D 102 26.91 -25.95 -9.64
C ILE D 102 27.81 -24.75 -9.28
N SER D 103 28.78 -24.92 -8.38
CA SER D 103 29.60 -23.76 -7.91
C SER D 103 30.03 -22.88 -9.09
N GLY D 104 30.78 -23.42 -10.05
CA GLY D 104 31.18 -22.65 -11.21
C GLY D 104 29.98 -22.06 -11.95
N SER D 105 28.93 -22.86 -12.13
CA SER D 105 27.74 -22.36 -12.82
C SER D 105 27.10 -21.20 -12.06
N ILE D 106 27.04 -21.28 -10.73
CA ILE D 106 26.44 -20.23 -9.92
C ILE D 106 27.22 -18.94 -10.09
N ASN D 107 28.54 -19.03 -10.05
CA ASN D 107 29.32 -17.81 -10.21
C ASN D 107 29.07 -17.19 -11.58
N ASP D 108 29.02 -18.01 -12.62
CA ASP D 108 28.75 -17.47 -13.95
C ASP D 108 27.37 -16.82 -14.02
N ILE D 109 26.36 -17.47 -13.43
CA ILE D 109 24.99 -16.94 -13.48
C ILE D 109 24.90 -15.61 -12.73
N LEU D 110 25.48 -15.56 -11.54
CA LEU D 110 25.44 -14.32 -10.75
C LEU D 110 26.17 -13.20 -11.47
N ARG D 111 27.27 -13.52 -12.14
CA ARG D 111 27.94 -12.52 -12.96
C ARG D 111 27.02 -12.02 -14.08
N ASP D 112 26.29 -12.93 -14.71
CA ASP D 112 25.50 -12.54 -15.88
C ASP D 112 24.17 -11.87 -15.50
N GLU D 113 23.75 -11.98 -14.25
CA GLU D 113 22.46 -11.40 -13.86
C GLU D 113 22.58 -9.96 -13.36
N ARG D 114 23.76 -9.38 -13.38
CA ARG D 114 23.94 -8.01 -12.92
C ARG D 114 23.64 -7.05 -14.06
N LEU D 115 22.79 -6.08 -13.79
CA LEU D 115 22.31 -5.16 -14.81
C LEU D 115 23.33 -4.08 -15.08
N ASN D 116 23.41 -3.66 -16.34
CA ASN D 116 24.32 -2.62 -16.79
C ASN D 116 23.55 -1.67 -17.70
N GLY D 117 24.07 -0.46 -17.82
CA GLY D 117 23.46 0.54 -18.68
C GLY D 117 22.53 1.45 -17.91
N SER D 118 21.83 2.28 -18.68
CA SER D 118 20.90 3.22 -18.08
C SER D 118 19.71 2.48 -17.49
N VAL D 119 19.01 3.15 -16.59
CA VAL D 119 17.89 2.55 -15.89
C VAL D 119 16.75 2.24 -16.86
N ALA D 120 16.59 3.05 -17.90
CA ALA D 120 15.57 2.76 -18.92
C ALA D 120 15.87 1.46 -19.66
N ASP D 121 17.14 1.25 -20.00
CA ASP D 121 17.53 -0.01 -20.62
C ASP D 121 17.27 -1.18 -19.69
N MET D 122 17.52 -0.98 -18.40
CA MET D 122 17.22 -2.01 -17.41
C MET D 122 15.74 -2.35 -17.42
N ARG D 123 14.90 -1.32 -17.51
CA ARG D 123 13.45 -1.54 -17.53
C ARG D 123 13.03 -2.33 -18.75
N ARG D 124 13.54 -1.94 -19.92
CA ARG D 124 13.16 -2.65 -21.14
C ARG D 124 13.63 -4.09 -21.11
N SER D 125 14.85 -4.32 -20.62
CA SER D 125 15.36 -5.69 -20.52
C SER D 125 14.50 -6.52 -19.58
N ILE D 126 14.10 -5.96 -18.44
CA ILE D 126 13.32 -6.73 -17.48
C ILE D 126 11.94 -7.07 -18.04
N GLU D 127 11.29 -6.10 -18.68
CA GLU D 127 9.98 -6.38 -19.27
C GLU D 127 10.08 -7.42 -20.38
N GLU D 128 11.11 -7.33 -21.21
CA GLU D 128 11.31 -8.34 -22.24
C GLU D 128 11.52 -9.71 -21.63
N ARG D 129 12.32 -9.80 -20.56
CA ARG D 129 12.52 -11.09 -19.92
C ARG D 129 11.23 -11.66 -19.39
N SER D 130 10.40 -10.83 -18.77
CA SER D 130 9.15 -11.33 -18.21
C SER D 130 8.25 -11.90 -19.30
N ARG D 131 8.03 -11.11 -20.37
CA ARG D 131 7.16 -11.57 -21.44
C ARG D 131 7.70 -12.83 -22.10
N THR D 132 9.01 -12.83 -22.39
CA THR D 132 9.61 -13.99 -23.04
C THR D 132 9.55 -15.22 -22.16
N ALA D 133 9.67 -15.04 -20.84
CA ALA D 133 9.60 -16.19 -19.94
C ALA D 133 8.22 -16.81 -19.97
N ALA D 134 7.18 -15.98 -19.89
CA ALA D 134 5.82 -16.53 -19.95
C ALA D 134 5.59 -17.26 -21.27
N ALA D 135 5.99 -16.65 -22.38
CA ALA D 135 5.78 -17.27 -23.68
C ALA D 135 6.57 -18.56 -23.81
N THR D 136 7.80 -18.59 -23.29
CA THR D 136 8.62 -19.79 -23.37
C THR D 136 8.01 -20.92 -22.57
N ASP D 137 7.50 -20.62 -21.38
CA ASP D 137 6.81 -21.63 -20.60
C ASP D 137 5.67 -22.24 -21.40
N LYS D 138 4.82 -21.39 -21.99
CA LYS D 138 3.68 -21.90 -22.73
C LYS D 138 4.13 -22.76 -23.91
N ALA D 139 5.12 -22.28 -24.68
CA ALA D 139 5.53 -23.00 -25.88
C ALA D 139 6.14 -24.35 -25.53
N VAL D 140 6.96 -24.39 -24.48
CA VAL D 140 7.56 -25.66 -24.05
C VAL D 140 6.46 -26.63 -23.66
N GLY D 141 5.46 -26.16 -22.90
CA GLY D 141 4.38 -27.05 -22.52
C GLY D 141 3.65 -27.62 -23.73
N LEU D 142 3.34 -26.77 -24.70
CA LEU D 142 2.58 -27.21 -25.87
C LEU D 142 3.35 -28.26 -26.66
N ARG D 143 4.62 -27.99 -26.97
CA ARG D 143 5.39 -28.95 -27.75
C ARG D 143 5.57 -30.25 -26.99
N ALA D 144 5.80 -30.17 -25.69
CA ALA D 144 5.94 -31.37 -24.89
C ALA D 144 4.67 -32.21 -24.93
N TYR D 145 3.51 -31.55 -24.90
CA TYR D 145 2.25 -32.30 -24.97
C TYR D 145 2.11 -33.02 -26.30
N GLU D 146 2.50 -32.36 -27.39
CA GLU D 146 2.50 -33.05 -28.68
C GLU D 146 3.37 -34.29 -28.63
N GLY D 147 4.56 -34.16 -28.06
CA GLY D 147 5.42 -35.32 -27.91
C GLY D 147 4.80 -36.42 -27.07
N ALA D 148 4.07 -36.04 -26.02
CA ALA D 148 3.43 -37.03 -25.17
C ALA D 148 2.36 -37.80 -25.93
N GLN D 149 1.59 -37.11 -26.77
CA GLN D 149 0.60 -37.82 -27.58
C GLN D 149 1.26 -38.80 -28.54
N GLN D 150 2.36 -38.39 -29.17
CA GLN D 150 3.07 -39.32 -30.03
C GLN D 150 3.61 -40.51 -29.24
N ARG D 151 4.00 -40.24 -27.99
CA ARG D 151 4.50 -41.33 -27.09
C ARG D 151 3.36 -42.32 -26.85
N LEU D 152 2.14 -41.83 -26.64
CA LEU D 152 0.99 -42.73 -26.45
C LEU D 152 0.77 -43.58 -27.69
N ALA D 153 0.87 -42.98 -28.88
CA ALA D 153 0.73 -43.77 -30.10
C ALA D 153 1.78 -44.87 -30.16
N GLN D 154 3.01 -44.55 -29.77
CA GLN D 154 4.07 -45.56 -29.78
C GLN D 154 3.77 -46.71 -28.81
N ILE D 155 3.29 -46.38 -27.62
CA ILE D 155 2.96 -47.43 -26.64
C ILE D 155 1.87 -48.33 -27.19
N GLU D 156 0.85 -47.73 -27.81
CA GLU D 156 -0.21 -48.53 -28.40
C GLU D 156 0.34 -49.45 -29.49
N GLY D 157 1.29 -48.96 -30.27
CA GLY D 157 1.92 -49.81 -31.27
C GLY D 157 2.64 -50.99 -30.66
N LEU D 158 3.36 -50.76 -29.56
CA LEU D 158 4.07 -51.85 -28.90
C LEU D 158 3.09 -52.90 -28.38
N MET D 159 1.93 -52.46 -27.87
CA MET D 159 0.91 -53.44 -27.43
C MET D 159 0.30 -54.16 -28.65
N ASP D 160 0.26 -53.51 -29.81
CA ASP D 160 -0.21 -54.21 -31.04
C ASP D 160 0.77 -55.34 -31.35
N GLU D 161 2.07 -55.10 -31.17
CA GLU D 161 3.11 -56.14 -31.44
C GLU D 161 2.97 -57.28 -30.43
N ILE D 162 2.42 -57.00 -29.25
CA ILE D 162 2.32 -58.04 -28.17
C ILE D 162 1.41 -59.18 -28.66
N SER D 163 0.34 -58.86 -29.38
CA SER D 163 -0.63 -59.89 -29.85
C SER D 163 0.05 -60.89 -30.80
N ARG D 164 0.92 -60.41 -31.69
CA ARG D 164 1.50 -61.29 -32.74
C ARG D 164 2.69 -62.12 -32.22
N THR D 165 3.12 -61.92 -30.96
CA THR D 165 4.33 -62.66 -30.48
C THR D 165 4.09 -64.17 -30.54
N GLN D 166 5.10 -64.96 -30.95
CA GLN D 166 4.91 -66.43 -31.10
C GLN D 166 5.82 -67.22 -30.16
N ASP D 167 7.14 -67.04 -30.23
CA ASP D 167 8.03 -67.84 -29.41
C ASP D 167 8.21 -67.16 -28.07
N GLN D 168 8.94 -67.80 -27.17
CA GLN D 168 9.19 -67.21 -25.86
C GLN D 168 10.25 -66.12 -25.94
N LYS D 169 11.27 -66.32 -26.77
CA LYS D 169 12.31 -65.32 -26.91
C LYS D 169 11.72 -64.02 -27.44
N ALA D 170 10.76 -64.11 -28.36
CA ALA D 170 10.14 -62.92 -28.92
C ALA D 170 9.43 -62.11 -27.85
N ILE D 171 8.64 -62.78 -27.01
CA ILE D 171 7.89 -62.05 -26.00
C ILE D 171 8.81 -61.52 -24.91
N GLU D 172 9.90 -62.23 -24.61
CA GLU D 172 10.85 -61.68 -23.64
C GLU D 172 11.55 -60.44 -24.17
N GLU D 173 11.92 -60.45 -25.45
CA GLU D 173 12.48 -59.24 -26.05
C GLU D 173 11.46 -58.12 -26.04
N LEU D 174 10.20 -58.43 -26.30
CA LEU D 174 9.19 -57.38 -26.27
C LEU D 174 9.00 -56.82 -24.88
N GLN D 175 9.06 -57.68 -23.85
CA GLN D 175 8.98 -57.19 -22.48
C GLN D 175 10.12 -56.24 -22.17
N ALA D 176 11.33 -56.59 -22.59
CA ALA D 176 12.46 -55.72 -22.30
C ALA D 176 12.37 -54.42 -23.10
N ARG D 177 11.83 -54.48 -24.32
CA ARG D 177 11.59 -53.27 -25.08
C ARG D 177 10.59 -52.35 -24.39
N ILE D 178 9.49 -52.91 -23.87
CA ILE D 178 8.51 -52.09 -23.18
C ILE D 178 9.10 -51.53 -21.90
N ALA D 179 9.98 -52.29 -21.23
CA ALA D 179 10.66 -51.78 -20.06
C ALA D 179 11.54 -50.58 -20.40
N GLY D 180 12.27 -50.67 -21.51
CA GLY D 180 13.04 -49.53 -21.96
C GLY D 180 12.18 -48.34 -22.29
N GLU D 181 10.99 -48.60 -22.84
CA GLU D 181 10.07 -47.53 -23.16
C GLU D 181 9.60 -46.83 -21.89
N GLN D 182 9.31 -47.61 -20.85
CA GLN D 182 8.97 -47.04 -19.55
C GLN D 182 10.12 -46.21 -19.00
N ALA D 183 11.36 -46.69 -19.17
CA ALA D 183 12.51 -45.92 -18.72
C ALA D 183 12.59 -44.58 -19.43
N ALA D 184 12.28 -44.58 -20.73
CA ALA D 184 12.26 -43.33 -21.48
C ALA D 184 11.21 -42.36 -20.94
N ILE D 185 10.02 -42.87 -20.63
CA ILE D 185 8.99 -41.98 -20.08
C ILE D 185 9.39 -41.47 -18.70
N GLN D 186 10.06 -42.32 -17.90
CA GLN D 186 10.64 -41.86 -16.64
C GLN D 186 11.60 -40.71 -16.86
N ASN D 187 12.45 -40.83 -17.87
CA ASN D 187 13.41 -39.78 -18.16
C ASN D 187 12.70 -38.48 -18.53
N GLU D 188 11.64 -38.59 -19.31
CA GLU D 188 10.86 -37.38 -19.65
C GLU D 188 10.23 -36.76 -18.41
N THR D 189 9.78 -37.60 -17.47
CA THR D 189 9.23 -37.06 -16.23
C THR D 189 10.29 -36.27 -15.46
N THR D 190 11.49 -36.83 -15.35
CA THR D 190 12.57 -36.10 -14.69
C THR D 190 12.88 -34.81 -15.40
N LYS D 191 12.90 -34.83 -16.74
CA LYS D 191 13.17 -33.62 -17.50
C LYS D 191 12.11 -32.56 -17.26
N LEU D 192 10.85 -32.95 -17.16
CA LEU D 192 9.79 -31.99 -16.89
C LEU D 192 9.95 -31.39 -15.50
N GLN D 193 10.32 -32.21 -14.52
CA GLN D 193 10.59 -31.66 -13.19
C GLN D 193 11.70 -30.62 -13.24
N MET D 194 12.75 -30.93 -13.98
CA MET D 194 13.88 -30.02 -14.11
C MET D 194 13.47 -28.72 -14.79
N ILE D 195 12.59 -28.84 -15.79
CA ILE D 195 12.10 -27.63 -16.51
C ILE D 195 11.28 -26.77 -15.54
N ALA D 196 10.45 -27.40 -14.69
CA ALA D 196 9.66 -26.63 -13.73
C ALA D 196 10.57 -25.90 -12.75
N GLN D 197 11.61 -26.58 -12.26
CA GLN D 197 12.55 -25.91 -11.36
C GLN D 197 13.21 -24.74 -12.06
N LEU D 198 13.61 -24.92 -13.31
CA LEU D 198 14.25 -23.83 -14.04
C LEU D 198 13.29 -22.66 -14.23
N ARG D 199 12.00 -22.94 -14.47
CA ARG D 199 11.00 -21.89 -14.60
C ARG D 199 10.92 -21.07 -13.33
N GLN D 200 10.87 -21.75 -12.19
CA GLN D 200 10.83 -21.06 -10.91
C GLN D 200 12.08 -20.22 -10.70
N ALA D 201 13.24 -20.77 -11.02
CA ALA D 201 14.48 -20.03 -10.86
C ALA D 201 14.50 -18.79 -11.75
N GLU D 202 13.99 -18.90 -12.97
CA GLU D 202 13.94 -17.76 -13.87
C GLU D 202 13.04 -16.66 -13.32
N GLN D 203 11.89 -17.03 -12.77
CA GLN D 203 11.02 -16.02 -12.18
C GLN D 203 11.72 -15.34 -11.00
N ALA D 204 12.41 -16.12 -10.17
CA ALA D 204 13.14 -15.53 -9.06
C ALA D 204 14.22 -14.58 -9.54
N LEU D 205 14.91 -14.93 -10.61
CA LEU D 205 15.96 -14.06 -11.14
C LEU D 205 15.38 -12.77 -11.69
N ILE D 206 14.23 -12.84 -12.35
CA ILE D 206 13.59 -11.62 -12.85
C ILE D 206 13.22 -10.72 -11.68
N SER D 207 12.69 -11.30 -10.61
CA SER D 207 12.38 -10.50 -9.43
C SER D 207 13.63 -9.86 -8.85
N GLU D 208 14.73 -10.61 -8.82
CA GLU D 208 15.99 -10.06 -8.31
C GLU D 208 16.46 -8.89 -9.15
N GLN D 209 16.33 -8.99 -10.47
CA GLN D 209 16.72 -7.87 -11.33
C GLN D 209 15.82 -6.67 -11.10
N ARG D 210 14.52 -6.89 -10.92
CA ARG D 210 13.63 -5.79 -10.60
C ARG D 210 14.08 -5.08 -9.33
N ARG D 211 14.42 -5.86 -8.31
CA ARG D 211 14.80 -5.24 -7.04
C ARG D 211 16.14 -4.55 -7.13
N GLU D 212 17.05 -5.08 -7.97
CA GLU D 212 18.31 -4.38 -8.19
C GLU D 212 18.07 -3.02 -8.83
N ARG D 213 17.19 -2.96 -9.83
CA ARG D 213 16.86 -1.67 -10.44
C ARG D 213 16.24 -0.73 -9.42
N ASN D 214 15.31 -1.24 -8.62
CA ASN D 214 14.66 -0.41 -7.61
C ASN D 214 15.68 0.14 -6.63
N MET D 215 16.61 -0.72 -6.20
CA MET D 215 17.66 -0.29 -5.23
C MET D 215 18.53 0.78 -5.89
N ARG D 216 18.86 0.61 -7.17
CA ARG D 216 19.71 1.57 -7.86
C ARG D 216 19.05 2.94 -7.96
N ILE D 217 17.73 2.98 -8.18
CA ILE D 217 17.05 4.26 -8.26
C ILE D 217 17.01 4.94 -6.89
N LEU D 218 16.73 4.18 -5.84
CA LEU D 218 16.51 4.76 -4.52
C LEU D 218 17.74 4.72 -3.63
N SER D 219 18.90 4.40 -4.18
CA SER D 219 20.10 4.26 -3.36
C SER D 219 20.43 5.57 -2.66
N SER D 220 20.81 5.47 -1.40
CA SER D 220 21.23 6.63 -0.63
C SER D 220 22.62 7.11 -0.97
N GLY D 221 23.37 6.34 -1.75
CA GLY D 221 24.67 6.79 -2.20
C GLY D 221 24.63 7.77 -3.35
N ASN D 222 23.45 8.00 -3.93
CA ASN D 222 23.33 8.97 -4.99
C ASN D 222 23.55 10.37 -4.44
N GLN D 223 24.16 11.23 -5.25
CA GLN D 223 24.57 12.55 -4.81
C GLN D 223 24.02 13.67 -5.68
N GLY D 224 23.28 13.36 -6.73
CA GLY D 224 22.85 14.38 -7.65
C GLY D 224 21.50 14.97 -7.30
N MET D 225 21.23 16.13 -7.89
CA MET D 225 19.93 16.77 -7.80
C MET D 225 19.85 17.84 -8.88
N PRO D 226 18.66 18.31 -9.23
CA PRO D 226 18.56 19.36 -10.24
C PRO D 226 19.23 20.64 -9.78
N THR D 227 19.73 21.40 -10.75
CA THR D 227 20.43 22.65 -10.49
C THR D 227 19.57 23.83 -10.92
N ILE D 228 19.54 24.87 -10.10
CA ILE D 228 18.84 26.09 -10.43
C ILE D 228 19.76 26.98 -11.25
N GLN D 229 19.33 27.34 -12.45
CA GLN D 229 20.14 28.17 -13.33
C GLN D 229 19.26 29.12 -14.14
N GLN E 23 30.45 -122.40 -39.45
CA GLN E 23 30.72 -123.50 -38.54
C GLN E 23 30.38 -124.84 -39.18
N GLY E 24 29.43 -125.54 -38.57
CA GLY E 24 29.13 -126.90 -39.01
C GLY E 24 27.65 -127.16 -39.13
N ILE E 25 27.29 -127.86 -40.20
CA ILE E 25 25.91 -128.28 -40.46
C ILE E 25 25.00 -127.05 -40.41
N PRO E 26 25.05 -126.18 -41.40
CA PRO E 26 24.22 -124.97 -41.35
C PRO E 26 22.74 -125.31 -41.27
N VAL E 27 22.01 -124.51 -40.50
CA VAL E 27 20.58 -124.70 -40.29
C VAL E 27 19.85 -123.39 -40.51
N PHE E 28 18.67 -123.49 -41.12
CA PHE E 28 17.81 -122.34 -41.39
C PHE E 28 16.63 -122.40 -40.45
N ASP E 29 16.63 -121.57 -39.42
CA ASP E 29 15.52 -121.50 -38.48
C ASP E 29 14.41 -120.67 -39.12
N GLY E 30 13.55 -121.34 -39.88
CA GLY E 30 12.55 -120.62 -40.65
C GLY E 30 11.65 -119.75 -39.81
N THR E 31 11.43 -120.13 -38.56
CA THR E 31 10.55 -119.34 -37.70
C THR E 31 11.16 -118.00 -37.35
N ARG E 32 12.47 -117.96 -37.08
CA ARG E 32 13.08 -116.71 -36.64
C ARG E 32 13.03 -115.66 -37.74
N ALA E 33 12.98 -116.09 -39.01
CA ALA E 33 12.97 -115.15 -40.11
C ALA E 33 11.78 -114.20 -40.04
N LEU E 34 10.58 -114.77 -39.88
CA LEU E 34 9.40 -113.93 -39.71
C LEU E 34 9.49 -113.10 -38.44
N ASP E 35 9.96 -113.73 -37.35
CA ASP E 35 10.12 -113.02 -36.11
C ASP E 35 11.13 -111.89 -36.24
N PHE E 36 12.24 -112.14 -36.94
CA PHE E 36 13.23 -111.09 -37.10
C PHE E 36 12.69 -109.96 -37.95
N VAL E 37 11.87 -110.27 -38.95
CA VAL E 37 11.27 -109.20 -39.75
C VAL E 37 10.40 -108.32 -38.87
N GLN E 38 9.58 -108.93 -38.01
CA GLN E 38 8.75 -108.14 -37.12
C GLN E 38 9.59 -107.29 -36.16
N GLN E 39 10.65 -107.87 -35.62
CA GLN E 39 11.52 -107.13 -34.71
C GLN E 39 12.18 -105.96 -35.41
N PHE E 40 12.59 -106.17 -36.66
CA PHE E 40 13.20 -105.10 -37.44
C PHE E 40 12.21 -103.98 -37.68
N ALA E 41 10.95 -104.32 -37.94
CA ALA E 41 9.92 -103.29 -38.12
C ALA E 41 9.75 -102.47 -36.86
N ARG E 42 9.72 -103.15 -35.70
CA ARG E 42 9.51 -102.41 -34.43
C ARG E 42 10.74 -101.55 -34.13
N MET E 43 11.95 -102.03 -34.45
CA MET E 43 13.12 -101.17 -34.26
C MET E 43 13.07 -99.96 -35.16
N LYS E 44 12.60 -100.13 -36.40
CA LYS E 44 12.42 -98.97 -37.27
C LYS E 44 11.48 -97.96 -36.64
N GLU E 45 10.38 -98.44 -36.07
CA GLU E 45 9.41 -97.52 -35.51
C GLU E 45 9.97 -96.82 -34.27
N GLN E 46 10.75 -97.53 -33.46
CA GLN E 46 11.42 -96.90 -32.33
C GLN E 46 12.39 -95.82 -32.81
N LEU E 47 13.15 -96.10 -33.86
CA LEU E 47 14.08 -95.12 -34.38
C LEU E 47 13.36 -93.89 -34.89
N ASP E 48 12.23 -94.10 -35.57
CA ASP E 48 11.45 -92.96 -36.06
C ASP E 48 10.94 -92.12 -34.91
N THR E 49 10.46 -92.76 -33.84
CA THR E 49 10.00 -92.00 -32.68
C THR E 49 11.14 -91.22 -32.04
N ALA E 50 12.32 -91.83 -31.94
CA ALA E 50 13.46 -91.12 -31.37
C ALA E 50 13.84 -89.93 -32.23
N LYS E 51 13.82 -90.08 -33.54
CA LYS E 51 14.13 -88.95 -34.41
C LYS E 51 13.08 -87.85 -34.29
N ASP E 52 11.82 -88.23 -34.11
CA ASP E 52 10.78 -87.23 -33.88
C ASP E 52 11.03 -86.46 -32.59
N GLN E 53 11.45 -87.17 -31.53
CA GLN E 53 11.78 -86.50 -30.29
C GLN E 53 12.95 -85.53 -30.48
N LEU E 54 13.95 -85.96 -31.24
CA LEU E 54 15.10 -85.09 -31.50
C LEU E 54 14.67 -83.83 -32.24
N ALA E 55 13.83 -83.99 -33.26
CA ALA E 55 13.34 -82.83 -33.99
C ALA E 55 12.55 -81.91 -33.07
N GLU E 56 11.76 -82.48 -32.18
CA GLU E 56 10.99 -81.68 -31.23
C GLU E 56 11.91 -80.87 -30.32
N ALA E 57 12.94 -81.52 -29.78
CA ALA E 57 13.86 -80.83 -28.89
C ALA E 57 14.61 -79.73 -29.62
N GLN E 58 15.05 -80.00 -30.85
CA GLN E 58 15.72 -78.97 -31.63
C GLN E 58 14.79 -77.79 -31.90
N ARG E 59 13.53 -78.10 -32.23
CA ARG E 59 12.53 -77.03 -32.51
C ARG E 59 12.39 -76.16 -31.26
N MET E 60 12.28 -76.77 -30.09
CA MET E 60 12.06 -75.97 -28.88
C MET E 60 13.29 -75.15 -28.55
N TYR E 61 14.49 -75.70 -28.78
CA TYR E 61 15.69 -74.90 -28.58
C TYR E 61 15.73 -73.70 -29.51
N GLU E 62 15.34 -73.89 -30.77
CA GLU E 62 15.25 -72.75 -31.67
C GLU E 62 14.21 -71.76 -31.21
N ALA E 63 13.14 -72.24 -30.58
CA ALA E 63 12.11 -71.33 -30.08
C ALA E 63 12.59 -70.53 -28.88
N VAL E 64 13.55 -71.05 -28.13
CA VAL E 64 14.04 -70.36 -26.95
C VAL E 64 15.19 -69.42 -27.27
N THR E 65 16.12 -69.86 -28.11
CA THR E 65 17.34 -69.10 -28.40
C THR E 65 17.24 -68.39 -29.73
N GLY E 66 18.15 -67.45 -29.95
CA GLY E 66 18.23 -66.68 -31.16
C GLY E 66 17.81 -65.24 -30.94
N GLY E 67 17.90 -64.46 -32.00
CA GLY E 67 17.46 -63.07 -31.97
C GLY E 67 16.22 -62.87 -32.81
N ARG E 68 15.25 -62.11 -32.28
CA ARG E 68 13.95 -61.99 -32.92
C ARG E 68 13.71 -60.61 -33.53
N GLY E 69 14.61 -59.66 -33.31
CA GLY E 69 14.49 -58.36 -33.93
C GLY E 69 13.67 -57.36 -33.17
N LEU E 70 12.88 -57.79 -32.20
CA LEU E 70 12.18 -56.85 -31.34
C LEU E 70 13.19 -56.11 -30.48
N GLY E 71 13.04 -54.79 -30.42
CA GLY E 71 14.14 -53.93 -30.14
C GLY E 71 14.90 -53.56 -31.39
N ASP E 72 15.05 -52.27 -31.67
CA ASP E 72 15.04 -51.73 -33.02
C ASP E 72 13.63 -51.82 -33.59
N LEU E 73 12.63 -51.71 -32.73
CA LEU E 73 11.23 -51.67 -33.08
C LEU E 73 10.66 -50.35 -32.60
N MET E 74 10.24 -49.51 -33.54
CA MET E 74 9.76 -48.16 -33.23
C MET E 74 10.81 -47.38 -32.44
N ARG E 75 12.03 -47.37 -32.97
CA ARG E 75 13.14 -46.69 -32.33
C ARG E 75 13.58 -45.43 -33.07
N ASN E 76 13.17 -45.26 -34.33
CA ASN E 76 13.57 -44.09 -35.09
C ASN E 76 12.72 -42.87 -34.77
N ALA E 77 11.61 -43.05 -34.07
CA ALA E 77 10.77 -41.92 -33.71
C ALA E 77 11.48 -41.06 -32.69
N GLN E 78 12.00 -39.91 -33.13
CA GLN E 78 12.83 -39.07 -32.28
C GLN E 78 11.91 -38.22 -31.42
N LEU E 79 11.43 -38.82 -30.34
CA LEU E 79 10.55 -38.13 -29.40
C LEU E 79 11.31 -37.25 -28.43
N ARG E 80 12.64 -37.36 -28.38
CA ARG E 80 13.42 -36.45 -27.56
C ARG E 80 13.50 -35.05 -28.14
N GLU E 81 13.06 -34.86 -29.38
CA GLU E 81 13.07 -33.56 -30.01
C GLU E 81 11.93 -32.68 -29.57
N TYR E 82 11.00 -33.20 -28.78
CA TYR E 82 9.88 -32.43 -28.28
C TYR E 82 10.14 -31.80 -26.93
N LEU E 83 11.35 -31.97 -26.39
CA LEU E 83 11.81 -31.33 -25.18
C LEU E 83 13.14 -30.64 -25.46
N PRO E 84 13.47 -29.58 -24.72
CA PRO E 84 14.69 -28.83 -25.02
C PRO E 84 15.93 -29.71 -24.93
N ASP E 85 16.89 -29.44 -25.82
CA ASP E 85 18.13 -30.19 -25.81
C ASP E 85 18.99 -29.79 -24.61
N ASP E 86 19.19 -28.49 -24.42
CA ASP E 86 19.91 -27.97 -23.27
C ASP E 86 19.14 -26.79 -22.70
N LEU E 87 19.21 -26.61 -21.39
CA LEU E 87 18.39 -25.60 -20.73
C LEU E 87 19.11 -24.27 -20.55
N ARG E 88 20.38 -24.16 -20.91
CA ARG E 88 21.03 -22.84 -20.84
C ARG E 88 20.35 -21.85 -21.76
N THR E 89 20.01 -22.27 -22.97
CA THR E 89 19.52 -21.40 -24.02
C THR E 89 18.02 -21.51 -24.22
N VAL E 90 17.30 -22.10 -23.28
CA VAL E 90 15.87 -22.27 -23.46
C VAL E 90 15.15 -20.94 -23.43
N TYR E 91 15.68 -19.96 -22.70
CA TYR E 91 15.04 -18.66 -22.60
C TYR E 91 15.60 -17.65 -23.59
N ASP E 92 16.53 -18.06 -24.43
CA ASP E 92 16.99 -17.24 -25.54
C ASP E 92 16.41 -17.72 -26.87
N SER E 93 15.42 -18.60 -26.82
CA SER E 93 14.92 -19.23 -28.04
C SER E 93 14.15 -18.27 -28.92
N ALA E 94 13.46 -17.28 -28.32
CA ALA E 94 12.62 -16.39 -29.10
C ALA E 94 13.42 -15.61 -30.13
N ASN E 95 14.59 -15.09 -29.73
CA ASN E 95 15.40 -14.27 -30.62
C ASN E 95 16.01 -15.09 -31.74
N GLY E 96 16.04 -16.39 -31.61
CA GLY E 96 16.75 -17.25 -32.54
C GLY E 96 17.79 -18.06 -31.78
N GLY E 97 18.05 -19.25 -32.30
CA GLY E 97 18.88 -20.17 -31.55
C GLY E 97 18.12 -20.73 -30.37
N GLY E 98 18.87 -21.28 -29.42
CA GLY E 98 18.24 -21.91 -28.28
C GLY E 98 17.45 -23.13 -28.71
N TYR E 99 16.11 -23.01 -28.68
CA TYR E 99 15.24 -24.15 -29.09
C TYR E 99 14.39 -23.68 -30.28
N SER E 100 14.71 -24.17 -31.48
CA SER E 100 14.00 -23.71 -32.72
C SER E 100 12.51 -24.08 -32.70
N GLY E 101 12.17 -25.28 -32.21
CA GLY E 101 10.75 -25.70 -32.27
C GLY E 101 9.84 -24.79 -31.49
N ILE E 102 10.23 -24.41 -30.26
CA ILE E 102 9.42 -23.44 -29.47
C ILE E 102 9.59 -22.02 -30.02
N SER E 103 10.68 -21.73 -30.73
CA SER E 103 10.94 -20.33 -31.17
C SER E 103 9.81 -19.83 -32.08
N GLY E 104 9.34 -20.67 -33.01
CA GLY E 104 8.20 -20.27 -33.86
C GLY E 104 6.95 -20.09 -33.02
N SER E 105 6.79 -20.91 -31.98
CA SER E 105 5.62 -20.83 -31.11
C SER E 105 5.66 -19.61 -30.20
N ILE E 106 6.84 -19.27 -29.67
CA ILE E 106 6.99 -18.11 -28.81
C ILE E 106 6.64 -16.85 -29.55
N ASN E 107 7.14 -16.71 -30.78
CA ASN E 107 6.83 -15.51 -31.53
C ASN E 107 5.33 -15.40 -31.76
N ASP E 108 4.68 -16.51 -32.11
CA ASP E 108 3.23 -16.47 -32.30
C ASP E 108 2.50 -16.09 -31.02
N ILE E 109 2.91 -16.65 -29.89
CA ILE E 109 2.25 -16.38 -28.62
C ILE E 109 2.41 -14.92 -28.23
N LEU E 110 3.62 -14.39 -28.35
CA LEU E 110 3.87 -13.00 -27.99
C LEU E 110 3.08 -12.07 -28.90
N ARG E 111 2.96 -12.42 -30.17
CA ARG E 111 2.10 -11.64 -31.06
C ARG E 111 0.65 -11.67 -30.60
N ASP E 112 0.17 -12.83 -30.15
CA ASP E 112 -1.24 -12.95 -29.83
C ASP E 112 -1.58 -12.41 -28.44
N GLU E 113 -0.57 -12.18 -27.59
CA GLU E 113 -0.85 -11.70 -26.24
C GLU E 113 -0.88 -10.18 -26.12
N ARG E 114 -0.71 -9.45 -27.22
CA ARG E 114 -0.73 -8.01 -27.19
C ARG E 114 -2.17 -7.52 -27.28
N LEU E 115 -2.55 -6.64 -26.36
CA LEU E 115 -3.93 -6.19 -26.25
C LEU E 115 -4.21 -5.10 -27.27
N ASN E 116 -5.44 -5.11 -27.79
CA ASN E 116 -5.90 -4.13 -28.76
C ASN E 116 -7.29 -3.66 -28.35
N GLY E 117 -7.65 -2.48 -28.83
CA GLY E 117 -8.95 -1.91 -28.55
C GLY E 117 -8.90 -0.95 -27.38
N SER E 118 -10.09 -0.52 -26.97
CA SER E 118 -10.20 0.41 -25.86
C SER E 118 -9.80 -0.28 -24.56
N VAL E 119 -9.47 0.54 -23.57
CA VAL E 119 -9.01 0.03 -22.28
C VAL E 119 -10.12 -0.74 -21.58
N ALA E 120 -11.37 -0.34 -21.78
CA ALA E 120 -12.49 -1.08 -21.19
C ALA E 120 -12.60 -2.48 -21.78
N ASP E 121 -12.41 -2.61 -23.09
CA ASP E 121 -12.39 -3.93 -23.71
C ASP E 121 -11.24 -4.77 -23.17
N MET E 122 -10.09 -4.13 -22.93
CA MET E 122 -8.97 -4.82 -22.34
C MET E 122 -9.33 -5.36 -20.97
N ARG E 123 -10.05 -4.55 -20.18
CA ARG E 123 -10.45 -4.99 -18.84
C ARG E 123 -11.40 -6.18 -18.91
N ARG E 124 -12.39 -6.11 -19.78
CA ARG E 124 -13.33 -7.22 -19.89
C ARG E 124 -12.65 -8.49 -20.36
N SER E 125 -11.74 -8.37 -21.33
CA SER E 125 -11.02 -9.54 -21.81
C SER E 125 -10.17 -10.15 -20.70
N ILE E 126 -9.50 -9.32 -19.90
CA ILE E 126 -8.63 -9.85 -18.86
C ILE E 126 -9.46 -10.55 -17.78
N GLU E 127 -10.58 -9.94 -17.36
CA GLU E 127 -11.42 -10.59 -16.36
C GLU E 127 -11.99 -11.91 -16.87
N GLU E 128 -12.42 -11.93 -18.14
CA GLU E 128 -12.91 -13.17 -18.71
C GLU E 128 -11.82 -14.23 -18.74
N ARG E 129 -10.59 -13.85 -19.10
CA ARG E 129 -9.51 -14.83 -19.11
C ARG E 129 -9.28 -15.39 -17.72
N SER E 130 -9.28 -14.54 -16.70
CA SER E 130 -9.02 -15.01 -15.34
C SER E 130 -10.07 -16.02 -14.90
N ARG E 131 -11.35 -15.67 -15.06
CA ARG E 131 -12.42 -16.56 -14.64
C ARG E 131 -12.38 -17.87 -15.42
N THR E 132 -12.20 -17.77 -16.74
CA THR E 132 -12.18 -18.97 -17.57
C THR E 132 -10.99 -19.85 -17.24
N ALA E 133 -9.86 -19.25 -16.88
CA ALA E 133 -8.68 -20.04 -16.53
C ALA E 133 -8.94 -20.84 -15.26
N ALA E 134 -9.50 -20.20 -14.24
CA ALA E 134 -9.80 -20.93 -13.01
C ALA E 134 -10.78 -22.07 -13.28
N ALA E 135 -11.84 -21.79 -14.03
CA ALA E 135 -12.83 -22.82 -14.31
C ALA E 135 -12.24 -23.96 -15.13
N THR E 136 -11.37 -23.63 -16.09
CA THR E 136 -10.75 -24.65 -16.93
C THR E 136 -9.86 -25.55 -16.11
N ASP E 137 -9.08 -24.97 -15.20
CA ASP E 137 -8.27 -25.77 -14.30
C ASP E 137 -9.12 -26.77 -13.53
N LYS E 138 -10.21 -26.28 -12.93
CA LYS E 138 -11.05 -27.16 -12.16
C LYS E 138 -11.64 -28.28 -13.01
N ALA E 139 -12.17 -27.92 -14.18
CA ALA E 139 -12.84 -28.92 -15.03
C ALA E 139 -11.86 -29.98 -15.52
N VAL E 140 -10.65 -29.57 -15.91
CA VAL E 140 -9.65 -30.52 -16.34
C VAL E 140 -9.31 -31.48 -15.21
N GLY E 141 -9.13 -30.94 -14.00
CA GLY E 141 -8.84 -31.82 -12.87
C GLY E 141 -9.93 -32.84 -12.64
N LEU E 142 -11.19 -32.40 -12.68
CA LEU E 142 -12.31 -33.30 -12.40
C LEU E 142 -12.39 -34.43 -13.42
N ARG E 143 -12.34 -34.08 -14.71
CA ARG E 143 -12.44 -35.11 -15.73
C ARG E 143 -11.26 -36.06 -15.67
N ALA E 144 -10.07 -35.53 -15.42
CA ALA E 144 -8.90 -36.38 -15.31
C ALA E 144 -9.05 -37.37 -14.15
N TYR E 145 -9.64 -36.92 -13.03
CA TYR E 145 -9.84 -37.83 -11.91
C TYR E 145 -10.81 -38.95 -12.27
N GLU E 146 -11.87 -38.62 -13.00
CA GLU E 146 -12.76 -39.67 -13.47
C GLU E 146 -12.00 -40.69 -14.31
N GLY E 147 -11.15 -40.21 -15.22
CA GLY E 147 -10.34 -41.12 -16.01
C GLY E 147 -9.41 -41.97 -15.16
N ALA E 148 -8.86 -41.39 -14.09
CA ALA E 148 -7.97 -42.15 -13.21
C ALA E 148 -8.71 -43.27 -12.51
N GLN E 149 -9.94 -43.01 -12.07
CA GLN E 149 -10.74 -44.06 -11.45
C GLN E 149 -11.03 -45.19 -12.43
N GLN E 150 -11.36 -44.85 -13.68
CA GLN E 150 -11.57 -45.89 -14.67
C GLN E 150 -10.28 -46.67 -14.93
N ARG E 151 -9.15 -45.96 -14.85
CA ARG E 151 -7.82 -46.61 -15.02
C ARG E 151 -7.63 -47.64 -13.91
N LEU E 152 -8.00 -47.30 -12.66
CA LEU E 152 -7.89 -48.25 -11.56
C LEU E 152 -8.76 -49.47 -11.82
N ALA E 153 -9.98 -49.27 -12.31
CA ALA E 153 -10.82 -50.41 -12.64
C ALA E 153 -10.15 -51.31 -13.67
N GLN E 154 -9.51 -50.71 -14.68
CA GLN E 154 -8.82 -51.49 -15.70
C GLN E 154 -7.68 -52.30 -15.11
N ILE E 155 -6.90 -51.70 -14.22
CA ILE E 155 -5.78 -52.42 -13.60
C ILE E 155 -6.30 -53.59 -12.80
N GLU E 156 -7.38 -53.38 -12.05
CA GLU E 156 -7.97 -54.49 -11.29
C GLU E 156 -8.42 -55.60 -12.22
N GLY E 157 -8.97 -55.25 -13.37
CA GLY E 157 -9.34 -56.28 -14.33
C GLY E 157 -8.16 -57.08 -14.83
N LEU E 158 -7.04 -56.39 -15.10
CA LEU E 158 -5.84 -57.10 -15.56
C LEU E 158 -5.34 -58.06 -14.49
N MET E 159 -5.35 -57.64 -13.23
CA MET E 159 -4.95 -58.58 -12.18
C MET E 159 -5.93 -59.74 -12.06
N ASP E 160 -7.24 -59.46 -12.19
CA ASP E 160 -8.23 -60.57 -12.19
C ASP E 160 -7.90 -61.55 -13.32
N GLU E 161 -7.35 -61.04 -14.44
CA GLU E 161 -6.95 -61.90 -15.59
C GLU E 161 -5.84 -62.87 -15.16
N ILE E 162 -4.96 -62.44 -14.26
CA ILE E 162 -3.80 -63.30 -13.85
C ILE E 162 -4.33 -64.61 -13.25
N SER E 163 -5.44 -64.56 -12.52
CA SER E 163 -5.98 -65.78 -11.86
C SER E 163 -6.27 -66.89 -12.88
N ARG E 164 -6.47 -66.53 -14.16
CA ARG E 164 -6.87 -67.58 -15.15
C ARG E 164 -5.69 -68.02 -16.03
N THR E 165 -4.53 -67.37 -15.93
CA THR E 165 -3.40 -67.72 -16.83
C THR E 165 -3.00 -69.17 -16.62
N GLN E 166 -2.73 -69.91 -17.69
CA GLN E 166 -2.41 -71.37 -17.56
C GLN E 166 -1.01 -71.67 -18.10
N ASP E 167 -0.70 -71.28 -19.34
CA ASP E 167 0.59 -71.65 -19.91
C ASP E 167 1.58 -70.55 -19.56
N GLN E 168 2.83 -70.76 -19.95
CA GLN E 168 3.86 -69.76 -19.70
C GLN E 168 3.75 -68.60 -20.69
N LYS E 169 3.43 -68.90 -21.94
CA LYS E 169 3.28 -67.85 -22.94
C LYS E 169 2.18 -66.88 -22.54
N ALA E 170 1.09 -67.41 -21.97
CA ALA E 170 -0.02 -66.56 -21.56
C ALA E 170 0.41 -65.57 -20.49
N ILE E 171 1.13 -66.05 -19.47
CA ILE E 171 1.51 -65.16 -18.39
C ILE E 171 2.58 -64.18 -18.84
N GLU E 172 3.45 -64.58 -19.78
CA GLU E 172 4.42 -63.63 -20.30
C GLU E 172 3.74 -62.52 -21.11
N GLU E 173 2.75 -62.88 -21.91
CA GLU E 173 1.97 -61.86 -22.61
C GLU E 173 1.26 -60.95 -21.63
N LEU E 174 0.73 -61.51 -20.54
CA LEU E 174 0.06 -60.67 -19.57
C LEU E 174 1.03 -59.73 -18.87
N GLN E 175 2.25 -60.20 -18.60
CA GLN E 175 3.25 -59.32 -18.02
C GLN E 175 3.57 -58.17 -18.94
N ALA E 176 3.72 -58.45 -20.23
CA ALA E 176 4.03 -57.36 -21.16
C ALA E 176 2.84 -56.42 -21.32
N ARG E 177 1.62 -56.95 -21.25
CA ARG E 177 0.44 -56.09 -21.27
C ARG E 177 0.40 -55.16 -20.06
N ILE E 178 0.70 -55.69 -18.88
CA ILE E 178 0.71 -54.86 -17.68
C ILE E 178 1.82 -53.83 -17.76
N ALA E 179 2.96 -54.20 -18.36
CA ALA E 179 4.03 -53.23 -18.56
C ALA E 179 3.59 -52.10 -19.48
N GLY E 180 2.89 -52.43 -20.56
CA GLY E 180 2.35 -51.38 -21.41
C GLY E 180 1.36 -50.50 -20.68
N GLU E 181 0.58 -51.11 -19.78
CA GLU E 181 -0.38 -50.33 -19.00
C GLU E 181 0.34 -49.34 -18.09
N GLN E 182 1.44 -49.79 -17.48
CA GLN E 182 2.27 -48.90 -16.68
C GLN E 182 2.84 -47.77 -17.53
N ALA E 183 3.26 -48.09 -18.76
CA ALA E 183 3.76 -47.05 -19.65
C ALA E 183 2.68 -46.02 -19.94
N ALA E 184 1.43 -46.47 -20.11
CA ALA E 184 0.34 -45.53 -20.33
C ALA E 184 0.13 -44.62 -19.13
N ILE E 185 0.20 -45.17 -17.92
CA ILE E 185 0.04 -44.33 -16.73
C ILE E 185 1.20 -43.35 -16.61
N GLN E 186 2.40 -43.78 -16.96
CA GLN E 186 3.55 -42.86 -17.04
C GLN E 186 3.26 -41.71 -17.99
N ASN E 187 2.69 -42.03 -19.15
CA ASN E 187 2.38 -40.98 -20.12
C ASN E 187 1.38 -40.00 -19.55
N GLU E 188 0.37 -40.50 -18.84
CA GLU E 188 -0.58 -39.60 -18.20
C GLU E 188 0.08 -38.72 -17.16
N THR E 189 1.04 -39.27 -16.41
CA THR E 189 1.77 -38.45 -15.45
C THR E 189 2.51 -37.32 -16.13
N THR E 190 3.19 -37.63 -17.24
CA THR E 190 3.87 -36.57 -17.99
C THR E 190 2.89 -35.53 -18.51
N LYS E 191 1.73 -35.99 -18.99
CA LYS E 191 0.72 -35.06 -19.49
C LYS E 191 0.23 -34.14 -18.38
N LEU E 192 0.04 -34.67 -17.18
CA LEU E 192 -0.41 -33.83 -16.07
C LEU E 192 0.66 -32.81 -15.70
N GLN E 193 1.93 -33.20 -15.72
CA GLN E 193 2.99 -32.23 -15.49
C GLN E 193 2.95 -31.11 -16.51
N MET E 194 2.73 -31.47 -17.77
CA MET E 194 2.67 -30.49 -18.84
C MET E 194 1.49 -29.56 -18.65
N ILE E 195 0.36 -30.12 -18.20
CA ILE E 195 -0.86 -29.29 -17.96
C ILE E 195 -0.56 -28.30 -16.82
N ALA E 196 0.12 -28.74 -15.76
CA ALA E 196 0.45 -27.84 -14.67
C ALA E 196 1.35 -26.70 -15.14
N GLN E 197 2.35 -27.02 -15.96
CA GLN E 197 3.21 -25.98 -16.50
C GLN E 197 2.41 -24.99 -17.34
N LEU E 198 1.50 -25.51 -18.16
CA LEU E 198 0.68 -24.62 -18.98
C LEU E 198 -0.21 -23.73 -18.12
N ARG E 199 -0.74 -24.27 -17.02
CA ARG E 199 -1.53 -23.48 -16.10
C ARG E 199 -0.74 -22.31 -15.54
N GLN E 200 0.49 -22.60 -15.10
CA GLN E 200 1.36 -21.55 -14.59
C GLN E 200 1.65 -20.51 -15.65
N ALA E 201 1.93 -20.95 -16.88
CA ALA E 201 2.21 -20.02 -17.96
C ALA E 201 1.01 -19.14 -18.26
N GLU E 202 -0.19 -19.71 -18.21
CA GLU E 202 -1.39 -18.93 -18.46
C GLU E 202 -1.58 -17.86 -17.40
N GLN E 203 -1.34 -18.21 -16.13
CA GLN E 203 -1.46 -17.19 -15.08
C GLN E 203 -0.44 -16.08 -15.28
N ALA E 204 0.79 -16.44 -15.66
CA ALA E 204 1.79 -15.43 -15.93
C ALA E 204 1.37 -14.53 -17.08
N LEU E 205 0.79 -15.11 -18.13
CA LEU E 205 0.36 -14.31 -19.26
C LEU E 205 -0.77 -13.35 -18.88
N ILE E 206 -1.70 -13.81 -18.05
CA ILE E 206 -2.76 -12.92 -17.59
C ILE E 206 -2.18 -11.75 -16.79
N SER E 207 -1.20 -12.04 -15.95
CA SER E 207 -0.54 -10.97 -15.21
C SER E 207 0.15 -9.99 -16.16
N GLU E 208 0.79 -10.52 -17.20
CA GLU E 208 1.45 -9.66 -18.18
C GLU E 208 0.46 -8.75 -18.88
N GLN E 209 -0.71 -9.28 -19.24
CA GLN E 209 -1.74 -8.46 -19.86
C GLN E 209 -2.23 -7.39 -18.91
N ARG E 210 -2.42 -7.74 -17.64
CA ARG E 210 -2.82 -6.73 -16.66
C ARG E 210 -1.81 -5.60 -16.62
N ARG E 211 -0.53 -5.95 -16.59
CA ARG E 211 0.49 -4.92 -16.47
C ARG E 211 0.61 -4.09 -17.74
N GLU E 212 0.35 -4.71 -18.89
CA GLU E 212 0.31 -3.94 -20.14
C GLU E 212 -0.80 -2.91 -20.10
N ARG E 213 -1.99 -3.31 -19.63
CA ARG E 213 -3.07 -2.34 -19.51
C ARG E 213 -2.72 -1.23 -18.54
N ASN E 214 -2.13 -1.60 -17.40
CA ASN E 214 -1.74 -0.59 -16.41
C ASN E 214 -0.74 0.39 -17.00
N MET E 215 0.24 -0.15 -17.74
CA MET E 215 1.28 0.73 -18.36
C MET E 215 0.61 1.65 -19.37
N ARG E 216 -0.36 1.14 -20.14
CA ARG E 216 -1.02 1.94 -21.16
C ARG E 216 -1.80 3.08 -20.54
N ILE E 217 -2.44 2.85 -19.39
CA ILE E 217 -3.18 3.93 -18.74
C ILE E 217 -2.23 4.99 -18.20
N LEU E 218 -1.13 4.58 -17.58
CA LEU E 218 -0.24 5.50 -16.89
C LEU E 218 0.95 5.94 -17.72
N SER E 219 0.96 5.64 -19.02
CA SER E 219 2.12 5.95 -19.85
C SER E 219 2.38 7.45 -19.88
N SER E 220 3.65 7.81 -19.77
CA SER E 220 4.05 9.21 -19.85
C SER E 220 4.03 9.75 -21.27
N GLY E 221 3.86 8.90 -22.27
CA GLY E 221 3.73 9.37 -23.63
C GLY E 221 2.37 9.92 -23.97
N ASN E 222 1.40 9.77 -23.07
CA ASN E 222 0.08 10.33 -23.30
C ASN E 222 0.15 11.84 -23.29
N GLN E 223 -0.67 12.48 -24.12
CA GLN E 223 -0.61 13.92 -24.29
C GLN E 223 -1.95 14.61 -24.06
N GLY E 224 -3.00 13.87 -23.76
CA GLY E 224 -4.31 14.47 -23.65
C GLY E 224 -4.65 14.92 -22.25
N MET E 225 -5.66 15.78 -22.17
CA MET E 225 -6.23 16.22 -20.91
C MET E 225 -7.57 16.87 -21.20
N PRO E 226 -8.43 17.02 -20.19
CA PRO E 226 -9.72 17.66 -20.42
C PRO E 226 -9.55 19.11 -20.85
N THR E 227 -10.51 19.59 -21.64
CA THR E 227 -10.49 20.94 -22.16
C THR E 227 -11.55 21.78 -21.47
N ILE E 228 -11.21 23.01 -21.13
CA ILE E 228 -12.16 23.95 -20.56
C ILE E 228 -12.89 24.65 -21.69
N GLN E 229 -14.21 24.54 -21.70
CA GLN E 229 -15.02 25.17 -22.74
C GLN E 229 -16.34 25.66 -22.18
N ALA F 2 -19.63 1.74 24.09
CA ALA F 2 -20.08 2.88 23.29
C ALA F 2 -18.99 3.95 23.24
N PHE F 3 -19.21 4.97 22.42
CA PHE F 3 -18.26 6.07 22.27
C PHE F 3 -18.62 7.15 23.28
N GLU F 4 -17.78 7.32 24.29
CA GLU F 4 -17.94 8.38 25.27
C GLU F 4 -16.63 9.13 25.38
N LEU F 5 -16.57 10.29 24.77
CA LEU F 5 -15.38 11.11 24.87
C LEU F 5 -15.67 12.51 25.36
N PHE F 6 -16.79 13.11 24.94
CA PHE F 6 -17.08 14.48 25.33
C PHE F 6 -17.71 14.56 26.71
N THR F 7 -18.49 13.56 27.11
CA THR F 7 -19.00 13.55 28.48
C THR F 7 -17.88 13.47 29.51
N PRO F 8 -16.94 12.51 29.45
CA PRO F 8 -15.85 12.52 30.43
C PRO F 8 -15.00 13.77 30.38
N LEU F 9 -14.71 14.29 29.18
CA LEU F 9 -13.88 15.48 29.07
C LEU F 9 -14.56 16.69 29.68
N PHE F 10 -15.85 16.87 29.39
CA PHE F 10 -16.58 17.99 29.95
C PHE F 10 -16.68 17.88 31.47
N ASN F 11 -16.91 16.67 31.97
CA ASN F 11 -16.97 16.49 33.42
C ASN F 11 -15.62 16.80 34.07
N LYS F 12 -14.53 16.37 33.44
CA LYS F 12 -13.20 16.66 33.97
C LYS F 12 -12.94 18.16 34.02
N ILE F 13 -13.24 18.85 32.92
CA ILE F 13 -13.00 20.29 32.87
C ILE F 13 -13.87 21.01 33.88
N ASP F 14 -15.13 20.55 34.01
CA ASP F 14 -16.06 21.17 34.99
C ASP F 14 -15.49 21.01 36.39
N GLN F 15 -14.95 19.82 36.71
CA GLN F 15 -14.36 19.58 38.05
C GLN F 15 -13.18 20.53 38.26
N THR F 16 -12.33 20.68 37.24
CA THR F 16 -11.14 21.56 37.38
C THR F 16 -11.59 23.01 37.61
N THR F 17 -12.59 23.46 36.84
CA THR F 17 -13.11 24.85 36.98
C THR F 17 -13.76 25.01 38.36
N ALA F 18 -14.48 23.98 38.84
CA ALA F 18 -15.16 24.06 40.14
C ALA F 18 -14.11 24.15 41.26
N THR F 19 -13.17 23.21 41.30
CA THR F 19 -12.20 23.20 42.38
C THR F 19 -11.30 24.43 42.37
N TYR F 20 -10.99 24.98 41.19
CA TYR F 20 -9.92 25.96 41.12
C TYR F 20 -10.34 27.37 40.74
N VAL F 21 -11.58 27.59 40.29
CA VAL F 21 -12.03 28.92 39.93
C VAL F 21 -13.32 29.30 40.65
N THR F 22 -14.15 28.34 41.02
CA THR F 22 -15.42 28.63 41.65
C THR F 22 -15.35 28.46 43.16
N ASP F 23 -14.77 27.36 43.63
CA ASP F 23 -14.68 27.13 45.07
C ASP F 23 -13.79 28.15 45.74
N ILE F 24 -12.66 28.46 45.10
CA ILE F 24 -11.69 29.41 45.72
C ILE F 24 -12.38 30.76 45.87
N SER F 25 -13.11 31.19 44.84
CA SER F 25 -13.86 32.47 44.92
C SER F 25 -14.92 32.40 46.03
N SER F 26 -15.63 31.27 46.13
CA SER F 26 -16.66 31.09 47.20
C SER F 26 -15.98 31.13 48.56
N ARG F 27 -14.82 30.48 48.70
CA ARG F 27 -14.10 30.41 49.99
C ARG F 27 -13.69 31.83 50.41
N ALA F 28 -13.20 32.63 49.46
CA ALA F 28 -12.72 33.99 49.78
C ALA F 28 -13.90 34.88 50.17
N ILE F 29 -14.99 34.84 49.39
CA ILE F 29 -16.15 35.73 49.65
C ILE F 29 -16.77 35.36 51.00
N ALA F 30 -16.93 34.06 51.27
CA ALA F 30 -17.56 33.61 52.53
C ALA F 30 -16.73 34.07 53.73
N ALA F 31 -15.41 33.97 53.62
CA ALA F 31 -14.50 34.38 54.72
C ALA F 31 -14.64 35.89 54.99
N ILE F 32 -14.76 36.69 53.93
CA ILE F 32 -14.76 38.18 54.13
C ILE F 32 -16.18 38.72 54.37
N THR F 33 -17.23 37.97 54.02
CA THR F 33 -18.58 38.53 54.15
C THR F 33 -18.92 39.00 55.55
N PRO F 34 -18.73 38.22 56.63
CA PRO F 34 -19.08 38.72 57.96
C PRO F 34 -18.24 39.92 58.38
N VAL F 35 -16.92 39.80 58.24
CA VAL F 35 -16.04 40.86 58.70
C VAL F 35 -16.26 42.14 57.92
N VAL F 36 -16.39 42.03 56.59
CA VAL F 36 -16.62 43.22 55.78
C VAL F 36 -17.98 43.80 56.08
N SER F 37 -18.97 42.95 56.35
CA SER F 37 -20.30 43.45 56.69
C SER F 37 -20.26 44.30 57.94
N VAL F 38 -19.68 43.76 59.02
CA VAL F 38 -19.63 44.49 60.28
C VAL F 38 -18.79 45.76 60.12
N GLY F 39 -17.67 45.65 59.41
CA GLY F 39 -16.82 46.82 59.23
C GLY F 39 -17.51 47.93 58.45
N LEU F 40 -18.26 47.56 57.41
CA LEU F 40 -18.99 48.56 56.64
C LEU F 40 -20.08 49.21 57.48
N THR F 41 -20.79 48.42 58.29
CA THR F 41 -21.82 49.01 59.15
C THR F 41 -21.22 49.98 60.17
N LEU F 42 -20.14 49.56 60.83
CA LEU F 42 -19.50 50.43 61.81
C LEU F 42 -18.92 51.67 61.15
N GLY F 43 -18.36 51.52 59.94
CA GLY F 43 -17.90 52.68 59.21
C GLY F 43 -19.01 53.64 58.85
N PHE F 44 -20.17 53.10 58.47
CA PHE F 44 -21.33 53.95 58.21
C PHE F 44 -21.68 54.77 59.45
N ILE F 45 -21.79 54.11 60.60
CA ILE F 45 -22.16 54.83 61.82
C ILE F 45 -21.12 55.90 62.16
N THR F 46 -19.85 55.52 62.15
CA THR F 46 -18.79 56.43 62.54
C THR F 46 -18.72 57.62 61.60
N TYR F 47 -18.80 57.37 60.29
CA TYR F 47 -18.72 58.46 59.33
C TYR F 47 -19.92 59.39 59.45
N GLY F 48 -21.10 58.84 59.71
CA GLY F 48 -22.25 59.70 59.91
C GLY F 48 -22.07 60.64 61.08
N TRP F 49 -21.63 60.10 62.22
CA TRP F 49 -21.40 60.97 63.37
C TRP F 49 -20.31 62.01 63.09
N LEU F 50 -19.22 61.59 62.45
CA LEU F 50 -18.14 62.53 62.20
C LEU F 50 -18.56 63.64 61.25
N ILE F 51 -19.35 63.32 60.23
CA ILE F 51 -19.73 64.35 59.27
C ILE F 51 -20.78 65.28 59.88
N ILE F 52 -21.62 64.77 60.79
CA ILE F 52 -22.54 65.70 61.43
C ILE F 52 -21.83 66.53 62.48
N ARG F 53 -20.65 66.08 62.93
CA ARG F 53 -19.84 66.84 63.87
C ARG F 53 -18.48 67.21 63.29
N GLY F 54 -18.46 67.69 62.04
CA GLY F 54 -17.19 67.89 61.36
C GLY F 54 -17.33 68.37 59.93
N ALA F 55 -16.62 67.69 59.01
CA ALA F 55 -16.59 68.10 57.62
C ALA F 55 -17.99 68.21 57.04
N VAL F 56 -18.20 69.24 56.22
CA VAL F 56 -19.54 69.56 55.75
C VAL F 56 -20.08 68.45 54.85
N GLU F 57 -21.33 68.06 55.10
CA GLU F 57 -22.02 67.08 54.29
C GLU F 57 -23.52 67.37 54.37
N MET F 58 -24.25 66.91 53.35
CA MET F 58 -25.69 67.11 53.30
C MET F 58 -26.37 65.84 53.78
N PRO F 59 -26.70 65.72 55.06
CA PRO F 59 -27.16 64.42 55.57
C PRO F 59 -28.40 63.88 54.88
N VAL F 60 -29.35 64.75 54.54
CA VAL F 60 -30.63 64.28 54.03
C VAL F 60 -30.47 63.64 52.66
N ALA F 61 -29.58 64.18 51.83
CA ALA F 61 -29.44 63.71 50.47
C ALA F 61 -28.09 63.05 50.23
N GLU F 62 -26.99 63.75 50.49
CA GLU F 62 -25.68 63.23 50.11
C GLU F 62 -25.36 61.94 50.86
N PHE F 63 -25.49 61.96 52.18
CA PHE F 63 -25.06 60.80 52.96
C PHE F 63 -25.93 59.60 52.68
N LEU F 64 -27.25 59.76 52.78
CA LEU F 64 -28.15 58.63 52.53
C LEU F 64 -28.02 58.10 51.12
N ASN F 65 -27.96 58.99 50.12
CA ASN F 65 -27.90 58.53 48.74
C ASN F 65 -26.59 57.82 48.44
N ARG F 66 -25.47 58.40 48.84
CA ARG F 66 -24.18 57.77 48.58
C ARG F 66 -24.04 56.45 49.34
N CYS F 67 -24.51 56.42 50.59
CA CYS F 67 -24.49 55.17 51.34
C CYS F 67 -25.35 54.12 50.65
N LEU F 68 -26.49 54.53 50.11
CA LEU F 68 -27.33 53.57 49.39
C LEU F 68 -26.61 53.03 48.17
N ARG F 69 -25.93 53.89 47.42
CA ARG F 69 -25.20 53.40 46.25
C ARG F 69 -24.15 52.38 46.65
N ILE F 70 -23.33 52.73 47.64
CA ILE F 70 -22.28 51.82 48.09
C ILE F 70 -22.90 50.52 48.58
N GLY F 71 -24.00 50.60 49.31
CA GLY F 71 -24.63 49.44 49.86
C GLY F 71 -25.18 48.50 48.81
N ILE F 72 -25.85 49.05 47.80
CA ILE F 72 -26.38 48.22 46.73
C ILE F 72 -25.26 47.55 45.95
N ILE F 73 -24.20 48.32 45.65
CA ILE F 73 -23.09 47.74 44.89
C ILE F 73 -22.42 46.63 45.69
N VAL F 74 -22.19 46.84 46.97
CA VAL F 74 -21.56 45.82 47.80
C VAL F 74 -22.48 44.61 47.96
N SER F 75 -23.79 44.84 48.08
CA SER F 75 -24.71 43.74 48.21
C SER F 75 -24.68 42.85 46.97
N ILE F 76 -24.70 43.47 45.79
CA ILE F 76 -24.63 42.70 44.56
C ILE F 76 -23.29 41.97 44.48
N ALA F 77 -22.20 42.67 44.80
CA ALA F 77 -20.87 42.07 44.67
C ALA F 77 -20.72 40.86 45.59
N LEU F 78 -21.19 40.97 46.83
CA LEU F 78 -21.13 39.85 47.75
C LEU F 78 -22.18 38.78 47.47
N ALA F 79 -23.24 39.12 46.74
CA ALA F 79 -24.18 38.09 46.30
C ALA F 79 -23.56 37.19 45.24
N GLY F 80 -22.41 37.56 44.69
CA GLY F 80 -21.66 36.65 43.85
C GLY F 80 -21.14 35.45 44.60
N GLY F 81 -21.22 35.47 45.93
CA GLY F 81 -20.85 34.30 46.71
C GLY F 81 -21.73 33.10 46.45
N LEU F 82 -22.86 33.32 45.76
CA LEU F 82 -23.68 32.23 45.23
C LEU F 82 -23.12 31.77 43.88
N TYR F 83 -21.86 31.35 43.88
CA TYR F 83 -21.22 30.98 42.62
C TYR F 83 -21.73 29.65 42.08
N GLN F 84 -22.10 28.73 42.97
CA GLN F 84 -22.53 27.41 42.52
C GLN F 84 -23.78 27.51 41.67
N GLY F 85 -24.72 28.37 42.06
CA GLY F 85 -25.90 28.57 41.24
C GLY F 85 -25.55 29.01 39.83
N GLU F 86 -24.61 29.96 39.71
CA GLU F 86 -24.28 30.48 38.39
C GLU F 86 -23.52 29.46 37.56
N ILE F 87 -22.62 28.69 38.19
CA ILE F 87 -21.88 27.69 37.43
C ILE F 87 -22.82 26.59 36.94
N ALA F 88 -23.78 26.22 37.78
CA ALA F 88 -24.77 25.20 37.39
C ALA F 88 -25.73 25.82 36.37
N ASN F 89 -25.99 27.13 36.47
CA ASN F 89 -26.83 27.81 35.46
C ASN F 89 -26.13 27.73 34.10
N ALA F 90 -24.81 27.97 34.07
CA ALA F 90 -24.04 27.82 32.82
C ALA F 90 -24.05 26.35 32.40
N ILE F 91 -23.90 25.43 33.36
CA ILE F 91 -23.87 23.98 33.06
C ILE F 91 -25.23 23.56 32.48
N THR F 92 -26.35 24.05 33.05
CA THR F 92 -27.70 23.76 32.51
C THR F 92 -27.92 24.44 31.15
N THR F 93 -27.39 25.67 30.98
CA THR F 93 -27.62 26.43 29.72
C THR F 93 -27.23 25.60 28.50
N VAL F 94 -25.97 25.14 28.42
CA VAL F 94 -25.51 24.44 27.22
C VAL F 94 -26.48 23.34 26.79
N PRO F 95 -26.85 22.37 27.63
CA PRO F 95 -27.66 21.26 27.11
C PRO F 95 -29.09 21.63 26.81
N ASP F 96 -29.71 22.49 27.62
CA ASP F 96 -31.12 22.81 27.40
C ASP F 96 -31.32 23.38 26.00
N GLU F 97 -30.43 24.28 25.60
CA GLU F 97 -30.54 24.88 24.28
C GLU F 97 -30.09 23.91 23.18
N LEU F 98 -28.99 23.17 23.41
CA LEU F 98 -28.52 22.32 22.32
C LEU F 98 -29.48 21.17 22.05
N ALA F 99 -30.29 20.77 23.04
CA ALA F 99 -31.11 19.58 22.90
C ALA F 99 -32.26 19.79 21.92
N SER F 100 -32.98 20.90 22.04
CA SER F 100 -34.19 21.05 21.23
C SER F 100 -34.46 22.46 20.72
N ALA F 101 -33.55 23.43 20.89
CA ALA F 101 -33.85 24.79 20.47
C ALA F 101 -34.05 24.86 18.95
N LEU F 102 -33.17 24.22 18.19
CA LEU F 102 -33.28 24.19 16.74
C LEU F 102 -33.31 22.78 16.16
N LEU F 103 -33.07 21.75 16.97
CA LEU F 103 -33.13 20.38 16.47
C LEU F 103 -34.55 20.00 16.07
N GLY F 104 -35.52 20.32 16.92
CA GLY F 104 -36.88 19.86 16.70
C GLY F 104 -37.13 18.42 17.11
N ASN F 105 -36.18 17.80 17.80
CA ASN F 105 -36.30 16.42 18.26
C ASN F 105 -36.20 16.37 19.77
N PRO F 106 -37.26 15.99 20.48
CA PRO F 106 -37.22 16.03 21.95
C PRO F 106 -36.73 14.73 22.56
N THR F 107 -36.06 14.84 23.71
CA THR F 107 -35.60 13.68 24.46
C THR F 107 -35.88 13.91 25.93
N GLN F 108 -35.95 12.81 26.68
CA GLN F 108 -36.19 12.92 28.12
C GLN F 108 -35.05 13.65 28.81
N GLY F 109 -33.81 13.33 28.44
CA GLY F 109 -32.66 14.02 28.97
C GLY F 109 -31.43 13.82 28.11
N ALA F 110 -30.74 14.90 27.76
CA ALA F 110 -29.57 14.81 26.92
C ALA F 110 -28.74 16.06 27.09
N SER F 111 -27.42 15.90 27.09
CA SER F 111 -26.49 17.00 27.16
C SER F 111 -25.86 17.22 25.79
N ALA F 112 -25.17 18.36 25.65
CA ALA F 112 -24.48 18.63 24.40
C ALA F 112 -23.40 17.60 24.13
N ALA F 113 -22.61 17.27 25.16
CA ALA F 113 -21.60 16.25 25.02
C ALA F 113 -22.22 14.93 24.58
N ALA F 114 -23.41 14.63 25.08
CA ALA F 114 -24.07 13.39 24.70
C ALA F 114 -24.38 13.36 23.22
N LEU F 115 -24.96 14.43 22.68
CA LEU F 115 -25.32 14.45 21.27
C LEU F 115 -24.10 14.41 20.38
N VAL F 116 -23.06 15.17 20.75
CA VAL F 116 -21.82 15.11 19.98
C VAL F 116 -21.24 13.70 20.00
N ASP F 117 -21.30 13.05 21.15
CA ASP F 117 -20.78 11.70 21.26
C ASP F 117 -21.57 10.73 20.40
N GLN F 118 -22.89 10.86 20.36
CA GLN F 118 -23.70 9.95 19.52
C GLN F 118 -23.41 10.14 18.04
N SER F 119 -23.36 11.39 17.57
CA SER F 119 -23.07 11.61 16.16
C SER F 119 -21.67 11.12 15.80
N ALA F 120 -20.69 11.41 16.65
CA ALA F 120 -19.34 10.92 16.41
C ALA F 120 -19.29 9.41 16.46
N GLN F 121 -20.13 8.78 17.29
CA GLN F 121 -20.16 7.33 17.34
C GLN F 121 -20.66 6.76 16.02
N GLN F 122 -21.67 7.38 15.42
CA GLN F 122 -22.14 6.92 14.12
C GLN F 122 -21.02 7.03 13.07
N GLY F 123 -20.35 8.19 13.06
CA GLY F 123 -19.26 8.35 12.10
C GLY F 123 -18.13 7.35 12.30
N PHE F 124 -17.73 7.15 13.56
CA PHE F 124 -16.63 6.25 13.84
C PHE F 124 -17.03 4.79 13.62
N ASP F 125 -18.31 4.47 13.77
CA ASP F 125 -18.78 3.14 13.42
C ASP F 125 -18.65 2.90 11.93
N ARG F 126 -18.97 3.91 11.10
CA ARG F 126 -18.74 3.75 9.67
C ARG F 126 -17.27 3.57 9.36
N ALA F 127 -16.41 4.34 10.05
CA ALA F 127 -14.97 4.17 9.85
C ALA F 127 -14.52 2.78 10.25
N SER F 128 -15.05 2.25 11.34
CA SER F 128 -14.68 0.92 11.79
C SER F 128 -15.13 -0.15 10.80
N GLU F 129 -16.31 0.02 10.22
CA GLU F 129 -16.75 -0.91 9.18
C GLU F 129 -15.82 -0.85 7.97
N ALA F 130 -15.38 0.35 7.60
CA ALA F 130 -14.40 0.45 6.52
C ALA F 130 -13.10 -0.27 6.87
N PHE F 131 -12.64 -0.13 8.10
CA PHE F 131 -11.42 -0.83 8.52
C PHE F 131 -11.61 -2.33 8.47
N GLU F 132 -12.79 -2.80 8.87
CA GLU F 132 -13.08 -4.23 8.80
C GLU F 132 -13.06 -4.74 7.37
N GLU F 133 -13.65 -3.97 6.46
CA GLU F 133 -13.58 -4.34 5.04
C GLU F 133 -12.15 -4.37 4.55
N ALA F 134 -11.33 -3.42 5.02
CA ALA F 134 -9.91 -3.45 4.69
C ALA F 134 -9.26 -4.73 5.21
N GLY F 135 -9.65 -5.16 6.40
CA GLY F 135 -9.12 -6.40 6.93
C GLY F 135 -9.51 -7.61 6.10
N PHE F 136 -10.73 -7.60 5.55
CA PHE F 136 -11.18 -8.73 4.75
C PHE F 136 -10.30 -8.92 3.51
N PHE F 137 -10.11 -7.86 2.73
CA PHE F 137 -9.23 -7.90 1.56
C PHE F 137 -7.81 -7.66 2.04
N SER F 138 -7.01 -8.73 2.14
CA SER F 138 -5.66 -8.61 2.68
C SER F 138 -4.85 -7.59 1.87
N SER F 139 -4.57 -7.92 0.63
CA SER F 139 -4.17 -6.91 -0.34
C SER F 139 -5.40 -6.43 -1.08
N ASP F 140 -5.26 -5.34 -1.81
CA ASP F 140 -6.41 -4.66 -2.41
C ASP F 140 -7.42 -4.27 -1.36
N GLY F 141 -6.95 -3.94 -0.17
CA GLY F 141 -7.84 -3.60 0.92
C GLY F 141 -7.49 -2.28 1.56
N LEU F 142 -6.29 -1.76 1.28
CA LEU F 142 -5.89 -0.49 1.87
C LEU F 142 -6.70 0.67 1.32
N LEU F 143 -7.39 0.48 0.20
CA LEU F 143 -8.34 1.49 -0.24
C LEU F 143 -9.42 1.70 0.81
N TYR F 144 -9.92 0.61 1.38
CA TYR F 144 -10.89 0.74 2.47
C TYR F 144 -10.27 1.36 3.70
N GLY F 145 -8.98 1.11 3.92
CA GLY F 145 -8.29 1.80 4.99
C GLY F 145 -8.27 3.30 4.79
N LEU F 146 -8.00 3.74 3.56
CA LEU F 146 -8.03 5.16 3.26
C LEU F 146 -9.42 5.74 3.43
N PHE F 147 -10.44 4.99 3.01
CA PHE F 147 -11.82 5.42 3.24
C PHE F 147 -12.09 5.62 4.72
N GLY F 148 -11.66 4.65 5.54
CA GLY F 148 -11.86 4.76 6.97
C GLY F 148 -11.12 5.95 7.56
N ILE F 149 -9.90 6.20 7.09
CA ILE F 149 -9.13 7.34 7.59
C ILE F 149 -9.85 8.64 7.24
N ILE F 150 -10.39 8.74 6.03
CA ILE F 150 -11.10 9.96 5.64
C ILE F 150 -12.33 10.16 6.51
N ILE F 151 -13.12 9.11 6.70
CA ILE F 151 -14.31 9.21 7.54
C ILE F 151 -13.93 9.61 8.95
N LEU F 152 -12.89 8.97 9.49
CA LEU F 152 -12.45 9.24 10.85
C LEU F 152 -12.01 10.69 11.00
N LEU F 153 -11.23 11.18 10.04
CA LEU F 153 -10.74 12.54 10.12
C LEU F 153 -11.87 13.55 10.00
N ALA F 154 -12.81 13.32 9.09
CA ALA F 154 -13.92 14.26 8.95
C ALA F 154 -14.75 14.33 10.23
N THR F 155 -15.19 13.17 10.73
CA THR F 155 -16.00 13.16 11.94
C THR F 155 -15.24 13.76 13.11
N GLY F 156 -13.99 13.36 13.27
CA GLY F 156 -13.21 13.82 14.39
C GLY F 156 -12.97 15.31 14.37
N LEU F 157 -12.69 15.86 13.18
CA LEU F 157 -12.33 17.27 13.13
C LEU F 157 -13.57 18.12 13.36
N LEU F 158 -14.71 17.72 12.78
CA LEU F 158 -15.95 18.46 13.05
C LEU F 158 -16.28 18.44 14.54
N ALA F 159 -16.30 17.25 15.14
CA ALA F 159 -16.65 17.16 16.56
C ALA F 159 -15.65 17.93 17.41
N ALA F 160 -14.37 17.85 17.08
CA ALA F 160 -13.35 18.49 17.89
C ALA F 160 -13.48 20.00 17.85
N ILE F 161 -13.68 20.57 16.66
CA ILE F 161 -13.87 22.01 16.58
C ILE F 161 -15.06 22.45 17.41
N GLY F 162 -16.21 21.82 17.20
CA GLY F 162 -17.39 22.27 17.92
C GLY F 162 -17.24 22.14 19.42
N GLY F 163 -16.79 20.97 19.88
CA GLY F 163 -16.65 20.74 21.30
C GLY F 163 -15.61 21.63 21.93
N ALA F 164 -14.55 21.95 21.20
CA ALA F 164 -13.50 22.78 21.78
C ALA F 164 -13.97 24.21 21.93
N PHE F 165 -14.75 24.71 20.98
CA PHE F 165 -15.32 26.03 21.18
C PHE F 165 -16.34 26.06 22.31
N LEU F 166 -17.12 24.99 22.46
CA LEU F 166 -18.00 24.90 23.63
C LEU F 166 -17.20 24.92 24.92
N LEU F 167 -16.08 24.19 24.96
CA LEU F 167 -15.23 24.18 26.14
C LEU F 167 -14.66 25.56 26.43
N LEU F 168 -14.24 26.27 25.37
CA LEU F 168 -13.73 27.62 25.57
C LEU F 168 -14.80 28.51 26.17
N ALA F 169 -16.02 28.43 25.65
CA ALA F 169 -17.10 29.24 26.20
C ALA F 169 -17.35 28.92 27.66
N LYS F 170 -17.39 27.64 28.00
CA LYS F 170 -17.68 27.27 29.39
C LYS F 170 -16.58 27.72 30.34
N ILE F 171 -15.31 27.50 29.94
CA ILE F 171 -14.19 27.90 30.79
C ILE F 171 -14.18 29.41 30.98
N ALA F 172 -14.38 30.16 29.89
CA ALA F 172 -14.35 31.61 29.99
C ALA F 172 -15.49 32.13 30.86
N LEU F 173 -16.69 31.58 30.69
CA LEU F 173 -17.81 32.02 31.51
C LEU F 173 -17.57 31.70 32.98
N ALA F 174 -16.99 30.53 33.26
CA ALA F 174 -16.68 30.18 34.63
C ALA F 174 -15.68 31.13 35.25
N LEU F 175 -14.62 31.45 34.51
CA LEU F 175 -13.60 32.36 35.04
C LEU F 175 -14.17 33.75 35.26
N LEU F 176 -15.00 34.22 34.33
CA LEU F 176 -15.62 35.53 34.48
C LEU F 176 -16.57 35.56 35.67
N ALA F 177 -17.36 34.51 35.85
CA ALA F 177 -18.26 34.46 36.99
C ALA F 177 -17.47 34.44 38.30
N GLY F 178 -16.35 33.72 38.32
CA GLY F 178 -15.52 33.73 39.51
C GLY F 178 -14.95 35.10 39.82
N LEU F 179 -14.43 35.79 38.80
CA LEU F 179 -13.83 37.10 39.01
C LEU F 179 -14.85 38.21 39.08
N GLY F 180 -16.14 37.91 38.91
CA GLY F 180 -17.20 38.88 38.96
C GLY F 180 -17.10 39.93 40.05
N PRO F 181 -17.16 39.51 41.31
CA PRO F 181 -17.30 40.48 42.40
C PRO F 181 -16.24 41.57 42.39
N LEU F 182 -15.01 41.25 42.01
CA LEU F 182 -14.00 42.29 41.89
C LEU F 182 -14.40 43.34 40.87
N PHE F 183 -15.22 42.98 39.90
CA PHE F 183 -15.62 43.92 38.87
C PHE F 183 -16.97 44.57 39.14
N ILE F 184 -17.88 43.89 39.83
CA ILE F 184 -19.04 44.62 40.34
C ILE F 184 -18.63 45.66 41.37
N LEU F 185 -17.61 45.38 42.17
CA LEU F 185 -17.12 46.39 43.09
C LEU F 185 -16.54 47.59 42.38
N ALA F 186 -16.23 47.48 41.08
CA ALA F 186 -15.64 48.58 40.35
C ALA F 186 -16.62 49.70 40.07
N LEU F 187 -17.92 49.45 40.24
CA LEU F 187 -18.91 50.53 40.07
C LEU F 187 -18.78 51.58 41.16
N ILE F 188 -18.12 51.28 42.27
CA ILE F 188 -18.06 52.21 43.38
C ILE F 188 -17.33 53.48 42.99
N TRP F 189 -16.21 53.36 42.31
CA TRP F 189 -15.36 54.50 41.98
C TRP F 189 -15.44 54.77 40.48
N GLN F 190 -15.58 56.05 40.13
CA GLN F 190 -15.70 56.43 38.73
C GLN F 190 -14.53 56.00 37.86
N PRO F 191 -13.26 56.15 38.27
CA PRO F 191 -12.16 55.75 37.38
C PRO F 191 -12.18 54.27 37.01
N THR F 192 -12.71 53.41 37.87
CA THR F 192 -12.69 51.98 37.63
C THR F 192 -13.98 51.47 36.98
N HIS F 193 -14.82 52.37 36.48
CA HIS F 193 -16.04 51.94 35.79
C HIS F 193 -15.72 51.21 34.49
N ARG F 194 -14.62 51.57 33.84
CA ARG F 194 -14.27 50.94 32.58
C ARG F 194 -13.99 49.46 32.76
N PHE F 195 -13.50 49.07 33.94
CA PHE F 195 -13.26 47.65 34.19
C PHE F 195 -14.55 46.87 34.19
N PHE F 196 -15.59 47.40 34.82
CA PHE F 196 -16.88 46.73 34.78
C PHE F 196 -17.43 46.71 33.37
N ASP F 197 -17.26 47.79 32.62
CA ASP F 197 -17.74 47.80 31.25
C ASP F 197 -17.08 46.71 30.43
N GLN F 198 -15.77 46.55 30.59
CA GLN F 198 -15.04 45.53 29.84
C GLN F 198 -15.44 44.12 30.28
N TRP F 199 -15.59 43.91 31.59
CA TRP F 199 -16.03 42.61 32.07
C TRP F 199 -17.42 42.25 31.54
N ALA F 200 -18.33 43.22 31.54
CA ALA F 200 -19.66 42.97 31.01
C ALA F 200 -19.61 42.65 29.53
N GLN F 201 -18.77 43.36 28.78
CA GLN F 201 -18.67 43.09 27.35
C GLN F 201 -18.16 41.69 27.10
N GLN F 202 -17.17 41.24 27.88
CA GLN F 202 -16.66 39.88 27.68
C GLN F 202 -17.70 38.85 28.09
N VAL F 203 -18.46 39.11 29.15
CA VAL F 203 -19.51 38.18 29.55
C VAL F 203 -20.54 38.04 28.43
N LEU F 204 -20.93 39.17 27.84
CA LEU F 204 -21.87 39.13 26.72
C LEU F 204 -21.27 38.39 25.54
N ASN F 205 -19.98 38.62 25.28
CA ASN F 205 -19.32 37.93 24.17
C ASN F 205 -19.41 36.43 24.32
N TYR F 206 -19.02 35.91 25.48
CA TYR F 206 -18.98 34.46 25.63
C TYR F 206 -20.36 33.86 25.81
N GLY F 207 -21.33 34.61 26.34
CA GLY F 207 -22.68 34.12 26.34
C GLY F 207 -23.26 33.97 24.95
N LEU F 208 -23.05 34.98 24.10
CA LEU F 208 -23.50 34.86 22.73
C LEU F 208 -22.78 33.73 22.02
N LEU F 209 -21.48 33.58 22.28
CA LEU F 209 -20.72 32.46 21.75
C LEU F 209 -21.36 31.13 22.11
N ILE F 210 -21.70 30.97 23.39
CA ILE F 210 -22.18 29.67 23.85
C ILE F 210 -23.55 29.37 23.26
N VAL F 211 -24.40 30.41 23.14
CA VAL F 211 -25.71 30.19 22.53
C VAL F 211 -25.56 29.78 21.07
N LEU F 212 -24.76 30.53 20.31
CA LEU F 212 -24.61 30.26 18.89
C LEU F 212 -24.01 28.87 18.65
N PHE F 213 -22.93 28.53 19.34
CA PHE F 213 -22.35 27.20 19.20
C PHE F 213 -23.32 26.11 19.60
N ALA F 214 -23.95 26.21 20.76
CA ALA F 214 -24.87 25.14 21.13
C ALA F 214 -25.92 24.93 20.05
N ALA F 215 -26.60 25.99 19.64
CA ALA F 215 -27.69 25.84 18.67
C ALA F 215 -27.18 25.31 17.34
N VAL F 216 -26.30 26.05 16.68
CA VAL F 216 -25.88 25.70 15.33
C VAL F 216 -25.11 24.39 15.33
N PHE F 217 -24.21 24.20 16.28
CA PHE F 217 -23.45 22.96 16.36
C PHE F 217 -24.33 21.77 16.60
N GLY F 218 -25.34 21.88 17.46
CA GLY F 218 -26.26 20.78 17.63
C GLY F 218 -26.96 20.43 16.34
N LEU F 219 -27.46 21.45 15.64
CA LEU F 219 -28.14 21.18 14.38
C LEU F 219 -27.22 20.50 13.38
N LEU F 220 -26.02 21.05 13.18
CA LEU F 220 -25.10 20.53 12.18
C LEU F 220 -24.62 19.14 12.55
N MET F 221 -24.32 18.91 13.82
CA MET F 221 -23.81 17.61 14.24
C MET F 221 -24.89 16.55 14.17
N GLN F 222 -26.14 16.91 14.45
CA GLN F 222 -27.23 15.96 14.28
C GLN F 222 -27.43 15.61 12.81
N ILE F 223 -27.33 16.60 11.91
CA ILE F 223 -27.45 16.32 10.49
C ILE F 223 -26.35 15.38 10.04
N PHE F 224 -25.11 15.66 10.45
CA PHE F 224 -23.98 14.82 10.08
C PHE F 224 -24.14 13.41 10.64
N GLY F 225 -24.60 13.31 11.89
CA GLY F 225 -24.80 12.00 12.48
C GLY F 225 -25.83 11.17 11.74
N SER F 226 -26.95 11.78 11.36
CA SER F 226 -27.95 11.06 10.60
C SER F 226 -27.39 10.61 9.26
N TYR F 227 -26.71 11.50 8.56
CA TYR F 227 -26.14 11.14 7.27
C TYR F 227 -25.18 9.96 7.39
N MET F 228 -24.30 10.01 8.39
CA MET F 228 -23.35 8.91 8.54
C MET F 228 -24.05 7.64 9.01
N ALA F 229 -25.12 7.77 9.78
CA ALA F 229 -25.87 6.59 10.20
C ALA F 229 -26.55 5.90 9.03
N ASP F 230 -26.80 6.62 7.94
CA ASP F 230 -27.36 5.98 6.77
C ASP F 230 -26.29 5.40 5.84
N LEU F 231 -25.01 5.72 6.06
CA LEU F 231 -23.94 5.26 5.18
C LEU F 231 -23.71 3.77 5.33
N ARG F 232 -23.63 3.08 4.18
CA ARG F 232 -23.47 1.59 4.18
C ARG F 232 -22.57 1.17 3.02
N PHE F 233 -21.62 0.26 3.28
CA PHE F 233 -20.76 -0.30 2.24
C PHE F 233 -21.38 -1.54 1.60
N ASP F 234 -22.63 -1.41 1.16
CA ASP F 234 -23.28 -2.50 0.44
C ASP F 234 -23.03 -2.36 -1.04
N GLY F 235 -23.66 -3.22 -1.83
CA GLY F 235 -23.51 -3.09 -3.26
C GLY F 235 -24.40 -2.09 -3.91
N ALA F 236 -25.28 -1.44 -3.15
CA ALA F 236 -26.29 -0.55 -3.70
C ALA F 236 -25.99 0.92 -3.50
N GLN F 237 -24.93 1.26 -2.76
CA GLN F 237 -24.57 2.65 -2.50
C GLN F 237 -23.22 2.94 -3.11
N ASN F 238 -23.11 4.08 -3.79
CA ASN F 238 -21.86 4.44 -4.44
C ASN F 238 -20.90 4.97 -3.40
N VAL F 239 -19.74 4.34 -3.28
CA VAL F 239 -18.80 4.69 -2.22
C VAL F 239 -18.32 6.12 -2.38
N ALA F 240 -18.01 6.52 -3.61
CA ALA F 240 -17.53 7.87 -3.85
C ALA F 240 -18.56 8.91 -3.41
N TYR F 241 -19.83 8.68 -3.74
CA TYR F 241 -20.88 9.62 -3.36
C TYR F 241 -20.96 9.73 -1.85
N ALA F 242 -20.92 8.60 -1.14
CA ALA F 242 -21.06 8.62 0.30
C ALA F 242 -19.90 9.34 0.98
N ILE F 243 -18.67 8.99 0.60
CA ILE F 243 -17.50 9.63 1.22
C ILE F 243 -17.46 11.10 0.87
N GLY F 244 -17.82 11.46 -0.36
CA GLY F 244 -17.83 12.85 -0.74
C GLY F 244 -18.88 13.65 0.03
N GLY F 245 -20.06 13.07 0.21
CA GLY F 245 -21.06 13.74 1.03
C GLY F 245 -20.58 13.91 2.46
N SER F 246 -19.88 12.91 2.99
CA SER F 246 -19.33 13.03 4.33
C SER F 246 -18.36 14.20 4.43
N VAL F 247 -17.42 14.28 3.49
CA VAL F 247 -16.42 15.35 3.58
C VAL F 247 -17.06 16.70 3.34
N ILE F 248 -18.04 16.78 2.44
CA ILE F 248 -18.70 18.05 2.17
C ILE F 248 -19.45 18.53 3.40
N LEU F 249 -20.21 17.63 4.05
CA LEU F 249 -20.92 18.01 5.25
C LEU F 249 -19.96 18.45 6.34
N SER F 250 -18.89 17.69 6.53
CA SER F 250 -17.89 18.05 7.53
C SER F 250 -17.36 19.46 7.29
N ILE F 251 -16.90 19.73 6.07
CA ILE F 251 -16.24 20.99 5.78
C ILE F 251 -17.22 22.15 5.84
N VAL F 252 -18.44 21.94 5.35
CA VAL F 252 -19.47 22.98 5.42
C VAL F 252 -19.71 23.36 6.87
N SER F 253 -19.92 22.36 7.72
CA SER F 253 -20.15 22.64 9.13
C SER F 253 -18.96 23.34 9.75
N ILE F 254 -17.75 22.92 9.36
CA ILE F 254 -16.55 23.49 9.96
C ILE F 254 -16.44 24.97 9.67
N VAL F 255 -16.60 25.36 8.41
CA VAL F 255 -16.44 26.77 8.08
C VAL F 255 -17.59 27.61 8.62
N LEU F 256 -18.83 27.07 8.58
CA LEU F 256 -19.91 27.78 9.24
C LEU F 256 -19.58 28.05 10.70
N LEU F 257 -19.04 27.06 11.40
CA LEU F 257 -18.69 27.26 12.80
C LEU F 257 -17.54 28.26 12.95
N MET F 258 -16.61 28.26 12.00
CA MET F 258 -15.53 29.25 12.01
C MET F 258 -16.04 30.67 11.96
N GLN F 259 -17.07 30.94 11.18
CA GLN F 259 -17.56 32.32 11.15
C GLN F 259 -18.17 32.76 12.47
N LEU F 260 -18.65 31.83 13.28
CA LEU F 260 -19.43 32.20 14.46
C LEU F 260 -18.66 32.98 15.54
N PRO F 261 -17.42 32.65 15.89
CA PRO F 261 -16.74 33.46 16.92
C PRO F 261 -16.63 34.93 16.55
N SER F 262 -16.33 35.22 15.29
CA SER F 262 -16.29 36.60 14.85
C SER F 262 -17.63 37.27 15.01
N ILE F 263 -18.71 36.54 14.70
CA ILE F 263 -20.06 37.07 14.87
C ILE F 263 -20.32 37.40 16.33
N ALA F 264 -19.98 36.49 17.24
CA ALA F 264 -20.25 36.74 18.65
C ALA F 264 -19.47 37.96 19.15
N SER F 265 -18.19 38.04 18.82
CA SER F 265 -17.39 39.18 19.23
C SER F 265 -17.91 40.48 18.62
N GLY F 266 -18.34 40.43 17.36
CA GLY F 266 -18.86 41.60 16.70
C GLY F 266 -20.15 42.12 17.31
N LEU F 267 -21.09 41.23 17.62
CA LEU F 267 -22.30 41.68 18.31
C LEU F 267 -21.99 42.21 19.70
N ALA F 268 -21.08 41.56 20.43
CA ALA F 268 -20.70 42.07 21.74
C ALA F 268 -20.14 43.48 21.63
N GLY F 269 -19.28 43.71 20.63
CA GLY F 269 -18.77 45.05 20.41
C GLY F 269 -19.84 46.02 19.95
N GLY F 270 -20.79 45.54 19.15
CA GLY F 270 -21.83 46.40 18.64
C GLY F 270 -22.73 46.95 19.72
N ILE F 271 -23.11 46.10 20.68
CA ILE F 271 -23.76 46.61 21.88
C ILE F 271 -22.77 47.50 22.61
N GLY F 272 -23.20 48.71 22.96
CA GLY F 272 -22.30 49.71 23.48
C GLY F 272 -21.49 49.29 24.69
N LEU F 273 -22.16 49.08 25.82
CA LEU F 273 -21.51 48.66 27.07
C LEU F 273 -20.33 49.55 27.43
N ALA G 2 14.20 6.34 26.94
CA ALA G 2 12.93 7.05 27.08
C ALA G 2 12.86 8.20 26.10
N PHE G 3 11.69 8.83 26.01
CA PHE G 3 11.49 9.97 25.13
C PHE G 3 11.86 11.24 25.88
N GLU G 4 12.94 11.88 25.46
CA GLU G 4 13.42 13.11 26.08
C GLU G 4 13.75 14.08 24.96
N LEU G 5 12.80 14.95 24.63
CA LEU G 5 13.01 15.95 23.61
C LEU G 5 12.85 17.38 24.11
N PHE G 6 11.82 17.64 24.92
CA PHE G 6 11.60 19.00 25.38
C PHE G 6 12.57 19.42 26.46
N THR G 7 13.02 18.50 27.29
CA THR G 7 14.05 18.85 28.27
C THR G 7 15.35 19.30 27.61
N PRO G 8 15.94 18.54 26.69
CA PRO G 8 17.18 19.03 26.05
C PRO G 8 16.98 20.30 25.25
N LEU G 9 15.85 20.42 24.55
CA LEU G 9 15.61 21.62 23.77
C LEU G 9 15.47 22.84 24.65
N PHE G 10 14.72 22.71 25.75
CA PHE G 10 14.58 23.85 26.66
C PHE G 10 15.90 24.20 27.31
N ASN G 11 16.71 23.21 27.67
CA ASN G 11 18.01 23.52 28.25
C ASN G 11 18.92 24.20 27.24
N LYS G 12 18.87 23.77 25.97
CA LYS G 12 19.65 24.41 24.94
C LYS G 12 19.25 25.87 24.77
N ILE G 13 17.95 26.12 24.67
CA ILE G 13 17.48 27.49 24.48
C ILE G 13 17.82 28.33 25.70
N ASP G 14 17.71 27.74 26.90
CA ASP G 14 18.05 28.46 28.11
C ASP G 14 19.53 28.82 28.17
N GLN G 15 20.40 27.89 27.79
CA GLN G 15 21.83 28.21 27.77
C GLN G 15 22.12 29.29 26.75
N THR G 16 21.53 29.20 25.56
CA THR G 16 21.76 30.22 24.56
C THR G 16 21.30 31.59 25.04
N THR G 17 20.06 31.66 25.54
CA THR G 17 19.52 32.94 25.99
C THR G 17 20.30 33.48 27.17
N ALA G 18 20.73 32.63 28.09
CA ALA G 18 21.60 33.09 29.15
C ALA G 18 22.87 33.70 28.57
N THR G 19 23.69 32.85 27.95
CA THR G 19 25.04 33.25 27.54
C THR G 19 25.02 34.50 26.69
N TYR G 20 23.99 34.70 25.87
CA TYR G 20 24.01 35.95 25.15
C TYR G 20 23.21 37.03 25.84
N VAL G 21 21.88 36.86 25.92
CA VAL G 21 21.03 37.97 26.32
C VAL G 21 21.29 38.37 27.77
N THR G 22 21.38 37.38 28.67
CA THR G 22 21.45 37.71 30.07
C THR G 22 22.86 38.07 30.49
N ASP G 23 23.85 37.30 30.01
CA ASP G 23 25.22 37.53 30.41
C ASP G 23 25.76 38.84 29.85
N ILE G 24 25.43 39.18 28.60
CA ILE G 24 25.89 40.44 28.06
C ILE G 24 25.36 41.60 28.90
N SER G 25 24.07 41.56 29.24
CA SER G 25 23.49 42.63 30.03
C SER G 25 24.11 42.72 31.40
N SER G 26 24.35 41.56 32.02
CA SER G 26 24.97 41.51 33.38
C SER G 26 26.35 42.16 33.34
N ARG G 27 27.24 41.67 32.48
CA ARG G 27 28.64 42.20 32.45
C ARG G 27 28.65 43.69 32.09
N ALA G 28 27.83 44.10 31.11
CA ALA G 28 27.83 45.51 30.67
C ALA G 28 27.38 46.41 31.84
N ILE G 29 26.34 45.99 32.56
CA ILE G 29 25.86 46.78 33.75
C ILE G 29 26.97 46.79 34.80
N ALA G 30 27.62 45.65 35.03
CA ALA G 30 28.66 45.56 36.07
C ALA G 30 29.83 46.48 35.73
N ALA G 31 30.22 46.53 34.45
CA ALA G 31 31.36 47.36 34.01
C ALA G 31 31.06 48.83 34.27
N ILE G 32 29.83 49.27 34.01
CA ILE G 32 29.51 50.73 34.13
C ILE G 32 29.04 51.10 35.55
N THR G 33 28.61 50.13 36.37
CA THR G 33 28.07 50.50 37.67
C THR G 33 28.99 51.37 38.51
N PRO G 34 30.27 51.02 38.73
CA PRO G 34 31.12 51.93 39.52
C PRO G 34 31.32 53.28 38.88
N VAL G 35 31.58 53.31 37.57
CA VAL G 35 31.83 54.56 36.88
C VAL G 35 30.62 55.46 36.96
N VAL G 36 29.43 54.90 36.67
CA VAL G 36 28.22 55.72 36.70
C VAL G 36 27.92 56.15 38.12
N SER G 37 28.20 55.30 39.10
CA SER G 37 27.96 55.68 40.50
C SER G 37 28.77 56.91 40.86
N VAL G 38 30.08 56.85 40.62
CA VAL G 38 30.94 57.98 41.00
C VAL G 38 30.58 59.21 40.17
N GLY G 39 30.28 59.01 38.88
CA GLY G 39 29.95 60.15 38.04
C GLY G 39 28.68 60.85 38.47
N LEU G 40 27.65 60.07 38.82
CA LEU G 40 26.40 60.66 39.30
C LEU G 40 26.62 61.38 40.63
N THR G 41 27.40 60.79 41.53
CA THR G 41 27.66 61.46 42.80
C THR G 41 28.38 62.78 42.60
N LEU G 42 29.45 62.79 41.80
CA LEU G 42 30.20 64.01 41.56
C LEU G 42 29.37 65.04 40.79
N GLY G 43 28.53 64.58 39.86
CA GLY G 43 27.66 65.51 39.16
C GLY G 43 26.62 66.13 40.08
N PHE G 44 26.10 65.35 41.02
CA PHE G 44 25.18 65.91 42.00
C PHE G 44 25.87 66.98 42.83
N ILE G 45 27.09 66.70 43.29
CA ILE G 45 27.83 67.69 44.08
C ILE G 45 28.07 68.96 43.24
N THR G 46 28.52 68.78 42.00
CA THR G 46 28.80 69.90 41.13
C THR G 46 27.56 70.76 40.91
N TYR G 47 26.46 70.14 40.50
CA TYR G 47 25.26 70.91 40.23
C TYR G 47 24.74 71.58 41.48
N GLY G 48 24.88 70.94 42.64
CA GLY G 48 24.48 71.60 43.88
C GLY G 48 25.27 72.86 44.13
N TRP G 49 26.59 72.79 43.98
CA TRP G 49 27.40 73.98 44.16
C TRP G 49 27.04 75.08 43.15
N LEU G 50 26.88 74.71 41.89
CA LEU G 50 26.56 75.70 40.87
C LEU G 50 25.21 76.36 41.13
N ILE G 51 24.21 75.59 41.55
CA ILE G 51 22.90 76.20 41.78
C ILE G 51 22.92 77.09 43.01
N ILE G 52 23.65 76.68 44.06
CA ILE G 52 23.71 77.53 45.24
C ILE G 52 24.60 78.74 45.02
N ARG G 53 25.43 78.73 43.96
CA ARG G 53 26.27 79.89 43.61
C ARG G 53 26.11 80.19 42.11
N GLY G 54 25.08 80.95 41.78
CA GLY G 54 24.98 81.50 40.44
C GLY G 54 23.82 81.05 39.57
N ALA G 55 23.49 79.76 39.60
CA ALA G 55 22.47 79.25 38.69
C ALA G 55 21.08 79.40 39.31
N VAL G 56 20.07 79.24 38.46
CA VAL G 56 18.68 79.27 38.93
C VAL G 56 18.39 78.01 39.73
N GLU G 57 17.84 78.17 40.93
CA GLU G 57 17.67 77.05 41.83
C GLU G 57 16.44 77.23 42.70
N MET G 58 15.78 76.11 43.01
CA MET G 58 14.86 76.01 44.13
C MET G 58 15.51 75.10 45.14
N PRO G 59 16.11 75.64 46.20
CA PRO G 59 17.16 74.92 46.92
C PRO G 59 16.73 73.60 47.55
N VAL G 60 15.68 73.64 48.36
CA VAL G 60 15.35 72.50 49.22
C VAL G 60 14.26 71.63 48.62
N ALA G 61 13.27 72.20 47.95
CA ALA G 61 12.18 71.38 47.43
C ALA G 61 12.55 70.76 46.09
N GLU G 62 12.77 71.60 45.08
CA GLU G 62 12.91 71.08 43.72
C GLU G 62 14.20 70.30 43.54
N PHE G 63 15.31 70.83 44.02
CA PHE G 63 16.58 70.14 43.79
C PHE G 63 16.61 68.80 44.51
N LEU G 64 16.23 68.78 45.78
CA LEU G 64 16.23 67.51 46.51
C LEU G 64 15.25 66.52 45.93
N ASN G 65 14.05 66.98 45.57
CA ASN G 65 13.05 66.07 45.00
C ASN G 65 13.51 65.50 43.67
N ARG G 66 14.07 66.34 42.79
CA ARG G 66 14.54 65.86 41.50
C ARG G 66 15.71 64.90 41.66
N CYS G 67 16.63 65.21 42.58
CA CYS G 67 17.73 64.29 42.85
C CYS G 67 17.20 62.96 43.35
N LEU G 68 16.17 62.99 44.19
CA LEU G 68 15.59 61.74 44.68
C LEU G 68 14.96 60.95 43.54
N ARG G 69 14.25 61.61 42.64
CA ARG G 69 13.65 60.89 41.52
C ARG G 69 14.73 60.24 40.67
N ILE G 70 15.77 60.99 40.32
CA ILE G 70 16.84 60.44 39.50
C ILE G 70 17.50 59.27 40.23
N GLY G 71 17.73 59.42 41.53
CA GLY G 71 18.42 58.37 42.26
C GLY G 71 17.60 57.10 42.34
N ILE G 72 16.31 57.22 42.60
CA ILE G 72 15.46 56.03 42.67
C ILE G 72 15.38 55.34 41.32
N ILE G 73 15.19 56.11 40.24
CA ILE G 73 15.12 55.50 38.94
C ILE G 73 16.43 54.81 38.58
N VAL G 74 17.57 55.44 38.85
CA VAL G 74 18.85 54.83 38.52
C VAL G 74 19.09 53.61 39.39
N SER G 75 18.70 53.64 40.66
CA SER G 75 18.88 52.48 41.52
C SER G 75 18.06 51.30 41.02
N ILE G 76 16.81 51.54 40.63
CA ILE G 76 15.99 50.46 40.10
C ILE G 76 16.61 49.93 38.80
N ALA G 77 17.02 50.83 37.91
CA ALA G 77 17.58 50.39 36.64
C ALA G 77 18.87 49.61 36.82
N LEU G 78 19.67 49.98 37.81
CA LEU G 78 20.88 49.25 38.14
C LEU G 78 20.62 47.98 38.91
N ALA G 79 19.44 47.84 39.51
CA ALA G 79 19.04 46.57 40.09
C ALA G 79 18.85 45.50 39.03
N GLY G 80 18.80 45.89 37.76
CA GLY G 80 18.86 44.92 36.69
C GLY G 80 20.13 44.11 36.68
N GLY G 81 21.17 44.59 37.37
CA GLY G 81 22.41 43.83 37.45
C GLY G 81 22.23 42.48 38.15
N LEU G 82 21.08 42.27 38.76
CA LEU G 82 20.72 40.98 39.33
C LEU G 82 19.92 40.14 38.34
N TYR G 83 20.47 40.00 37.12
CA TYR G 83 19.73 39.35 36.04
C TYR G 83 19.48 37.87 36.30
N GLN G 84 20.47 37.18 36.85
CA GLN G 84 20.33 35.74 37.05
C GLN G 84 19.13 35.43 37.93
N GLY G 85 18.84 36.31 38.88
CA GLY G 85 17.65 36.11 39.70
C GLY G 85 16.39 36.04 38.86
N GLU G 86 16.22 36.98 37.92
CA GLU G 86 14.98 36.99 37.16
C GLU G 86 14.95 35.88 36.11
N ILE G 87 16.12 35.53 35.55
CA ILE G 87 16.11 34.44 34.57
C ILE G 87 15.72 33.13 35.26
N ALA G 88 16.27 32.88 36.45
CA ALA G 88 15.85 31.72 37.22
C ALA G 88 14.39 31.84 37.62
N ASN G 89 13.91 33.06 37.89
CA ASN G 89 12.52 33.26 38.24
C ASN G 89 11.60 32.78 37.12
N ALA G 90 11.93 33.11 35.88
CA ALA G 90 11.09 32.68 34.77
C ALA G 90 11.17 31.16 34.56
N ILE G 91 12.41 30.64 34.55
CA ILE G 91 12.62 29.22 34.30
C ILE G 91 12.00 28.37 35.40
N THR G 92 11.77 28.93 36.57
CA THR G 92 11.05 28.21 37.62
C THR G 92 9.57 28.56 37.69
N THR G 93 9.17 29.69 37.13
CA THR G 93 7.74 30.01 37.07
C THR G 93 7.02 29.04 36.17
N VAL G 94 7.66 28.63 35.07
CA VAL G 94 7.01 27.66 34.18
C VAL G 94 6.70 26.34 34.89
N PRO G 95 7.66 25.65 35.52
CA PRO G 95 7.34 24.33 36.09
C PRO G 95 6.44 24.38 37.29
N ASP G 96 6.63 25.35 38.18
CA ASP G 96 5.80 25.42 39.38
C ASP G 96 4.34 25.53 39.01
N GLU G 97 4.02 26.36 38.02
CA GLU G 97 2.63 26.54 37.65
C GLU G 97 2.12 25.34 36.86
N LEU G 98 2.92 24.82 35.93
CA LEU G 98 2.38 23.74 35.11
C LEU G 98 2.27 22.43 35.88
N ALA G 99 2.98 22.33 37.01
CA ALA G 99 3.07 21.06 37.73
C ALA G 99 1.76 20.66 38.39
N SER G 100 1.26 21.45 39.33
CA SER G 100 0.12 21.06 40.14
C SER G 100 -0.88 22.18 40.40
N ALA G 101 -0.76 23.31 39.70
CA ALA G 101 -1.68 24.42 39.93
C ALA G 101 -3.12 24.03 39.54
N LEU G 102 -3.27 23.37 38.40
CA LEU G 102 -4.58 22.93 37.94
C LEU G 102 -4.70 21.42 37.78
N LEU G 103 -3.58 20.69 37.73
CA LEU G 103 -3.65 19.23 37.60
C LEU G 103 -4.27 18.60 38.82
N GLY G 104 -3.93 19.09 40.02
CA GLY G 104 -4.44 18.50 41.23
C GLY G 104 -3.82 17.18 41.60
N ASN G 105 -2.62 16.88 41.09
CA ASN G 105 -1.93 15.64 41.40
C ASN G 105 -0.63 15.95 42.14
N PRO G 106 -0.26 15.17 43.14
CA PRO G 106 1.00 15.44 43.85
C PRO G 106 2.19 15.39 42.91
N THR G 107 3.12 16.32 43.10
CA THR G 107 4.24 16.51 42.19
C THR G 107 5.53 16.19 42.90
N GLN G 108 6.36 15.36 42.25
CA GLN G 108 7.68 15.05 42.81
C GLN G 108 8.64 16.22 42.61
N GLY G 109 8.27 17.16 41.74
CA GLY G 109 9.13 18.29 41.45
C GLY G 109 9.59 18.34 40.01
N ALA G 110 8.75 17.83 39.11
CA ALA G 110 9.09 17.77 37.70
C ALA G 110 8.97 19.16 37.08
N SER G 111 9.19 19.26 35.77
CA SER G 111 9.13 20.52 35.05
C SER G 111 8.12 20.39 33.93
N ALA G 112 7.83 21.52 33.28
CA ALA G 112 6.88 21.52 32.18
C ALA G 112 7.36 20.64 31.04
N ALA G 113 8.63 20.78 30.67
CA ALA G 113 9.20 19.94 29.64
C ALA G 113 9.08 18.46 30.00
N ALA G 114 9.23 18.14 31.28
CA ALA G 114 9.12 16.76 31.72
C ALA G 114 7.73 16.21 31.44
N LEU G 115 6.68 16.94 31.83
CA LEU G 115 5.33 16.43 31.65
C LEU G 115 4.98 16.34 30.17
N VAL G 116 5.38 17.33 29.37
CA VAL G 116 5.15 17.25 27.94
C VAL G 116 5.84 16.01 27.37
N ASP G 117 7.06 15.75 27.83
CA ASP G 117 7.80 14.59 27.35
C ASP G 117 7.09 13.29 27.72
N GLN G 118 6.59 13.18 28.94
CA GLN G 118 5.93 11.95 29.34
C GLN G 118 4.66 11.69 28.53
N SER G 119 3.83 12.72 28.36
CA SER G 119 2.60 12.51 27.61
C SER G 119 2.90 12.21 26.14
N ALA G 120 3.84 12.93 25.55
CA ALA G 120 4.23 12.63 24.17
C ALA G 120 4.84 11.25 24.06
N GLN G 121 5.51 10.78 25.11
CA GLN G 121 6.03 9.42 25.12
C GLN G 121 4.90 8.41 25.09
N GLN G 122 3.83 8.66 25.85
CA GLN G 122 2.69 7.76 25.79
C GLN G 122 2.13 7.68 24.37
N GLY G 123 1.94 8.84 23.75
CA GLY G 123 1.42 8.85 22.39
C GLY G 123 2.33 8.12 21.42
N PHE G 124 3.63 8.39 21.50
CA PHE G 124 4.57 7.78 20.58
C PHE G 124 4.74 6.30 20.83
N ASP G 125 4.56 5.86 22.08
CA ASP G 125 4.57 4.43 22.36
C ASP G 125 3.39 3.74 21.71
N ARG G 126 2.22 4.38 21.73
CA ARG G 126 1.03 3.81 21.04
C ARG G 126 1.30 3.75 19.54
N ALA G 127 1.93 4.79 18.99
CA ALA G 127 2.29 4.78 17.57
C ALA G 127 3.29 3.67 17.26
N SER G 128 4.24 3.45 18.16
CA SER G 128 5.23 2.40 17.95
C SER G 128 4.58 1.02 17.98
N GLU G 129 3.61 0.82 18.86
CA GLU G 129 2.89 -0.44 18.88
C GLU G 129 2.12 -0.64 17.58
N ALA G 130 1.53 0.43 17.06
CA ALA G 130 0.87 0.34 15.76
C ALA G 130 1.85 -0.04 14.66
N PHE G 131 3.05 0.54 14.69
CA PHE G 131 4.07 0.19 13.71
C PHE G 131 4.48 -1.27 13.85
N GLU G 132 4.58 -1.76 15.08
CA GLU G 132 4.92 -3.16 15.30
C GLU G 132 3.86 -4.07 14.72
N GLU G 133 2.58 -3.73 14.92
CA GLU G 133 1.51 -4.52 14.33
C GLU G 133 1.58 -4.47 12.81
N ALA G 134 1.93 -3.32 12.26
CA ALA G 134 2.13 -3.22 10.81
C ALA G 134 3.24 -4.15 10.36
N GLY G 135 4.31 -4.25 11.14
CA GLY G 135 5.38 -5.16 10.82
C GLY G 135 4.95 -6.61 10.86
N PHE G 136 4.06 -6.95 11.79
CA PHE G 136 3.59 -8.33 11.89
C PHE G 136 2.85 -8.76 10.64
N PHE G 137 1.86 -7.98 10.22
CA PHE G 137 1.14 -8.26 8.98
C PHE G 137 1.93 -7.68 7.83
N SER G 138 2.67 -8.53 7.10
CA SER G 138 3.53 -8.05 6.04
C SER G 138 2.74 -7.26 5.02
N SER G 139 1.84 -7.92 4.30
CA SER G 139 0.77 -7.23 3.61
C SER G 139 -0.46 -7.20 4.52
N ASP G 140 -1.43 -6.38 4.17
CA ASP G 140 -2.57 -6.10 5.04
C ASP G 140 -2.10 -5.55 6.37
N GLY G 141 -1.01 -4.80 6.36
CA GLY G 141 -0.47 -4.25 7.58
C GLY G 141 -0.26 -2.76 7.52
N LEU G 142 -0.30 -2.20 6.31
CA LEU G 142 -0.10 -0.77 6.18
C LEU G 142 -1.25 0.03 6.76
N LEU G 143 -2.39 -0.61 7.01
CA LEU G 143 -3.45 0.06 7.77
C LEU G 143 -2.95 0.43 9.15
N TYR G 144 -2.21 -0.47 9.79
CA TYR G 144 -1.62 -0.15 11.09
C TYR G 144 -0.55 0.91 10.96
N GLY G 145 0.16 0.95 9.83
CA GLY G 145 1.09 2.05 9.60
C GLY G 145 0.38 3.39 9.53
N LEU G 146 -0.77 3.43 8.86
CA LEU G 146 -1.55 4.67 8.81
C LEU G 146 -2.06 5.05 10.20
N PHE G 147 -2.49 4.06 10.98
CA PHE G 147 -2.89 4.33 12.35
C PHE G 147 -1.75 4.96 13.14
N GLY G 148 -0.55 4.38 13.01
CA GLY G 148 0.59 4.92 13.71
C GLY G 148 0.95 6.31 13.26
N ILE G 149 0.85 6.57 11.95
CA ILE G 149 1.13 7.92 11.44
C ILE G 149 0.14 8.92 12.02
N ILE G 150 -1.15 8.55 12.09
CA ILE G 150 -2.14 9.45 12.64
C ILE G 150 -1.85 9.74 14.11
N ILE G 151 -1.57 8.70 14.88
CA ILE G 151 -1.28 8.87 16.30
C ILE G 151 -0.05 9.77 16.48
N LEU G 152 0.99 9.50 15.70
CA LEU G 152 2.23 10.25 15.79
C LEU G 152 2.00 11.71 15.46
N LEU G 153 1.24 11.98 14.39
CA LEU G 153 1.01 13.36 13.98
C LEU G 153 0.19 14.10 15.02
N ALA G 154 -0.86 13.48 15.56
CA ALA G 154 -1.68 14.15 16.56
C ALA G 154 -0.86 14.49 17.79
N THR G 155 -0.16 13.51 18.35
CA THR G 155 0.65 13.74 19.53
C THR G 155 1.71 14.80 19.27
N GLY G 156 2.42 14.66 18.16
CA GLY G 156 3.49 15.59 17.87
C GLY G 156 3.01 17.00 17.68
N LEU G 157 1.86 17.17 17.01
CA LEU G 157 1.43 18.52 16.70
C LEU G 157 0.92 19.22 17.95
N LEU G 158 0.20 18.49 18.81
CA LEU G 158 -0.23 19.07 20.08
C LEU G 158 0.97 19.49 20.91
N ALA G 159 1.92 18.56 21.12
CA ALA G 159 3.09 18.87 21.92
C ALA G 159 3.87 20.02 21.32
N ALA G 160 3.98 20.05 20.00
CA ALA G 160 4.79 21.08 19.35
C ALA G 160 4.18 22.45 19.52
N ILE G 161 2.86 22.59 19.30
CA ILE G 161 2.23 23.89 19.48
C ILE G 161 2.42 24.38 20.90
N GLY G 162 2.10 23.54 21.89
CA GLY G 162 2.22 23.98 23.26
C GLY G 162 3.64 24.35 23.65
N GLY G 163 4.59 23.47 23.35
CA GLY G 163 5.96 23.72 23.72
C GLY G 163 6.55 24.91 23.01
N ALA G 164 6.13 25.16 21.77
CA ALA G 164 6.67 26.29 21.03
C ALA G 164 6.17 27.59 21.60
N PHE G 165 4.91 27.65 22.04
CA PHE G 165 4.48 28.88 22.69
C PHE G 165 5.14 29.07 24.05
N LEU G 166 5.40 27.99 24.78
CA LEU G 166 6.17 28.12 26.00
C LEU G 166 7.56 28.68 25.71
N LEU G 167 8.20 28.18 24.65
CA LEU G 167 9.52 28.66 24.27
C LEU G 167 9.47 30.13 23.88
N LEU G 168 8.45 30.54 23.13
CA LEU G 168 8.32 31.94 22.75
C LEU G 168 8.20 32.82 23.97
N ALA G 169 7.37 32.40 24.93
CA ALA G 169 7.22 33.18 26.15
C ALA G 169 8.54 33.30 26.89
N LYS G 170 9.27 32.20 27.02
CA LYS G 170 10.52 32.24 27.78
C LYS G 170 11.55 33.12 27.09
N ILE G 171 11.70 32.98 25.78
CA ILE G 171 12.67 33.80 25.05
C ILE G 171 12.31 35.27 25.14
N ALA G 172 11.02 35.59 24.95
CA ALA G 172 10.60 36.99 25.00
C ALA G 172 10.85 37.57 26.38
N LEU G 173 10.55 36.81 27.43
CA LEU G 173 10.78 37.32 28.78
C LEU G 173 12.26 37.51 29.04
N ALA G 174 13.11 36.62 28.52
CA ALA G 174 14.54 36.80 28.70
C ALA G 174 15.03 38.06 28.02
N LEU G 175 14.62 38.30 26.78
CA LEU G 175 15.02 39.52 26.09
C LEU G 175 14.52 40.76 26.81
N LEU G 176 13.26 40.74 27.25
CA LEU G 176 12.72 41.91 27.94
C LEU G 176 13.45 42.17 29.25
N ALA G 177 13.73 41.12 30.02
CA ALA G 177 14.47 41.31 31.25
C ALA G 177 15.86 41.85 30.98
N GLY G 178 16.51 41.36 29.92
CA GLY G 178 17.83 41.87 29.59
C GLY G 178 17.82 43.33 29.20
N LEU G 179 16.83 43.75 28.44
CA LEU G 179 16.73 45.13 28.00
C LEU G 179 15.98 46.02 28.99
N GLY G 180 15.59 45.47 30.13
CA GLY G 180 14.86 46.21 31.13
C GLY G 180 15.49 47.52 31.61
N PRO G 181 16.78 47.51 31.95
CA PRO G 181 17.39 48.75 32.45
C PRO G 181 17.29 49.92 31.49
N LEU G 182 17.42 49.67 30.18
CA LEU G 182 17.34 50.76 29.22
C LEU G 182 15.97 51.41 29.25
N PHE G 183 14.94 50.64 29.56
CA PHE G 183 13.59 51.17 29.60
C PHE G 183 13.18 51.68 30.97
N ILE G 184 13.87 51.23 32.03
CA ILE G 184 13.66 51.81 33.34
C ILE G 184 14.35 53.16 33.48
N LEU G 185 15.49 53.35 32.81
CA LEU G 185 16.08 54.67 32.69
C LEU G 185 15.24 55.61 31.85
N ALA G 186 14.25 55.09 31.13
CA ALA G 186 13.42 55.91 30.27
C ALA G 186 12.36 56.68 31.03
N LEU G 187 12.23 56.45 32.34
CA LEU G 187 11.33 57.22 33.17
C LEU G 187 11.92 58.55 33.61
N ILE G 188 13.21 58.77 33.34
CA ILE G 188 13.87 60.01 33.76
C ILE G 188 13.30 61.19 33.00
N TRP G 189 13.10 61.04 31.69
CA TRP G 189 12.64 62.13 30.83
C TRP G 189 11.21 61.87 30.37
N GLN G 190 10.42 62.94 30.30
CA GLN G 190 9.03 62.79 29.88
C GLN G 190 8.87 62.24 28.48
N PRO G 191 9.60 62.67 27.45
CA PRO G 191 9.39 62.11 26.11
C PRO G 191 9.63 60.61 26.03
N THR G 192 10.54 60.08 26.83
CA THR G 192 10.86 58.66 26.78
C THR G 192 9.99 57.81 27.69
N HIS G 193 8.94 58.38 28.28
CA HIS G 193 8.05 57.63 29.15
C HIS G 193 7.29 56.55 28.37
N ARG G 194 6.92 56.85 27.13
CA ARG G 194 6.16 55.89 26.35
C ARG G 194 6.94 54.62 26.11
N PHE G 195 8.26 54.71 26.08
CA PHE G 195 9.08 53.51 25.91
C PHE G 195 8.89 52.57 27.09
N PHE G 196 8.91 53.12 28.31
CA PHE G 196 8.69 52.28 29.47
C PHE G 196 7.28 51.73 29.50
N ASP G 197 6.31 52.53 29.07
CA ASP G 197 4.93 52.04 29.02
C ASP G 197 4.81 50.83 28.09
N GLN G 198 5.42 50.93 26.91
CA GLN G 198 5.35 49.83 25.95
C GLN G 198 6.11 48.60 26.45
N TRP G 199 7.27 48.81 27.06
CA TRP G 199 8.02 47.70 27.61
C TRP G 199 7.23 46.98 28.69
N ALA G 200 6.57 47.74 29.57
CA ALA G 200 5.76 47.13 30.61
C ALA G 200 4.58 46.38 30.01
N GLN G 201 3.96 46.93 28.98
CA GLN G 201 2.84 46.24 28.36
C GLN G 201 3.28 44.91 27.76
N GLN G 202 4.44 44.88 27.11
CA GLN G 202 4.91 43.63 26.55
C GLN G 202 5.30 42.63 27.62
N VAL G 203 5.88 43.11 28.72
CA VAL G 203 6.19 42.22 29.83
C VAL G 203 4.92 41.58 30.36
N LEU G 204 3.87 42.38 30.54
CA LEU G 204 2.60 41.85 31.01
C LEU G 204 2.02 40.86 30.00
N ASN G 205 2.12 41.17 28.71
CA ASN G 205 1.63 40.28 27.68
C ASN G 205 2.27 38.91 27.78
N TYR G 206 3.59 38.86 27.81
CA TYR G 206 4.25 37.56 27.79
C TYR G 206 4.17 36.85 29.13
N GLY G 207 4.07 37.59 30.23
CA GLY G 207 3.80 36.95 31.50
C GLY G 207 2.44 36.27 31.53
N LEU G 208 1.41 36.95 31.04
CA LEU G 208 0.10 36.33 30.97
C LEU G 208 0.12 35.15 30.03
N LEU G 209 0.84 35.26 28.92
CA LEU G 209 0.98 34.14 28.00
C LEU G 209 1.59 32.94 28.71
N ILE G 210 2.66 33.14 29.46
CA ILE G 210 3.36 32.02 30.07
C ILE G 210 2.49 31.40 31.15
N VAL G 211 1.76 32.22 31.90
CA VAL G 211 0.84 31.70 32.91
C VAL G 211 -0.24 30.84 32.27
N LEU G 212 -0.92 31.39 31.26
CA LEU G 212 -2.03 30.68 30.64
C LEU G 212 -1.56 29.39 29.98
N PHE G 213 -0.45 29.45 29.25
CA PHE G 213 0.02 28.24 28.57
C PHE G 213 0.50 27.20 29.56
N ALA G 214 1.26 27.61 30.57
CA ALA G 214 1.63 26.66 31.62
C ALA G 214 0.41 25.91 32.12
N ALA G 215 -0.57 26.64 32.65
CA ALA G 215 -1.72 25.99 33.27
C ALA G 215 -2.49 25.12 32.27
N VAL G 216 -3.02 25.75 31.22
CA VAL G 216 -3.92 25.04 30.32
C VAL G 216 -3.20 23.94 29.57
N PHE G 217 -1.99 24.19 29.10
CA PHE G 217 -1.23 23.17 28.39
C PHE G 217 -0.92 22.00 29.29
N GLY G 218 -0.56 22.24 30.56
CA GLY G 218 -0.33 21.14 31.45
C GLY G 218 -1.58 20.29 31.62
N LEU G 219 -2.72 20.93 31.85
CA LEU G 219 -3.95 20.17 32.03
C LEU G 219 -4.29 19.36 30.79
N LEU G 220 -4.28 20.00 29.63
CA LEU G 220 -4.68 19.34 28.39
C LEU G 220 -3.71 18.22 28.03
N MET G 221 -2.42 18.45 28.21
CA MET G 221 -1.45 17.46 27.80
C MET G 221 -1.46 16.27 28.75
N GLN G 222 -1.74 16.50 30.04
CA GLN G 222 -1.93 15.38 30.96
C GLN G 222 -3.16 14.56 30.60
N ILE G 223 -4.25 15.22 30.23
CA ILE G 223 -5.45 14.48 29.82
C ILE G 223 -5.15 13.63 28.60
N PHE G 224 -4.49 14.22 27.61
CA PHE G 224 -4.13 13.49 26.39
C PHE G 224 -3.21 12.32 26.70
N GLY G 225 -2.24 12.55 27.59
CA GLY G 225 -1.32 11.47 27.94
C GLY G 225 -2.03 10.31 28.62
N SER G 226 -2.95 10.61 29.54
CA SER G 226 -3.69 9.53 30.19
C SER G 226 -4.53 8.76 29.18
N TYR G 227 -5.23 9.48 28.30
CA TYR G 227 -6.05 8.82 27.29
C TYR G 227 -5.20 7.91 26.41
N MET G 228 -4.06 8.39 25.95
CA MET G 228 -3.22 7.57 25.10
C MET G 228 -2.59 6.43 25.87
N ALA G 229 -2.34 6.61 27.16
CA ALA G 229 -1.80 5.54 27.97
C ALA G 229 -2.79 4.41 28.17
N ASP G 230 -4.09 4.71 28.06
CA ASP G 230 -5.09 3.65 28.13
C ASP G 230 -5.28 2.92 26.80
N LEU G 231 -4.82 3.50 25.69
CA LEU G 231 -5.09 2.93 24.37
C LEU G 231 -4.37 1.59 24.18
N ARG G 232 -5.06 0.64 23.57
CA ARG G 232 -4.53 -0.69 23.35
C ARG G 232 -5.10 -1.27 22.06
N PHE G 233 -4.26 -1.99 21.31
CA PHE G 233 -4.71 -2.72 20.13
C PHE G 233 -5.05 -4.17 20.46
N ASP G 234 -5.87 -4.37 21.49
CA ASP G 234 -6.33 -5.69 21.82
C ASP G 234 -7.63 -5.98 21.08
N GLY G 235 -8.21 -7.13 21.33
CA GLY G 235 -9.47 -7.43 20.69
C GLY G 235 -10.67 -6.81 21.33
N ALA G 236 -10.49 -6.04 22.40
CA ALA G 236 -11.60 -5.52 23.19
C ALA G 236 -11.90 -4.05 22.95
N GLN G 237 -10.99 -3.29 22.36
CA GLN G 237 -11.23 -1.89 22.08
C GLN G 237 -11.43 -1.67 20.58
N ASN G 238 -12.36 -0.79 20.25
CA ASN G 238 -12.59 -0.41 18.87
C ASN G 238 -11.47 0.50 18.41
N VAL G 239 -10.79 0.09 17.33
CA VAL G 239 -9.68 0.90 16.82
C VAL G 239 -10.18 2.25 16.36
N ALA G 240 -11.32 2.28 15.67
CA ALA G 240 -11.87 3.54 15.20
C ALA G 240 -12.19 4.47 16.37
N TYR G 241 -12.81 3.94 17.43
CA TYR G 241 -13.13 4.77 18.58
C TYR G 241 -11.87 5.37 19.20
N ALA G 242 -10.84 4.55 19.37
CA ALA G 242 -9.63 5.02 20.02
C ALA G 242 -8.91 6.08 19.19
N ILE G 243 -8.72 5.81 17.90
CA ILE G 243 -8.03 6.78 17.05
C ILE G 243 -8.84 8.06 16.93
N GLY G 244 -10.17 7.94 16.83
CA GLY G 244 -11.00 9.13 16.77
C GLY G 244 -10.94 9.94 18.04
N GLY G 245 -10.95 9.28 19.19
CA GLY G 245 -10.78 10.01 20.43
C GLY G 245 -9.45 10.72 20.50
N SER G 246 -8.40 10.06 20.01
CA SER G 246 -7.09 10.68 19.98
C SER G 246 -7.10 11.95 19.15
N VAL G 247 -7.63 11.88 17.92
CA VAL G 247 -7.61 13.05 17.06
C VAL G 247 -8.52 14.15 17.60
N ILE G 248 -9.65 13.77 18.19
CA ILE G 248 -10.54 14.77 18.75
C ILE G 248 -9.88 15.49 19.91
N LEU G 249 -9.24 14.75 20.82
CA LEU G 249 -8.54 15.39 21.93
C LEU G 249 -7.44 16.30 21.41
N SER G 250 -6.67 15.83 20.44
CA SER G 250 -5.60 16.64 19.89
C SER G 250 -6.13 17.95 19.34
N ILE G 251 -7.08 17.86 18.40
CA ILE G 251 -7.60 19.10 17.74
C ILE G 251 -8.25 20.00 18.79
N VAL G 252 -8.97 19.42 19.75
CA VAL G 252 -9.66 20.24 20.80
C VAL G 252 -8.59 21.04 21.54
N SER G 253 -7.49 20.36 21.92
CA SER G 253 -6.39 21.04 22.64
C SER G 253 -5.73 22.08 21.73
N ILE G 254 -5.50 21.76 20.46
CA ILE G 254 -4.78 22.69 19.55
C ILE G 254 -5.56 24.00 19.41
N VAL G 255 -6.88 23.92 19.22
CA VAL G 255 -7.65 25.17 18.96
C VAL G 255 -7.81 25.94 20.28
N LEU G 256 -8.11 25.26 21.39
CA LEU G 256 -8.15 25.97 22.67
C LEU G 256 -6.86 26.73 22.91
N LEU G 257 -5.72 26.09 22.66
CA LEU G 257 -4.44 26.77 22.87
C LEU G 257 -4.29 27.93 21.90
N MET G 258 -4.76 27.76 20.66
CA MET G 258 -4.64 28.83 19.68
C MET G 258 -5.40 30.07 20.10
N GLN G 259 -6.50 29.91 20.83
CA GLN G 259 -7.21 31.10 21.32
C GLN G 259 -6.40 31.86 22.37
N LEU G 260 -5.49 31.20 23.06
CA LEU G 260 -4.83 31.82 24.21
C LEU G 260 -3.96 33.03 23.88
N PRO G 261 -3.13 33.04 22.83
CA PRO G 261 -2.32 34.24 22.58
C PRO G 261 -3.13 35.50 22.39
N SER G 262 -4.26 35.40 21.70
CA SER G 262 -5.12 36.55 21.54
C SER G 262 -5.66 37.02 22.87
N ILE G 263 -6.02 36.08 23.75
CA ILE G 263 -6.53 36.44 25.06
C ILE G 263 -5.48 37.18 25.87
N ALA G 264 -4.24 36.68 25.84
CA ALA G 264 -3.17 37.32 26.61
C ALA G 264 -2.90 38.72 26.09
N SER G 265 -2.79 38.87 24.77
CA SER G 265 -2.54 40.19 24.20
C SER G 265 -3.70 41.13 24.49
N GLY G 266 -4.93 40.63 24.43
CA GLY G 266 -6.08 41.47 24.71
C GLY G 266 -6.13 41.93 26.14
N LEU G 267 -5.80 41.05 27.09
CA LEU G 267 -5.78 41.47 28.48
C LEU G 267 -4.69 42.50 28.72
N ALA G 268 -3.51 42.29 28.15
CA ALA G 268 -2.44 43.27 28.31
C ALA G 268 -2.85 44.62 27.74
N GLY G 269 -3.52 44.62 26.59
CA GLY G 269 -4.02 45.87 26.04
C GLY G 269 -5.13 46.48 26.88
N GLY G 270 -5.96 45.63 27.48
CA GLY G 270 -7.05 46.14 28.28
C GLY G 270 -6.57 46.85 29.53
N ILE G 271 -5.57 46.29 30.21
CA ILE G 271 -4.91 47.05 31.25
C ILE G 271 -4.24 48.25 30.61
N GLY G 272 -4.51 49.44 31.15
CA GLY G 272 -4.08 50.68 30.51
C GLY G 272 -2.61 50.77 30.20
N LEU G 273 -1.78 50.86 31.23
CA LEU G 273 -0.33 50.95 31.08
C LEU G 273 0.07 52.06 30.12
N ALA H 2 26.02 16.60 -3.50
CA ALA H 2 25.52 17.18 -2.26
C ALA H 2 24.24 17.94 -2.50
N PHE H 3 23.58 18.35 -1.42
CA PHE H 3 22.33 19.10 -1.52
C PHE H 3 22.67 20.58 -1.55
N GLU H 4 22.40 21.22 -2.69
CA GLU H 4 22.66 22.65 -2.88
C GLU H 4 21.43 23.22 -3.56
N LEU H 5 20.53 23.78 -2.77
CA LEU H 5 19.34 24.43 -3.30
C LEU H 5 19.24 25.90 -2.93
N PHE H 6 19.54 26.25 -1.68
CA PHE H 6 19.40 27.65 -1.26
C PHE H 6 20.52 28.52 -1.77
N THR H 7 21.73 28.00 -1.90
CA THR H 7 22.80 28.79 -2.49
C THR H 7 22.51 29.18 -3.94
N PRO H 8 22.16 28.26 -4.84
CA PRO H 8 21.83 28.70 -6.21
C PRO H 8 20.61 29.61 -6.27
N LEU H 9 19.59 29.34 -5.46
CA LEU H 9 18.39 30.17 -5.50
C LEU H 9 18.69 31.59 -5.01
N PHE H 10 19.45 31.70 -3.94
CA PHE H 10 19.82 33.02 -3.44
C PHE H 10 20.69 33.76 -4.46
N ASN H 11 21.61 33.05 -5.10
CA ASN H 11 22.43 33.71 -6.12
C ASN H 11 21.58 34.17 -7.30
N LYS H 12 20.60 33.36 -7.70
CA LYS H 12 19.72 33.75 -8.79
C LYS H 12 18.93 35.01 -8.43
N ILE H 13 18.34 35.02 -7.24
CA ILE H 13 17.55 36.16 -6.82
C ILE H 13 18.43 37.39 -6.69
N ASP H 14 19.66 37.22 -6.21
CA ASP H 14 20.57 38.34 -6.06
C ASP H 14 20.99 38.91 -7.42
N GLN H 15 21.27 38.03 -8.38
CA GLN H 15 21.60 38.53 -9.72
C GLN H 15 20.44 39.26 -10.35
N THR H 16 19.23 38.71 -10.22
CA THR H 16 18.06 39.38 -10.76
C THR H 16 17.87 40.75 -10.11
N THR H 17 17.93 40.79 -8.77
CA THR H 17 17.72 42.04 -8.06
C THR H 17 18.79 43.05 -8.41
N ALA H 18 20.05 42.63 -8.50
CA ALA H 18 21.09 43.53 -8.96
C ALA H 18 20.73 44.10 -10.32
N THR H 19 20.68 43.24 -11.34
CA THR H 19 20.55 43.70 -12.72
C THR H 19 19.32 44.57 -12.93
N TYR H 20 18.26 44.37 -12.15
CA TYR H 20 17.04 45.14 -12.39
C TYR H 20 16.88 46.30 -11.40
N VAL H 21 16.84 46.02 -10.11
CA VAL H 21 16.61 47.09 -9.15
C VAL H 21 17.85 47.96 -8.99
N THR H 22 19.02 47.35 -8.78
CA THR H 22 20.17 48.12 -8.33
C THR H 22 20.87 48.82 -9.47
N ASP H 23 21.14 48.10 -10.57
CA ASP H 23 21.88 48.69 -11.66
C ASP H 23 21.12 49.82 -12.33
N ILE H 24 19.80 49.68 -12.46
CA ILE H 24 19.01 50.75 -13.05
C ILE H 24 19.10 52.01 -12.19
N SER H 25 18.99 51.86 -10.88
CA SER H 25 19.08 53.02 -10.01
C SER H 25 20.45 53.66 -10.08
N SER H 26 21.50 52.84 -10.06
CA SER H 26 22.86 53.39 -10.13
C SER H 26 23.06 54.14 -11.43
N ARG H 27 22.62 53.56 -12.55
CA ARG H 27 22.80 54.22 -13.84
C ARG H 27 22.00 55.51 -13.92
N ALA H 28 20.77 55.51 -13.40
CA ALA H 28 19.96 56.71 -13.45
C ALA H 28 20.58 57.84 -12.65
N ILE H 29 21.01 57.55 -11.42
CA ILE H 29 21.61 58.58 -10.60
C ILE H 29 22.92 59.07 -11.22
N ALA H 30 23.72 58.15 -11.75
CA ALA H 30 24.98 58.54 -12.37
C ALA H 30 24.73 59.42 -13.59
N ALA H 31 23.67 59.13 -14.34
CA ALA H 31 23.35 59.94 -15.53
C ALA H 31 22.90 61.35 -15.09
N ILE H 32 21.91 61.43 -14.21
CA ILE H 32 21.35 62.75 -13.77
C ILE H 32 22.32 63.61 -12.97
N THR H 33 23.18 63.02 -12.11
CA THR H 33 23.98 63.87 -11.16
C THR H 33 24.90 64.90 -11.83
N PRO H 34 25.68 64.66 -12.91
CA PRO H 34 26.51 65.73 -13.49
C PRO H 34 25.58 66.89 -13.91
N VAL H 35 24.51 66.58 -14.63
CA VAL H 35 23.53 67.58 -15.07
C VAL H 35 22.90 68.26 -13.86
N VAL H 36 22.46 67.48 -12.89
CA VAL H 36 21.82 68.06 -11.71
C VAL H 36 22.81 68.91 -10.94
N SER H 37 24.07 68.47 -10.87
CA SER H 37 25.06 69.24 -10.14
C SER H 37 25.22 70.63 -10.75
N VAL H 38 25.48 70.68 -12.05
CA VAL H 38 25.68 71.96 -12.70
C VAL H 38 24.40 72.80 -12.64
N GLY H 39 23.25 72.18 -12.87
CA GLY H 39 22.01 72.92 -12.86
C GLY H 39 21.68 73.51 -11.51
N LEU H 40 21.86 72.73 -10.44
CA LEU H 40 21.62 73.24 -9.10
C LEU H 40 22.59 74.34 -8.72
N THR H 41 23.87 74.19 -9.09
CA THR H 41 24.82 75.26 -8.79
C THR H 41 24.48 76.55 -9.53
N LEU H 42 24.16 76.45 -10.82
CA LEU H 42 23.78 77.63 -11.59
C LEU H 42 22.50 78.25 -11.06
N GLY H 43 21.53 77.41 -10.67
CA GLY H 43 20.32 77.94 -10.07
C GLY H 43 20.57 78.66 -8.77
N PHE H 44 21.49 78.13 -7.96
CA PHE H 44 21.85 78.81 -6.72
C PHE H 44 22.44 80.18 -7.00
N ILE H 45 23.38 80.24 -7.95
CA ILE H 45 23.99 81.53 -8.30
C ILE H 45 22.94 82.50 -8.81
N THR H 46 22.08 82.04 -9.73
CA THR H 46 21.07 82.91 -10.30
C THR H 46 20.10 83.42 -9.25
N TYR H 47 19.63 82.52 -8.37
CA TYR H 47 18.68 82.95 -7.35
C TYR H 47 19.32 83.92 -6.38
N GLY H 48 20.60 83.72 -6.06
CA GLY H 48 21.29 84.68 -5.22
C GLY H 48 21.33 86.05 -5.85
N TRP H 49 21.70 86.13 -7.13
CA TRP H 49 21.73 87.43 -7.79
C TRP H 49 20.35 88.08 -7.82
N LEU H 50 19.32 87.31 -8.16
CA LEU H 50 17.98 87.87 -8.23
C LEU H 50 17.49 88.35 -6.87
N ILE H 51 17.74 87.58 -5.81
CA ILE H 51 17.23 87.99 -4.50
C ILE H 51 17.97 89.21 -3.99
N ILE H 52 19.27 89.34 -4.30
CA ILE H 52 19.97 90.55 -3.89
C ILE H 52 19.64 91.71 -4.82
N ARG H 53 19.03 91.43 -5.97
CA ARG H 53 18.73 92.45 -6.96
C ARG H 53 17.23 92.58 -7.24
N GLY H 54 16.39 92.55 -6.21
CA GLY H 54 14.99 92.88 -6.42
C GLY H 54 13.97 91.99 -5.76
N ALA H 55 14.26 90.69 -5.64
CA ALA H 55 13.30 89.78 -5.04
C ALA H 55 13.32 89.91 -3.52
N VAL H 56 12.30 89.35 -2.88
CA VAL H 56 12.25 89.32 -1.42
C VAL H 56 13.31 88.35 -0.91
N GLU H 57 14.13 88.81 0.03
CA GLU H 57 15.27 88.02 0.48
C GLU H 57 15.64 88.33 1.92
N MET H 58 16.09 87.31 2.64
CA MET H 58 16.83 87.50 3.87
C MET H 58 18.26 87.05 3.59
N PRO H 59 19.20 87.97 3.42
CA PRO H 59 20.42 87.65 2.68
C PRO H 59 21.29 86.58 3.29
N VAL H 60 21.68 86.75 4.55
CA VAL H 60 22.72 85.92 5.13
C VAL H 60 22.16 84.75 5.93
N ALA H 61 21.03 84.90 6.60
CA ALA H 61 20.50 83.80 7.40
C ALA H 61 19.68 82.85 6.54
N GLU H 62 18.57 83.34 5.99
CA GLU H 62 17.61 82.44 5.35
C GLU H 62 18.18 81.81 4.10
N PHE H 63 18.75 82.62 3.20
CA PHE H 63 19.22 82.06 1.94
C PHE H 63 20.35 81.08 2.16
N LEU H 64 21.34 81.44 2.97
CA LEU H 64 22.46 80.54 3.20
C LEU H 64 22.03 79.26 3.90
N ASN H 65 21.22 79.37 4.96
CA ASN H 65 20.79 78.19 5.69
C ASN H 65 19.93 77.27 4.82
N ARG H 66 19.00 77.85 4.06
CA ARG H 66 18.15 77.05 3.20
C ARG H 66 18.97 76.37 2.11
N CYS H 67 19.89 77.12 1.50
CA CYS H 67 20.78 76.51 0.52
C CYS H 67 21.54 75.34 1.12
N LEU H 68 21.96 75.48 2.38
CA LEU H 68 22.64 74.38 3.04
C LEU H 68 21.72 73.18 3.20
N ARG H 69 20.45 73.42 3.54
CA ARG H 69 19.52 72.31 3.70
C ARG H 69 19.36 71.53 2.41
N ILE H 70 19.05 72.23 1.32
CA ILE H 70 18.93 71.54 0.03
C ILE H 70 20.24 70.88 -0.34
N GLY H 71 21.37 71.54 -0.06
CA GLY H 71 22.64 70.95 -0.42
C GLY H 71 22.89 69.63 0.27
N ILE H 72 22.63 69.57 1.58
CA ILE H 72 22.85 68.34 2.33
C ILE H 72 21.90 67.25 1.87
N ILE H 73 20.62 67.58 1.69
CA ILE H 73 19.67 66.56 1.30
C ILE H 73 20.01 66.01 -0.08
N VAL H 74 20.33 66.89 -1.03
CA VAL H 74 20.68 66.45 -2.36
C VAL H 74 21.97 65.65 -2.34
N SER H 75 22.93 66.06 -1.50
CA SER H 75 24.18 65.32 -1.42
C SER H 75 23.94 63.89 -0.96
N ILE H 76 23.08 63.71 0.01
CA ILE H 76 22.88 62.33 0.53
C ILE H 76 22.12 61.55 -0.54
N ALA H 77 21.11 62.14 -1.14
CA ALA H 77 20.26 61.38 -2.09
C ALA H 77 21.13 60.91 -3.25
N LEU H 78 22.00 61.78 -3.77
CA LEU H 78 22.88 61.42 -4.91
C LEU H 78 23.96 60.44 -4.43
N ALA H 79 24.31 60.48 -3.14
CA ALA H 79 25.30 59.55 -2.57
C ALA H 79 24.69 58.15 -2.52
N GLY H 80 23.36 58.07 -2.52
CA GLY H 80 22.66 56.77 -2.55
C GLY H 80 23.00 56.08 -3.87
N GLY H 81 23.51 56.83 -4.83
CA GLY H 81 23.96 56.29 -6.13
C GLY H 81 25.08 55.29 -5.96
N LEU H 82 25.79 55.32 -4.84
CA LEU H 82 26.78 54.25 -4.56
C LEU H 82 25.98 53.06 -4.01
N TYR H 83 25.02 52.54 -4.78
CA TYR H 83 24.13 51.42 -4.34
C TYR H 83 24.85 50.09 -4.26
N GLN H 84 25.83 49.84 -5.11
CA GLN H 84 26.43 48.48 -5.14
C GLN H 84 26.96 48.14 -3.75
N GLY H 85 27.57 49.10 -3.07
CA GLY H 85 28.02 48.84 -1.69
C GLY H 85 26.87 48.55 -0.75
N GLU H 86 25.78 49.28 -0.82
CA GLU H 86 24.65 49.13 0.12
C GLU H 86 23.97 47.79 -0.15
N ILE H 87 24.04 47.29 -1.37
CA ILE H 87 23.46 46.00 -1.75
C ILE H 87 24.34 44.85 -1.26
N ALA H 88 25.66 44.98 -1.45
CA ALA H 88 26.56 43.97 -0.93
C ALA H 88 26.48 43.88 0.58
N ASN H 89 26.35 45.03 1.26
CA ASN H 89 26.21 45.02 2.71
C ASN H 89 24.93 44.31 3.13
N ALA H 90 23.83 44.56 2.43
CA ALA H 90 22.57 43.89 2.75
C ALA H 90 22.70 42.38 2.57
N ILE H 91 23.35 41.95 1.49
CA ILE H 91 23.53 40.51 1.27
C ILE H 91 24.39 39.91 2.37
N THR H 92 25.48 40.58 2.73
CA THR H 92 26.43 40.00 3.69
C THR H 92 25.97 40.14 5.14
N THR H 93 24.95 40.93 5.42
CA THR H 93 24.44 41.01 6.78
C THR H 93 23.92 39.67 7.25
N VAL H 94 23.27 38.92 6.36
CA VAL H 94 22.70 37.63 6.76
C VAL H 94 23.76 36.61 7.16
N PRO H 95 24.78 36.30 6.32
CA PRO H 95 25.85 35.40 6.71
C PRO H 95 26.49 35.70 8.05
N ASP H 96 26.81 36.95 8.31
CA ASP H 96 27.56 37.27 9.54
C ASP H 96 26.75 36.83 10.75
N GLU H 97 25.47 37.16 10.78
CA GLU H 97 24.65 36.86 11.98
C GLU H 97 24.45 35.36 12.14
N LEU H 98 24.16 34.67 11.06
CA LEU H 98 23.83 33.24 11.16
C LEU H 98 25.04 32.43 11.60
N ALA H 99 26.23 32.78 11.12
CA ALA H 99 27.39 31.90 11.39
C ALA H 99 27.65 31.69 12.89
N SER H 100 27.64 32.73 13.71
CA SER H 100 27.96 32.45 15.14
C SER H 100 27.28 33.41 16.13
N ALA H 101 26.42 34.33 15.68
CA ALA H 101 25.87 35.33 16.62
C ALA H 101 25.05 34.68 17.74
N LEU H 102 24.14 33.76 17.37
CA LEU H 102 23.34 33.04 18.39
C LEU H 102 23.62 31.55 18.21
N LEU H 103 24.30 31.19 17.13
CA LEU H 103 24.56 29.76 16.84
C LEU H 103 25.49 29.20 17.91
N GLY H 104 26.39 30.04 18.44
CA GLY H 104 27.24 29.54 19.51
C GLY H 104 28.37 28.68 19.05
N ASN H 105 28.07 27.65 18.27
CA ASN H 105 29.12 26.81 17.71
C ASN H 105 29.97 27.64 16.75
N PRO H 106 31.28 27.66 16.93
CA PRO H 106 32.11 28.55 16.09
C PRO H 106 32.34 28.00 14.68
N THR H 107 31.33 28.17 13.83
CA THR H 107 31.49 27.82 12.42
C THR H 107 32.58 28.68 11.79
N GLN H 108 33.40 28.06 10.95
CA GLN H 108 34.54 28.75 10.36
C GLN H 108 34.09 29.91 9.48
N GLY H 109 33.39 29.60 8.39
CA GLY H 109 32.88 30.63 7.51
C GLY H 109 31.93 30.06 6.48
N ALA H 110 30.76 30.66 6.35
CA ALA H 110 29.70 30.14 5.48
C ALA H 110 28.67 31.25 5.30
N SER H 111 27.57 30.91 4.66
CA SER H 111 26.47 31.83 4.41
C SER H 111 25.18 31.20 4.93
N ALA H 112 24.12 31.99 4.95
CA ALA H 112 22.84 31.48 5.42
C ALA H 112 22.37 30.30 4.58
N ALA H 113 22.44 30.46 3.26
CA ALA H 113 22.07 29.37 2.37
C ALA H 113 22.89 28.13 2.65
N ALA H 114 24.16 28.30 3.00
CA ALA H 114 25.00 27.15 3.29
C ALA H 114 24.48 26.36 4.47
N LEU H 115 24.22 27.03 5.59
CA LEU H 115 23.75 26.32 6.78
C LEU H 115 22.40 25.67 6.54
N VAL H 116 21.49 26.39 5.89
CA VAL H 116 20.18 25.81 5.62
C VAL H 116 20.33 24.57 4.74
N ASP H 117 21.22 24.64 3.75
CA ASP H 117 21.45 23.51 2.87
C ASP H 117 22.01 22.32 3.63
N GLN H 118 22.97 22.55 4.52
CA GLN H 118 23.54 21.42 5.26
C GLN H 118 22.52 20.74 6.16
N SER H 119 21.73 21.53 6.89
CA SER H 119 20.75 20.91 7.77
C SER H 119 19.67 20.19 6.97
N ALA H 120 19.19 20.81 5.90
CA ALA H 120 18.23 20.15 5.03
C ALA H 120 18.81 18.90 4.41
N GLN H 121 20.12 18.89 4.14
CA GLN H 121 20.76 17.70 3.63
C GLN H 121 20.73 16.58 4.65
N GLN H 122 20.96 16.90 5.92
CA GLN H 122 20.84 15.88 6.96
C GLN H 122 19.44 15.27 6.94
N GLY H 123 18.42 16.12 6.94
CA GLY H 123 17.06 15.62 6.95
C GLY H 123 16.74 14.77 5.73
N PHE H 124 17.13 15.26 4.54
CA PHE H 124 16.83 14.54 3.32
C PHE H 124 17.63 13.25 3.20
N ASP H 125 18.83 13.21 3.78
CA ASP H 125 19.57 11.96 3.82
C ASP H 125 18.85 10.92 4.67
N ARG H 126 18.30 11.34 5.81
CA ARG H 126 17.52 10.40 6.60
C ARG H 126 16.29 9.92 5.82
N ALA H 127 15.64 10.83 5.10
CA ALA H 127 14.50 10.42 4.28
C ALA H 127 14.92 9.44 3.20
N SER H 128 16.09 9.65 2.60
CA SER H 128 16.59 8.75 1.57
C SER H 128 16.91 7.38 2.15
N GLU H 129 17.45 7.34 3.37
CA GLU H 129 17.69 6.05 4.02
C GLU H 129 16.37 5.33 4.28
N ALA H 130 15.34 6.07 4.67
CA ALA H 130 14.02 5.46 4.83
C ALA H 130 13.51 4.90 3.51
N PHE H 131 13.72 5.64 2.42
CA PHE H 131 13.31 5.15 1.10
C PHE H 131 14.07 3.89 0.72
N GLU H 132 15.36 3.85 1.04
CA GLU H 132 16.16 2.66 0.76
C GLU H 132 15.65 1.46 1.53
N GLU H 133 15.31 1.65 2.81
CA GLU H 133 14.73 0.56 3.59
C GLU H 133 13.40 0.12 3.00
N ALA H 134 12.61 1.08 2.51
CA ALA H 134 11.36 0.73 1.84
C ALA H 134 11.62 -0.11 0.61
N GLY H 135 12.69 0.21 -0.12
CA GLY H 135 13.04 -0.57 -1.29
C GLY H 135 13.47 -1.98 -0.93
N PHE H 136 14.15 -2.14 0.21
CA PHE H 136 14.57 -3.48 0.62
C PHE H 136 13.38 -4.39 0.88
N PHE H 137 12.44 -3.94 1.70
CA PHE H 137 11.22 -4.70 1.96
C PHE H 137 10.25 -4.40 0.83
N SER H 138 10.15 -5.31 -0.14
CA SER H 138 9.31 -5.08 -1.31
C SER H 138 7.87 -4.79 -0.89
N SER H 139 7.20 -5.78 -0.33
CA SER H 139 6.00 -5.52 0.45
C SER H 139 6.39 -5.40 1.91
N ASP H 140 5.46 -4.89 2.72
CA ASP H 140 5.75 -4.53 4.11
C ASP H 140 6.89 -3.52 4.16
N GLY H 141 6.98 -2.66 3.17
CA GLY H 141 8.04 -1.69 3.11
C GLY H 141 7.53 -0.28 2.91
N LEU H 142 6.27 -0.14 2.53
CA LEU H 142 5.71 1.19 2.32
C LEU H 142 5.57 1.96 3.63
N LEU H 143 5.63 1.28 4.76
CA LEU H 143 5.72 1.99 6.03
C LEU H 143 6.96 2.86 6.07
N TYR H 144 8.09 2.32 5.59
CA TYR H 144 9.30 3.13 5.51
C TYR H 144 9.17 4.25 4.50
N GLY H 145 8.39 4.03 3.45
CA GLY H 145 8.12 5.11 2.52
C GLY H 145 7.34 6.24 3.18
N LEU H 146 6.35 5.90 4.00
CA LEU H 146 5.63 6.92 4.73
C LEU H 146 6.53 7.64 5.72
N PHE H 147 7.43 6.91 6.38
CA PHE H 147 8.41 7.55 7.24
C PHE H 147 9.24 8.56 6.47
N GLY H 148 9.70 8.16 5.28
CA GLY H 148 10.48 9.06 4.46
C GLY H 148 9.71 10.28 4.03
N ILE H 149 8.43 10.10 3.69
CA ILE H 149 7.59 11.23 3.32
C ILE H 149 7.44 12.20 4.49
N ILE H 150 7.23 11.66 5.69
CA ILE H 150 7.09 12.52 6.86
C ILE H 150 8.37 13.31 7.10
N ILE H 151 9.51 12.63 7.07
CA ILE H 151 10.79 13.29 7.32
C ILE H 151 11.03 14.37 6.26
N LEU H 152 10.79 14.03 5.00
CA LEU H 152 11.01 14.94 3.91
C LEU H 152 10.13 16.17 4.01
N LEU H 153 8.84 15.98 4.31
CA LEU H 153 7.93 17.10 4.43
C LEU H 153 8.29 18.00 5.60
N ALA H 154 8.66 17.42 6.74
CA ALA H 154 9.04 18.24 7.88
C ALA H 154 10.26 19.09 7.55
N THR H 155 11.31 18.48 7.02
CA THR H 155 12.52 19.21 6.69
C THR H 155 12.24 20.28 5.65
N GLY H 156 11.47 19.93 4.61
CA GLY H 156 11.19 20.89 3.57
C GLY H 156 10.36 22.06 4.04
N LEU H 157 9.34 21.77 4.86
CA LEU H 157 8.43 22.85 5.32
C LEU H 157 9.24 23.87 6.13
N LEU H 158 9.97 23.41 7.16
CA LEU H 158 10.72 24.35 8.04
C LEU H 158 11.77 25.12 7.23
N ALA H 159 12.54 24.43 6.38
CA ALA H 159 13.62 25.10 5.62
C ALA H 159 13.00 26.15 4.70
N ALA H 160 11.90 25.80 4.04
CA ALA H 160 11.24 26.73 3.09
C ALA H 160 10.72 27.97 3.84
N ILE H 161 10.10 27.78 5.01
CA ILE H 161 9.49 28.96 5.69
C ILE H 161 10.58 29.97 6.04
N GLY H 162 11.69 29.49 6.63
CA GLY H 162 12.78 30.40 7.02
C GLY H 162 13.45 31.01 5.80
N GLY H 163 13.73 30.19 4.77
CA GLY H 163 14.42 30.68 3.57
C GLY H 163 13.58 31.71 2.82
N ALA H 164 12.28 31.48 2.71
CA ALA H 164 11.38 32.41 2.00
C ALA H 164 11.32 33.75 2.74
N PHE H 165 11.25 33.71 4.08
CA PHE H 165 11.23 34.97 4.86
C PHE H 165 12.57 35.67 4.70
N LEU H 166 13.67 34.91 4.63
CA LEU H 166 14.95 35.55 4.34
C LEU H 166 14.95 36.17 2.95
N LEU H 167 14.42 35.46 1.96
CA LEU H 167 14.35 35.98 0.61
C LEU H 167 13.48 37.23 0.53
N LEU H 168 12.35 37.21 1.22
CA LEU H 168 11.48 38.38 1.23
C LEU H 168 12.20 39.58 1.83
N ALA H 169 12.92 39.36 2.93
CA ALA H 169 13.67 40.46 3.54
C ALA H 169 14.72 41.01 2.58
N LYS H 170 15.46 40.13 1.92
CA LYS H 170 16.51 40.60 1.02
C LYS H 170 15.93 41.37 -0.16
N ILE H 171 14.88 40.84 -0.77
CA ILE H 171 14.27 41.51 -1.92
C ILE H 171 13.71 42.86 -1.52
N ALA H 172 12.99 42.92 -0.39
CA ALA H 172 12.42 44.17 0.04
C ALA H 172 13.50 45.19 0.36
N LEU H 173 14.56 44.77 1.03
CA LEU H 173 15.63 45.70 1.36
C LEU H 173 16.31 46.23 0.11
N ALA H 174 16.51 45.37 -0.88
CA ALA H 174 17.14 45.83 -2.11
C ALA H 174 16.25 46.80 -2.86
N LEU H 175 14.96 46.51 -2.92
CA LEU H 175 14.04 47.42 -3.60
C LEU H 175 13.97 48.77 -2.89
N LEU H 176 13.93 48.76 -1.57
CA LEU H 176 13.92 50.00 -0.80
C LEU H 176 15.21 50.78 -1.00
N ALA H 177 16.36 50.08 -1.01
CA ALA H 177 17.62 50.77 -1.24
C ALA H 177 17.65 51.40 -2.63
N GLY H 178 17.11 50.70 -3.62
CA GLY H 178 17.05 51.28 -4.96
C GLY H 178 16.17 52.51 -5.01
N LEU H 179 15.02 52.47 -4.35
CA LEU H 179 14.11 53.61 -4.36
C LEU H 179 14.48 54.66 -3.33
N GLY H 180 15.56 54.46 -2.58
CA GLY H 180 15.97 55.38 -1.54
C GLY H 180 16.07 56.84 -1.91
N PRO H 181 16.82 57.17 -2.97
CA PRO H 181 16.99 58.60 -3.29
C PRO H 181 15.70 59.36 -3.53
N LEU H 182 14.70 58.72 -4.13
CA LEU H 182 13.44 59.41 -4.36
C LEU H 182 12.80 59.83 -3.05
N PHE H 183 13.02 59.07 -1.99
CA PHE H 183 12.44 59.38 -0.70
C PHE H 183 13.37 60.23 0.18
N ILE H 184 14.66 60.19 -0.09
CA ILE H 184 15.57 61.13 0.56
C ILE H 184 15.32 62.54 0.06
N LEU H 185 15.06 62.70 -1.24
CA LEU H 185 14.69 64.01 -1.76
C LEU H 185 13.36 64.50 -1.20
N ALA H 186 12.57 63.61 -0.61
CA ALA H 186 11.25 64.01 -0.13
C ALA H 186 11.37 64.94 1.07
N LEU H 187 12.53 64.96 1.73
CA LEU H 187 12.74 65.87 2.85
C LEU H 187 12.87 67.33 2.42
N ILE H 188 13.01 67.59 1.12
CA ILE H 188 13.14 68.98 0.66
C ILE H 188 11.87 69.76 0.94
N TRP H 189 10.71 69.17 0.66
CA TRP H 189 9.43 69.84 0.82
C TRP H 189 8.67 69.26 2.00
N GLN H 190 8.02 70.14 2.76
CA GLN H 190 7.29 69.69 3.94
C GLN H 190 6.15 68.72 3.64
N PRO H 191 5.30 68.93 2.64
CA PRO H 191 4.20 67.97 2.42
C PRO H 191 4.66 66.57 2.10
N THR H 192 5.86 66.41 1.55
CA THR H 192 6.39 65.10 1.17
C THR H 192 7.23 64.45 2.25
N HIS H 193 7.26 65.03 3.45
CA HIS H 193 8.01 64.42 4.54
C HIS H 193 7.44 63.07 4.95
N ARG H 194 6.13 62.90 4.81
CA ARG H 194 5.50 61.64 5.22
C ARG H 194 5.99 60.47 4.38
N PHE H 195 6.35 60.73 3.12
CA PHE H 195 6.89 59.66 2.30
C PHE H 195 8.20 59.15 2.85
N PHE H 196 9.08 60.06 3.27
CA PHE H 196 10.32 59.62 3.89
C PHE H 196 10.06 58.90 5.19
N ASP H 197 9.11 59.38 5.98
CA ASP H 197 8.80 58.70 7.23
C ASP H 197 8.36 57.26 6.98
N GLN H 198 7.49 57.07 5.99
CA GLN H 198 7.01 55.72 5.68
C GLN H 198 8.11 54.84 5.14
N TRP H 199 8.97 55.40 4.27
CA TRP H 199 10.08 54.62 3.73
C TRP H 199 11.03 54.20 4.83
N ALA H 200 11.33 55.10 5.77
CA ALA H 200 12.20 54.75 6.88
C ALA H 200 11.57 53.68 7.74
N GLN H 201 10.27 53.79 7.99
CA GLN H 201 9.61 52.78 8.81
C GLN H 201 9.68 51.41 8.17
N GLN H 202 9.48 51.34 6.86
CA GLN H 202 9.55 50.05 6.18
C GLN H 202 10.98 49.51 6.15
N VAL H 203 11.96 50.39 5.99
CA VAL H 203 13.35 49.96 6.04
C VAL H 203 13.66 49.34 7.39
N LEU H 204 13.22 50.01 8.46
CA LEU H 204 13.43 49.47 9.80
C LEU H 204 12.71 48.13 9.96
N ASN H 205 11.50 48.04 9.44
CA ASN H 205 10.73 46.80 9.51
C ASN H 205 11.52 45.65 8.92
N TYR H 206 11.99 45.81 7.69
CA TYR H 206 12.62 44.68 7.01
C TYR H 206 14.03 44.43 7.53
N GLY H 207 14.71 45.45 8.05
CA GLY H 207 15.99 45.19 8.71
C GLY H 207 15.83 44.38 9.97
N LEU H 208 14.85 44.74 10.80
CA LEU H 208 14.57 43.93 11.99
C LEU H 208 14.15 42.53 11.58
N LEU H 209 13.36 42.43 10.51
CA LEU H 209 12.95 41.13 10.01
C LEU H 209 14.15 40.27 9.69
N ILE H 210 15.11 40.82 8.94
CA ILE H 210 16.23 40.03 8.47
C ILE H 210 17.12 39.64 9.63
N VAL H 211 17.28 40.54 10.61
CA VAL H 211 18.09 40.21 11.79
C VAL H 211 17.45 39.06 12.57
N LEU H 212 16.14 39.17 12.83
CA LEU H 212 15.46 38.15 13.61
C LEU H 212 15.49 36.80 12.92
N PHE H 213 15.15 36.74 11.64
CA PHE H 213 15.20 35.45 10.95
C PHE H 213 16.61 34.91 10.86
N ALA H 214 17.60 35.74 10.54
CA ALA H 214 18.97 35.26 10.58
C ALA H 214 19.24 34.52 11.88
N ALA H 215 19.14 35.23 13.00
CA ALA H 215 19.52 34.64 14.28
C ALA H 215 18.68 33.41 14.62
N VAL H 216 17.37 33.60 14.74
CA VAL H 216 16.52 32.53 15.26
C VAL H 216 16.48 31.35 14.29
N PHE H 217 16.33 31.62 12.99
CA PHE H 217 16.28 30.55 12.01
C PHE H 217 17.56 29.75 12.00
N GLY H 218 18.72 30.41 12.11
CA GLY H 218 19.96 29.67 12.15
C GLY H 218 20.04 28.76 13.35
N LEU H 219 19.70 29.29 14.53
CA LEU H 219 19.76 28.46 15.73
C LEU H 219 18.84 27.26 15.59
N LEU H 220 17.59 27.49 15.18
CA LEU H 220 16.62 26.41 15.09
C LEU H 220 17.01 25.40 14.03
N MET H 221 17.51 25.88 12.89
CA MET H 221 17.79 24.99 11.79
C MET H 221 19.02 24.15 12.09
N GLN H 222 19.99 24.70 12.81
CA GLN H 222 21.14 23.91 13.23
C GLN H 222 20.75 22.87 14.28
N ILE H 223 19.83 23.23 15.19
CA ILE H 223 19.35 22.24 16.15
C ILE H 223 18.67 21.08 15.42
N PHE H 224 17.80 21.41 14.47
CA PHE H 224 17.11 20.39 13.69
C PHE H 224 18.10 19.54 12.90
N GLY H 225 19.13 20.18 12.33
CA GLY H 225 20.11 19.44 11.57
C GLY H 225 20.89 18.47 12.43
N SER H 226 21.31 18.88 13.62
CA SER H 226 22.01 17.97 14.51
C SER H 226 21.12 16.81 14.91
N TYR H 227 19.87 17.10 15.25
CA TYR H 227 18.95 16.04 15.65
C TYR H 227 18.77 15.03 14.55
N MET H 228 18.56 15.50 13.31
CA MET H 228 18.39 14.56 12.21
C MET H 228 19.67 13.83 11.89
N ALA H 229 20.82 14.49 12.06
CA ALA H 229 22.09 13.84 11.82
C ALA H 229 22.34 12.71 12.79
N ASP H 230 21.73 12.73 13.97
CA ASP H 230 21.86 11.62 14.89
C ASP H 230 20.85 10.50 14.64
N LEU H 231 19.87 10.73 13.77
CA LEU H 231 18.80 9.74 13.55
C LEU H 231 19.31 8.55 12.74
N ARG H 232 18.97 7.36 13.22
CA ARG H 232 19.42 6.11 12.55
C ARG H 232 18.30 5.07 12.58
N PHE H 233 18.17 4.30 11.51
CA PHE H 233 17.22 3.18 11.48
C PHE H 233 17.87 1.88 11.89
N ASP H 234 18.54 1.87 13.03
CA ASP H 234 19.15 0.66 13.55
C ASP H 234 18.17 -0.05 14.48
N GLY H 235 18.62 -1.11 15.12
CA GLY H 235 17.77 -1.78 16.06
C GLY H 235 17.76 -1.22 17.45
N ALA H 236 18.52 -0.16 17.71
CA ALA H 236 18.65 0.39 19.05
C ALA H 236 17.83 1.65 19.26
N GLN H 237 17.23 2.18 18.21
CA GLN H 237 16.52 3.45 18.26
C GLN H 237 15.06 3.26 17.89
N ASN H 238 14.19 3.84 18.70
CA ASN H 238 12.75 3.73 18.48
C ASN H 238 12.35 4.62 17.32
N VAL H 239 11.75 4.01 16.29
CA VAL H 239 11.39 4.78 15.10
C VAL H 239 10.33 5.81 15.43
N ALA H 240 9.35 5.44 16.24
CA ALA H 240 8.30 6.38 16.62
C ALA H 240 8.88 7.58 17.36
N TYR H 241 9.79 7.34 18.30
CA TYR H 241 10.41 8.44 19.03
C TYR H 241 11.15 9.37 18.10
N ALA H 242 11.91 8.81 17.16
CA ALA H 242 12.71 9.63 16.26
C ALA H 242 11.84 10.47 15.34
N ILE H 243 10.84 9.85 14.70
CA ILE H 243 9.98 10.60 13.79
C ILE H 243 9.17 11.64 14.56
N GLY H 244 8.73 11.30 15.77
CA GLY H 244 8.01 12.25 16.57
C GLY H 244 8.86 13.43 16.97
N GLY H 245 10.10 13.19 17.36
CA GLY H 245 11.00 14.29 17.65
C GLY H 245 11.23 15.17 16.44
N SER H 246 11.34 14.54 15.26
CA SER H 246 11.51 15.31 14.03
C SER H 246 10.33 16.23 13.79
N VAL H 247 9.11 15.69 13.88
CA VAL H 247 7.93 16.51 13.58
C VAL H 247 7.74 17.57 14.65
N ILE H 248 8.01 17.25 15.91
CA ILE H 248 7.87 18.24 16.97
C ILE H 248 8.86 19.39 16.77
N LEU H 249 10.12 19.06 16.48
CA LEU H 249 11.09 20.12 16.25
C LEU H 249 10.69 20.97 15.06
N SER H 250 10.26 20.32 13.97
CA SER H 250 9.86 21.07 12.78
C SER H 250 8.72 22.02 13.09
N ILE H 251 7.66 21.54 13.72
CA ILE H 251 6.50 22.38 13.96
C ILE H 251 6.81 23.48 14.95
N VAL H 252 7.59 23.17 16.00
CA VAL H 252 7.97 24.19 16.97
C VAL H 252 8.71 25.32 16.27
N SER H 253 9.69 24.96 15.43
CA SER H 253 10.45 25.98 14.72
C SER H 253 9.56 26.78 13.79
N ILE H 254 8.63 26.12 13.11
CA ILE H 254 7.79 26.81 12.15
C ILE H 254 6.91 27.85 12.84
N VAL H 255 6.23 27.45 13.91
CA VAL H 255 5.29 28.43 14.53
C VAL H 255 6.09 29.57 15.17
N LEU H 256 7.29 29.28 15.68
CA LEU H 256 8.15 30.37 16.23
C LEU H 256 8.49 31.35 15.10
N LEU H 257 8.83 30.82 13.92
CA LEU H 257 9.16 31.68 12.75
C LEU H 257 7.92 32.47 12.34
N MET H 258 6.72 31.87 12.45
CA MET H 258 5.46 32.55 12.06
C MET H 258 5.25 33.80 12.93
N GLN H 259 5.61 33.74 14.21
CA GLN H 259 5.38 34.89 15.12
C GLN H 259 6.37 36.01 14.85
N LEU H 260 7.52 35.73 14.23
CA LEU H 260 8.54 36.75 14.03
C LEU H 260 8.10 37.94 13.15
N PRO H 261 7.47 37.75 11.99
CA PRO H 261 7.12 38.92 11.17
C PRO H 261 6.23 39.93 11.89
N SER H 262 5.27 39.44 12.67
CA SER H 262 4.42 40.34 13.43
C SER H 262 5.23 41.12 14.45
N ILE H 263 6.20 40.46 15.08
CA ILE H 263 7.07 41.14 16.04
C ILE H 263 7.87 42.23 15.35
N ALA H 264 8.42 41.94 14.18
CA ALA H 264 9.21 42.95 13.48
C ALA H 264 8.36 44.15 13.08
N SER H 265 7.18 43.90 12.51
CA SER H 265 6.32 45.00 12.12
C SER H 265 5.86 45.80 13.34
N GLY H 266 5.57 45.11 14.43
CA GLY H 266 5.15 45.80 15.63
C GLY H 266 6.24 46.68 16.22
N LEU H 267 7.47 46.19 16.23
CA LEU H 267 8.58 47.01 16.72
C LEU H 267 8.79 48.22 15.83
N ALA H 268 8.72 48.03 14.51
CA ALA H 268 8.87 49.16 13.60
C ALA H 268 7.78 50.19 13.84
N GLY H 269 6.55 49.74 14.04
CA GLY H 269 5.48 50.68 14.37
C GLY H 269 5.67 51.34 15.72
N GLY H 270 6.22 50.59 16.67
CA GLY H 270 6.44 51.14 18.00
C GLY H 270 7.43 52.29 18.00
N ILE H 271 8.54 52.13 17.28
CA ILE H 271 9.40 53.28 17.05
C ILE H 271 8.61 54.29 16.23
N GLY H 272 8.58 55.54 16.70
CA GLY H 272 7.70 56.55 16.12
C GLY H 272 7.87 56.75 14.63
N LEU H 273 9.01 57.29 14.22
CA LEU H 273 9.30 57.54 12.80
C LEU H 273 8.17 58.31 12.11
N ALA I 2 -0.42 18.31 -25.11
CA ALA I 2 0.27 19.22 -24.21
C ALA I 2 -0.63 19.63 -23.06
N PHE I 3 -0.05 20.28 -22.06
CA PHE I 3 -0.80 20.75 -20.90
C PHE I 3 -1.27 22.17 -21.17
N GLU I 4 -2.57 22.35 -21.32
CA GLU I 4 -3.18 23.65 -21.59
C GLU I 4 -4.35 23.80 -20.64
N LEU I 5 -4.12 24.45 -19.51
CA LEU I 5 -5.19 24.72 -18.56
C LEU I 5 -5.40 26.20 -18.30
N PHE I 6 -4.34 26.97 -18.12
CA PHE I 6 -4.50 28.38 -17.79
C PHE I 6 -4.89 29.22 -19.00
N THR I 7 -4.42 28.86 -20.19
CA THR I 7 -4.89 29.56 -21.38
C THR I 7 -6.39 29.43 -21.58
N PRO I 8 -6.98 28.23 -21.60
CA PRO I 8 -8.44 28.15 -21.75
C PRO I 8 -9.20 28.81 -20.62
N LEU I 9 -8.73 28.66 -19.38
CA LEU I 9 -9.44 29.26 -18.27
C LEU I 9 -9.41 30.78 -18.34
N PHE I 10 -8.26 31.34 -18.68
CA PHE I 10 -8.15 32.78 -18.81
C PHE I 10 -9.01 33.28 -19.96
N ASN I 11 -9.04 32.56 -21.08
CA ASN I 11 -9.90 32.97 -22.18
C ASN I 11 -11.36 32.92 -21.78
N LYS I 12 -11.76 31.87 -21.04
CA LYS I 12 -13.14 31.76 -20.58
C LYS I 12 -13.52 32.93 -19.69
N ILE I 13 -12.66 33.24 -18.71
CA ILE I 13 -12.96 34.33 -17.79
C ILE I 13 -12.98 35.66 -18.53
N ASP I 14 -12.04 35.85 -19.46
CA ASP I 14 -12.00 37.10 -20.22
C ASP I 14 -13.24 37.26 -21.08
N GLN I 15 -13.69 36.20 -21.74
CA GLN I 15 -14.88 36.34 -22.57
C GLN I 15 -16.12 36.54 -21.72
N THR I 16 -16.21 35.87 -20.57
CA THR I 16 -17.34 36.10 -19.68
C THR I 16 -17.38 37.56 -19.23
N THR I 17 -16.23 38.08 -18.81
CA THR I 17 -16.13 39.47 -18.41
C THR I 17 -16.50 40.40 -19.56
N ALA I 18 -16.00 40.13 -20.75
CA ALA I 18 -16.29 41.00 -21.90
C ALA I 18 -17.78 41.02 -22.21
N THR I 19 -18.41 39.84 -22.28
CA THR I 19 -19.83 39.82 -22.59
C THR I 19 -20.65 40.49 -21.52
N TYR I 20 -20.28 40.34 -20.26
CA TYR I 20 -21.17 40.95 -19.28
C TYR I 20 -20.75 42.36 -18.88
N VAL I 21 -19.65 42.53 -18.17
CA VAL I 21 -19.41 43.84 -17.57
C VAL I 21 -19.02 44.87 -18.63
N THR I 22 -18.05 44.52 -19.48
CA THR I 22 -17.57 45.46 -20.48
C THR I 22 -18.63 45.78 -21.51
N ASP I 23 -19.31 44.76 -22.02
CA ASP I 23 -20.31 45.00 -23.06
C ASP I 23 -21.51 45.76 -22.52
N ILE I 24 -21.99 45.43 -21.32
CA ILE I 24 -23.10 46.19 -20.77
C ILE I 24 -22.71 47.64 -20.56
N SER I 25 -21.52 47.88 -19.99
CA SER I 25 -21.11 49.26 -19.76
C SER I 25 -20.98 50.02 -21.07
N SER I 26 -20.43 49.37 -22.09
CA SER I 26 -20.26 50.00 -23.42
C SER I 26 -21.63 50.35 -24.02
N ARG I 27 -22.53 49.36 -24.13
CA ARG I 27 -23.84 49.60 -24.81
C ARG I 27 -24.64 50.67 -24.05
N ALA I 28 -24.64 50.63 -22.71
CA ALA I 28 -25.45 51.58 -21.93
C ALA I 28 -24.92 53.01 -22.17
N ILE I 29 -23.60 53.17 -22.15
CA ILE I 29 -22.99 54.51 -22.40
C ILE I 29 -23.32 54.93 -23.84
N ALA I 30 -23.20 54.02 -24.80
CA ALA I 30 -23.44 54.36 -26.22
C ALA I 30 -24.89 54.81 -26.41
N ALA I 31 -25.83 54.14 -25.76
CA ALA I 31 -27.27 54.48 -25.89
C ALA I 31 -27.54 55.88 -25.34
N ILE I 32 -26.90 56.25 -24.22
CA ILE I 32 -27.23 57.54 -23.56
C ILE I 32 -26.35 58.69 -24.09
N THR I 33 -25.15 58.40 -24.63
CA THR I 33 -24.27 59.49 -25.03
C THR I 33 -24.93 60.55 -25.90
N PRO I 34 -25.64 60.22 -26.99
CA PRO I 34 -26.28 61.29 -27.79
C PRO I 34 -27.32 62.07 -27.01
N VAL I 35 -28.19 61.38 -26.29
CA VAL I 35 -29.25 62.04 -25.55
C VAL I 35 -28.66 62.96 -24.49
N VAL I 36 -27.67 62.46 -23.75
CA VAL I 36 -27.05 63.27 -22.70
C VAL I 36 -26.32 64.45 -23.31
N SER I 37 -25.70 64.26 -24.48
CA SER I 37 -25.00 65.36 -25.12
C SER I 37 -25.97 66.49 -25.45
N VAL I 38 -27.06 66.16 -26.14
CA VAL I 38 -28.04 67.18 -26.51
C VAL I 38 -28.65 67.81 -25.28
N GLY I 39 -28.96 66.99 -24.26
CA GLY I 39 -29.57 67.53 -23.07
C GLY I 39 -28.67 68.48 -22.32
N LEU I 40 -27.40 68.12 -22.19
CA LEU I 40 -26.44 69.00 -21.53
C LEU I 40 -26.27 70.31 -22.28
N THR I 41 -26.18 70.23 -23.62
CA THR I 41 -26.04 71.46 -24.41
C THR I 41 -27.25 72.36 -24.24
N LEU I 42 -28.46 71.81 -24.38
CA LEU I 42 -29.67 72.61 -24.24
C LEU I 42 -29.82 73.15 -22.83
N GLY I 43 -29.47 72.36 -21.82
CA GLY I 43 -29.53 72.84 -20.46
C GLY I 43 -28.56 73.98 -20.21
N PHE I 44 -27.36 73.89 -20.79
CA PHE I 44 -26.41 74.98 -20.66
C PHE I 44 -26.95 76.26 -21.28
N ILE I 45 -27.53 76.16 -22.48
CA ILE I 45 -28.10 77.33 -23.13
C ILE I 45 -29.22 77.92 -22.29
N THR I 46 -30.12 77.06 -21.80
CA THR I 46 -31.26 77.52 -21.03
C THR I 46 -30.81 78.20 -19.74
N TYR I 47 -29.89 77.58 -19.01
CA TYR I 47 -29.45 78.15 -17.76
C TYR I 47 -28.72 79.47 -17.98
N GLY I 48 -27.97 79.57 -19.09
CA GLY I 48 -27.33 80.84 -19.40
C GLY I 48 -28.35 81.95 -19.63
N TRP I 49 -29.38 81.66 -20.42
CA TRP I 49 -30.41 82.68 -20.65
C TRP I 49 -31.11 83.07 -19.36
N LEU I 50 -31.46 82.09 -18.53
CA LEU I 50 -32.14 82.40 -17.27
C LEU I 50 -31.27 83.22 -16.34
N ILE I 51 -29.98 82.88 -16.22
CA ILE I 51 -29.13 83.62 -15.29
C ILE I 51 -28.89 85.04 -15.79
N ILE I 52 -28.80 85.24 -17.10
CA ILE I 52 -28.64 86.60 -17.60
C ILE I 52 -29.98 87.33 -17.59
N ARG I 53 -31.08 86.61 -17.40
CA ARG I 53 -32.42 87.21 -17.43
C ARG I 53 -33.20 86.97 -16.14
N GLY I 54 -32.57 87.17 -14.98
CA GLY I 54 -33.32 87.18 -13.75
C GLY I 54 -32.75 86.41 -12.58
N ALA I 55 -32.08 85.29 -12.85
CA ALA I 55 -31.53 84.49 -11.77
C ALA I 55 -30.23 85.11 -11.26
N VAL I 56 -29.79 84.64 -10.08
CA VAL I 56 -28.52 85.09 -9.53
C VAL I 56 -27.38 84.50 -10.35
N GLU I 57 -26.47 85.35 -10.82
CA GLU I 57 -25.44 84.92 -11.74
C GLU I 57 -24.14 85.68 -11.49
N MET I 58 -23.03 84.98 -11.64
CA MET I 58 -21.73 85.61 -11.84
C MET I 58 -21.35 85.33 -13.29
N PRO I 59 -21.49 86.30 -14.17
CA PRO I 59 -21.60 86.00 -15.60
C PRO I 59 -20.40 85.31 -16.21
N VAL I 60 -19.22 85.90 -16.08
CA VAL I 60 -18.06 85.46 -16.85
C VAL I 60 -17.13 84.58 -16.03
N ALA I 61 -17.02 84.78 -14.73
CA ALA I 61 -16.11 83.96 -13.94
C ALA I 61 -16.77 82.64 -13.54
N GLU I 62 -17.83 82.70 -12.74
CA GLU I 62 -18.37 81.50 -12.15
C GLU I 62 -19.09 80.64 -13.18
N PHE I 63 -19.85 81.26 -14.08
CA PHE I 63 -20.58 80.46 -15.06
C PHE I 63 -19.63 79.72 -15.98
N LEU I 64 -18.61 80.41 -16.50
CA LEU I 64 -17.62 79.73 -17.33
C LEU I 64 -16.88 78.66 -16.55
N ASN I 65 -16.46 78.96 -15.31
CA ASN I 65 -15.71 77.99 -14.55
C ASN I 65 -16.53 76.72 -14.31
N ARG I 66 -17.79 76.88 -13.91
CA ARG I 66 -18.64 75.73 -13.66
C ARG I 66 -18.93 74.97 -14.95
N CYS I 67 -19.17 75.69 -16.05
CA CYS I 67 -19.44 75.01 -17.31
C CYS I 67 -18.25 74.16 -17.75
N LEU I 68 -17.04 74.72 -17.66
CA LEU I 68 -15.86 73.94 -18.00
C LEU I 68 -15.67 72.75 -17.06
N ARG I 69 -15.89 72.94 -15.75
CA ARG I 69 -15.71 71.80 -14.85
C ARG I 69 -16.65 70.67 -15.21
N ILE I 70 -17.94 70.99 -15.36
CA ILE I 70 -18.92 69.96 -15.70
C ILE I 70 -18.58 69.33 -17.04
N GLY I 71 -18.19 70.14 -18.01
CA GLY I 71 -17.91 69.61 -19.33
C GLY I 71 -16.73 68.66 -19.34
N ILE I 72 -15.64 69.04 -18.67
CA ILE I 72 -14.46 68.18 -18.63
C ILE I 72 -14.79 66.88 -17.91
N ILE I 73 -15.47 66.95 -16.77
CA ILE I 73 -15.75 65.71 -16.03
C ILE I 73 -16.67 64.81 -16.83
N VAL I 74 -17.70 65.38 -17.45
CA VAL I 74 -18.63 64.57 -18.23
C VAL I 74 -17.93 64.00 -19.46
N SER I 75 -17.03 64.78 -20.07
CA SER I 75 -16.30 64.27 -21.22
C SER I 75 -15.44 63.08 -20.84
N ILE I 76 -14.73 63.18 -19.72
CA ILE I 76 -13.93 62.05 -19.26
C ILE I 76 -14.80 60.85 -18.95
N ALA I 77 -15.91 61.07 -18.25
CA ALA I 77 -16.77 59.96 -17.85
C ALA I 77 -17.36 59.26 -19.07
N LEU I 78 -17.85 60.03 -20.03
CA LEU I 78 -18.40 59.44 -21.25
C LEU I 78 -17.31 58.85 -22.13
N ALA I 79 -16.05 59.28 -21.94
CA ALA I 79 -14.95 58.65 -22.65
C ALA I 79 -14.63 57.27 -22.10
N GLY I 80 -15.19 56.91 -20.96
CA GLY I 80 -15.12 55.53 -20.51
C GLY I 80 -15.87 54.57 -21.40
N GLY I 81 -16.68 55.08 -22.33
CA GLY I 81 -17.39 54.22 -23.26
C GLY I 81 -16.48 53.53 -24.25
N LEU I 82 -15.21 53.92 -24.29
CA LEU I 82 -14.21 53.17 -25.04
C LEU I 82 -13.63 52.05 -24.18
N TYR I 83 -14.49 51.20 -23.61
CA TYR I 83 -14.03 50.22 -22.62
C TYR I 83 -13.07 49.21 -23.22
N GLN I 84 -13.34 48.74 -24.43
CA GLN I 84 -12.56 47.66 -25.01
C GLN I 84 -11.08 48.00 -25.01
N GLY I 85 -10.75 49.27 -25.19
CA GLY I 85 -9.37 49.68 -25.12
C GLY I 85 -8.73 49.34 -23.79
N GLU I 86 -9.39 49.69 -22.68
CA GLU I 86 -8.80 49.45 -21.37
C GLU I 86 -8.83 47.97 -21.02
N ILE I 87 -9.85 47.25 -21.48
CA ILE I 87 -9.90 45.81 -21.23
C ILE I 87 -8.73 45.11 -21.90
N ALA I 88 -8.49 45.43 -23.18
CA ALA I 88 -7.30 44.89 -23.85
C ALA I 88 -6.03 45.40 -23.19
N ASN I 89 -6.06 46.60 -22.62
CA ASN I 89 -4.89 47.12 -21.93
C ASN I 89 -4.52 46.24 -20.75
N ALA I 90 -5.50 45.82 -19.95
CA ALA I 90 -5.21 44.95 -18.83
C ALA I 90 -4.75 43.57 -19.30
N ILE I 91 -5.49 43.00 -20.27
CA ILE I 91 -5.20 41.67 -20.76
C ILE I 91 -3.83 41.60 -21.41
N THR I 92 -3.30 42.73 -21.88
CA THR I 92 -1.95 42.77 -22.42
C THR I 92 -0.92 43.26 -21.41
N THR I 93 -1.35 43.94 -20.34
CA THR I 93 -0.42 44.33 -19.30
C THR I 93 0.10 43.11 -18.58
N VAL I 94 -0.75 42.10 -18.41
CA VAL I 94 -0.28 40.86 -17.76
C VAL I 94 0.86 40.20 -18.53
N PRO I 95 0.72 39.88 -19.82
CA PRO I 95 1.80 39.12 -20.49
C PRO I 95 3.05 39.92 -20.73
N ASP I 96 2.92 41.19 -21.14
CA ASP I 96 4.11 41.98 -21.43
C ASP I 96 5.01 42.06 -20.21
N GLU I 97 4.42 42.26 -19.04
CA GLU I 97 5.22 42.32 -17.82
C GLU I 97 5.77 40.96 -17.45
N LEU I 98 4.94 39.92 -17.46
CA LEU I 98 5.43 38.64 -16.98
C LEU I 98 6.48 38.05 -17.90
N ALA I 99 6.50 38.47 -19.17
CA ALA I 99 7.37 37.83 -20.15
C ALA I 99 8.84 38.14 -19.88
N SER I 100 9.17 39.41 -19.67
CA SER I 100 10.57 39.81 -19.68
C SER I 100 10.97 40.84 -18.61
N ALA I 101 10.06 41.22 -17.70
CA ALA I 101 10.40 42.24 -16.72
C ALA I 101 11.51 41.76 -15.78
N LEU I 102 11.40 40.53 -15.30
CA LEU I 102 12.36 39.99 -14.34
C LEU I 102 12.98 38.66 -14.76
N LEU I 103 12.58 38.10 -15.90
CA LEU I 103 13.11 36.80 -16.31
C LEU I 103 14.56 36.89 -16.73
N GLY I 104 14.94 37.97 -17.41
CA GLY I 104 16.30 38.11 -17.89
C GLY I 104 16.51 37.51 -19.26
N ASN I 105 16.29 36.20 -19.37
CA ASN I 105 16.39 35.52 -20.66
C ASN I 105 15.30 36.02 -21.59
N PRO I 106 15.62 36.50 -22.79
CA PRO I 106 14.60 37.11 -23.65
C PRO I 106 13.74 36.06 -24.32
N THR I 107 12.50 35.92 -23.84
CA THR I 107 11.55 35.04 -24.51
C THR I 107 11.01 35.72 -25.77
N GLN I 108 10.74 34.91 -26.80
CA GLN I 108 10.27 35.47 -28.06
C GLN I 108 8.92 36.13 -27.91
N GLY I 109 7.94 35.41 -27.36
CA GLY I 109 6.63 35.97 -27.12
C GLY I 109 5.64 34.94 -26.61
N ALA I 110 4.89 35.30 -25.58
CA ALA I 110 3.93 34.40 -24.94
C ALA I 110 3.04 35.22 -24.03
N SER I 111 2.23 34.54 -23.23
CA SER I 111 1.37 35.18 -22.25
C SER I 111 1.64 34.58 -20.89
N ALA I 112 1.09 35.20 -19.85
CA ALA I 112 1.28 34.70 -18.50
C ALA I 112 0.79 33.26 -18.38
N ALA I 113 -0.41 33.01 -18.90
CA ALA I 113 -0.97 31.67 -18.86
C ALA I 113 -0.05 30.68 -19.56
N ALA I 114 0.60 31.12 -20.63
CA ALA I 114 1.50 30.22 -21.36
C ALA I 114 2.66 29.77 -20.49
N LEU I 115 3.34 30.71 -19.84
CA LEU I 115 4.49 30.34 -19.01
C LEU I 115 4.06 29.49 -17.83
N VAL I 116 2.95 29.85 -17.19
CA VAL I 116 2.48 29.03 -16.08
C VAL I 116 2.18 27.62 -16.56
N ASP I 117 1.59 27.50 -17.75
CA ASP I 117 1.27 26.19 -18.30
C ASP I 117 2.52 25.38 -18.58
N GLN I 118 3.56 26.01 -19.13
CA GLN I 118 4.79 25.27 -19.41
C GLN I 118 5.45 24.77 -18.13
N SER I 119 5.54 25.62 -17.11
CA SER I 119 6.15 25.17 -15.86
C SER I 119 5.34 24.07 -15.21
N ALA I 120 4.02 24.23 -15.16
CA ALA I 120 3.18 23.19 -14.61
C ALA I 120 3.29 21.91 -15.43
N GLN I 121 3.49 22.03 -16.74
CA GLN I 121 3.67 20.85 -17.57
C GLN I 121 4.93 20.11 -17.20
N GLN I 122 6.02 20.83 -16.94
CA GLN I 122 7.25 20.17 -16.51
C GLN I 122 7.02 19.40 -15.21
N GLY I 123 6.38 20.06 -14.24
CA GLY I 123 6.09 19.40 -12.95
C GLY I 123 5.23 18.17 -13.14
N PHE I 124 4.12 18.31 -13.85
CA PHE I 124 3.18 17.17 -14.05
C PHE I 124 3.85 16.04 -14.84
N ASP I 125 4.72 16.38 -15.80
CA ASP I 125 5.45 15.35 -16.58
C ASP I 125 6.31 14.52 -15.62
N ARG I 126 6.97 15.16 -14.65
CA ARG I 126 7.77 14.43 -13.63
C ARG I 126 6.85 13.52 -12.81
N ALA I 127 5.67 14.01 -12.45
CA ALA I 127 4.69 13.19 -11.69
C ALA I 127 4.27 11.99 -12.56
N SER I 128 4.07 12.20 -13.86
CA SER I 128 3.69 11.11 -14.79
C SER I 128 4.82 10.07 -14.86
N GLU I 129 6.07 10.53 -14.89
CA GLU I 129 7.22 9.60 -14.90
C GLU I 129 7.24 8.79 -13.60
N ALA I 130 6.93 9.44 -12.47
CA ALA I 130 6.87 8.74 -11.17
C ALA I 130 5.71 7.72 -11.21
N PHE I 131 4.59 8.10 -11.80
CA PHE I 131 3.47 7.16 -11.91
C PHE I 131 3.84 5.97 -12.79
N GLU I 132 4.56 6.23 -13.88
CA GLU I 132 4.99 5.15 -14.76
C GLU I 132 5.92 4.19 -14.02
N GLU I 133 6.86 4.73 -13.23
CA GLU I 133 7.72 3.87 -12.43
C GLU I 133 6.91 3.08 -11.41
N ALA I 134 5.88 3.69 -10.85
CA ALA I 134 5.00 2.97 -9.95
C ALA I 134 4.31 1.83 -10.67
N GLY I 135 3.92 2.05 -11.92
CA GLY I 135 3.30 0.99 -12.70
C GLY I 135 4.26 -0.14 -12.98
N PHE I 136 5.54 0.17 -13.20
CA PHE I 136 6.52 -0.88 -13.49
C PHE I 136 6.66 -1.85 -12.31
N PHE I 137 6.91 -1.32 -11.12
CA PHE I 137 6.98 -2.13 -9.91
C PHE I 137 5.57 -2.35 -9.42
N SER I 138 5.00 -3.52 -9.69
CA SER I 138 3.61 -3.79 -9.33
C SER I 138 3.40 -3.61 -7.83
N SER I 139 4.02 -4.47 -7.02
CA SER I 139 4.19 -4.18 -5.61
C SER I 139 5.57 -3.55 -5.41
N ASP I 140 5.77 -2.96 -4.24
CA ASP I 140 6.94 -2.11 -4.00
C ASP I 140 7.00 -0.99 -5.01
N GLY I 141 5.85 -0.48 -5.42
CA GLY I 141 5.80 0.56 -6.41
C GLY I 141 4.99 1.75 -5.98
N LEU I 142 4.20 1.59 -4.92
CA LEU I 142 3.39 2.71 -4.45
C LEU I 142 4.22 3.83 -3.86
N LEU I 143 5.48 3.56 -3.53
CA LEU I 143 6.38 4.65 -3.14
C LEU I 143 6.51 5.66 -4.27
N TYR I 144 6.64 5.17 -5.50
CA TYR I 144 6.70 6.08 -6.64
C TYR I 144 5.37 6.79 -6.85
N GLY I 145 4.27 6.13 -6.51
CA GLY I 145 2.99 6.82 -6.53
C GLY I 145 2.93 7.97 -5.55
N LEU I 146 3.46 7.77 -4.35
CA LEU I 146 3.52 8.85 -3.38
C LEU I 146 4.42 9.97 -3.85
N PHE I 147 5.55 9.63 -4.48
CA PHE I 147 6.41 10.65 -5.06
C PHE I 147 5.66 11.47 -6.10
N GLY I 148 4.91 10.79 -6.96
CA GLY I 148 4.13 11.48 -7.96
C GLY I 148 3.07 12.37 -7.35
N ILE I 149 2.41 11.90 -6.29
CA ILE I 149 1.39 12.70 -5.62
C ILE I 149 2.02 13.96 -5.04
N ILE I 150 3.19 13.83 -4.42
CA ILE I 150 3.85 14.99 -3.84
C ILE I 150 4.23 15.99 -4.92
N ILE I 151 4.82 15.51 -6.01
CA ILE I 151 5.20 16.40 -7.11
C ILE I 151 3.98 17.10 -7.67
N LEU I 152 2.91 16.34 -7.91
CA LEU I 152 1.69 16.88 -8.47
C LEU I 152 1.09 17.94 -7.56
N LEU I 153 1.03 17.66 -6.27
CA LEU I 153 0.43 18.61 -5.33
C LEU I 153 1.25 19.88 -5.23
N ALA I 154 2.58 19.77 -5.17
CA ALA I 154 3.42 20.95 -5.10
C ALA I 154 3.23 21.83 -6.33
N THR I 155 3.35 21.23 -7.52
CA THR I 155 3.19 21.99 -8.76
C THR I 155 1.81 22.62 -8.84
N GLY I 156 0.78 21.85 -8.55
CA GLY I 156 -0.56 22.35 -8.67
C GLY I 156 -0.85 23.47 -7.69
N LEU I 157 -0.39 23.34 -6.45
CA LEU I 157 -0.66 24.37 -5.47
C LEU I 157 0.04 25.67 -5.83
N LEU I 158 1.30 25.60 -6.25
CA LEU I 158 1.98 26.82 -6.65
C LEU I 158 1.30 27.49 -7.83
N ALA I 159 1.04 26.72 -8.89
CA ALA I 159 0.42 27.29 -10.07
C ALA I 159 -0.95 27.85 -9.75
N ALA I 160 -1.70 27.16 -8.90
CA ALA I 160 -3.06 27.57 -8.58
C ALA I 160 -3.07 28.89 -7.82
N ILE I 161 -2.21 29.00 -6.80
CA ILE I 161 -2.17 30.25 -6.03
C ILE I 161 -1.83 31.42 -6.95
N GLY I 162 -0.77 31.27 -7.75
CA GLY I 162 -0.38 32.37 -8.60
C GLY I 162 -1.43 32.73 -9.63
N GLY I 163 -1.92 31.74 -10.37
CA GLY I 163 -2.90 32.00 -11.40
C GLY I 163 -4.19 32.54 -10.84
N ALA I 164 -4.55 32.14 -9.62
CA ALA I 164 -5.81 32.60 -9.05
C ALA I 164 -5.71 34.05 -8.61
N PHE I 165 -4.55 34.45 -8.09
CA PHE I 165 -4.43 35.88 -7.79
C PHE I 165 -4.37 36.71 -9.07
N LEU I 166 -3.76 36.17 -10.13
CA LEU I 166 -3.83 36.87 -11.41
C LEU I 166 -5.27 37.02 -11.89
N LEU I 167 -6.06 35.95 -11.75
CA LEU I 167 -7.46 36.01 -12.16
C LEU I 167 -8.23 37.02 -11.34
N LEU I 168 -8.00 37.05 -10.04
CA LEU I 168 -8.69 38.02 -9.19
C LEU I 168 -8.34 39.44 -9.61
N ALA I 169 -7.05 39.69 -9.88
CA ALA I 169 -6.66 41.02 -10.32
C ALA I 169 -7.34 41.40 -11.63
N LYS I 170 -7.37 40.48 -12.60
CA LYS I 170 -7.97 40.79 -13.88
C LYS I 170 -9.48 41.05 -13.75
N ILE I 171 -10.18 40.19 -13.00
CA ILE I 171 -11.62 40.37 -12.83
C ILE I 171 -11.92 41.68 -12.13
N ALA I 172 -11.18 41.98 -11.05
CA ALA I 172 -11.42 43.21 -10.32
C ALA I 172 -11.15 44.43 -11.17
N LEU I 173 -10.07 44.41 -11.95
CA LEU I 173 -9.76 45.56 -12.79
C LEU I 173 -10.82 45.75 -13.87
N ALA I 174 -11.31 44.65 -14.44
CA ALA I 174 -12.35 44.75 -15.44
C ALA I 174 -13.63 45.32 -14.86
N LEU I 175 -14.01 44.85 -13.67
CA LEU I 175 -15.23 45.35 -13.04
C LEU I 175 -15.09 46.83 -12.69
N LEU I 176 -13.92 47.23 -12.18
CA LEU I 176 -13.70 48.64 -11.87
C LEU I 176 -13.73 49.49 -13.13
N ALA I 177 -13.11 49.02 -14.21
CA ALA I 177 -13.15 49.79 -15.45
C ALA I 177 -14.57 49.92 -15.96
N GLY I 178 -15.37 48.87 -15.84
CA GLY I 178 -16.76 48.96 -16.24
C GLY I 178 -17.54 49.97 -15.42
N LEU I 179 -17.35 49.95 -14.10
CA LEU I 179 -18.08 50.87 -13.22
C LEU I 179 -17.44 52.25 -13.16
N GLY I 180 -16.34 52.46 -13.85
CA GLY I 180 -15.63 53.72 -13.86
C GLY I 180 -16.46 54.97 -14.06
N PRO I 181 -17.23 55.05 -15.15
CA PRO I 181 -17.91 56.31 -15.46
C PRO I 181 -18.79 56.85 -14.35
N LEU I 182 -19.45 55.99 -13.59
CA LEU I 182 -20.23 56.49 -12.46
C LEU I 182 -19.34 57.23 -11.47
N PHE I 183 -18.19 56.66 -11.14
CA PHE I 183 -17.30 57.26 -10.17
C PHE I 183 -16.53 58.44 -10.74
N ILE I 184 -16.40 58.52 -12.06
CA ILE I 184 -15.90 59.76 -12.65
C ILE I 184 -16.94 60.86 -12.53
N LEU I 185 -18.20 60.54 -12.81
CA LEU I 185 -19.29 61.50 -12.59
C LEU I 185 -19.42 61.88 -11.12
N ALA I 186 -18.89 61.05 -10.21
CA ALA I 186 -18.98 61.38 -8.80
C ALA I 186 -18.26 62.67 -8.48
N LEU I 187 -17.34 63.10 -9.35
CA LEU I 187 -16.59 64.33 -9.12
C LEU I 187 -17.41 65.59 -9.37
N ILE I 188 -18.61 65.48 -9.94
CA ILE I 188 -19.45 66.65 -10.15
C ILE I 188 -19.79 67.32 -8.82
N TRP I 189 -20.21 66.54 -7.84
CA TRP I 189 -20.74 67.08 -6.59
C TRP I 189 -19.76 66.82 -5.47
N GLN I 190 -19.55 67.83 -4.62
CA GLN I 190 -18.61 67.69 -3.51
C GLN I 190 -18.96 66.55 -2.56
N PRO I 191 -20.20 66.31 -2.17
CA PRO I 191 -20.46 65.18 -1.26
C PRO I 191 -20.04 63.84 -1.80
N THR I 192 -20.13 63.63 -3.11
CA THR I 192 -19.80 62.35 -3.72
C THR I 192 -18.34 62.25 -4.16
N HIS I 193 -17.47 63.09 -3.64
CA HIS I 193 -16.05 63.00 -3.99
C HIS I 193 -15.41 61.75 -3.40
N ARG I 194 -15.86 61.34 -2.22
CA ARG I 194 -15.25 60.19 -1.56
C ARG I 194 -15.45 58.92 -2.36
N PHE I 195 -16.52 58.86 -3.15
CA PHE I 195 -16.73 57.69 -3.98
C PHE I 195 -15.63 57.54 -5.01
N PHE I 196 -15.28 58.65 -5.67
CA PHE I 196 -14.17 58.60 -6.62
C PHE I 196 -12.86 58.30 -5.91
N ASP I 197 -12.68 58.85 -4.71
CA ASP I 197 -11.45 58.56 -3.98
C ASP I 197 -11.31 57.07 -3.71
N GLN I 198 -12.38 56.43 -3.25
CA GLN I 198 -12.31 55.00 -2.97
C GLN I 198 -12.13 54.18 -4.24
N TRP I 199 -12.82 54.57 -5.31
CA TRP I 199 -12.65 53.85 -6.58
C TRP I 199 -11.22 53.93 -7.07
N ALA I 200 -10.61 55.12 -6.99
CA ALA I 200 -9.23 55.27 -7.40
C ALA I 200 -8.31 54.44 -6.52
N GLN I 201 -8.59 54.40 -5.22
CA GLN I 201 -7.74 53.60 -4.34
C GLN I 201 -7.79 52.13 -4.70
N GLN I 202 -9.00 51.61 -4.97
CA GLN I 202 -9.11 50.21 -5.36
C GLN I 202 -8.44 49.94 -6.70
N VAL I 203 -8.56 50.87 -7.65
CA VAL I 203 -7.91 50.70 -8.94
C VAL I 203 -6.40 50.60 -8.74
N LEU I 204 -5.83 51.49 -7.93
CA LEU I 204 -4.41 51.44 -7.66
C LEU I 204 -4.03 50.14 -6.96
N ASN I 205 -4.86 49.70 -6.02
CA ASN I 205 -4.59 48.45 -5.31
C ASN I 205 -4.48 47.29 -6.28
N TYR I 206 -5.46 47.12 -7.15
CA TYR I 206 -5.44 45.95 -8.02
C TYR I 206 -4.43 46.09 -9.15
N GLY I 207 -4.11 47.31 -9.57
CA GLY I 207 -3.01 47.48 -10.51
C GLY I 207 -1.67 47.10 -9.91
N LEU I 208 -1.40 47.54 -8.69
CA LEU I 208 -0.17 47.11 -8.03
C LEU I 208 -0.16 45.61 -7.82
N LEU I 209 -1.32 45.05 -7.47
CA LEU I 209 -1.44 43.60 -7.33
C LEU I 209 -1.02 42.90 -8.61
N ILE I 210 -1.56 43.34 -9.74
CA ILE I 210 -1.32 42.63 -10.98
C ILE I 210 0.14 42.78 -11.41
N VAL I 211 0.72 43.96 -11.18
CA VAL I 211 2.14 44.16 -11.48
C VAL I 211 3.01 43.22 -10.66
N LEU I 212 2.77 43.19 -9.35
CA LEU I 212 3.61 42.38 -8.47
C LEU I 212 3.49 40.89 -8.79
N PHE I 213 2.26 40.38 -8.92
CA PHE I 213 2.12 38.97 -9.28
C PHE I 213 2.70 38.66 -10.64
N ALA I 214 2.42 39.49 -11.65
CA ALA I 214 3.04 39.25 -12.95
C ALA I 214 4.54 39.02 -12.79
N ALA I 215 5.23 40.02 -12.25
CA ALA I 215 6.69 39.94 -12.18
C ALA I 215 7.16 38.76 -11.33
N VAL I 216 6.79 38.77 -10.04
CA VAL I 216 7.35 37.80 -9.11
C VAL I 216 6.90 36.39 -9.46
N PHE I 217 5.62 36.21 -9.79
CA PHE I 217 5.12 34.89 -10.13
C PHE I 217 5.79 34.36 -11.38
N GLY I 218 5.98 35.20 -12.39
CA GLY I 218 6.68 34.74 -13.57
C GLY I 218 8.08 34.25 -13.24
N LEU I 219 8.82 35.04 -12.45
CA LEU I 219 10.17 34.64 -12.10
C LEU I 219 10.18 33.31 -11.34
N LEU I 220 9.34 33.22 -10.31
CA LEU I 220 9.34 32.03 -9.45
C LEU I 220 8.88 30.80 -10.21
N MET I 221 7.86 30.94 -11.05
CA MET I 221 7.37 29.81 -11.81
C MET I 221 8.37 29.36 -12.86
N GLN I 222 9.11 30.30 -13.47
CA GLN I 222 10.15 29.88 -14.39
C GLN I 222 11.27 29.14 -13.67
N ILE I 223 11.64 29.59 -12.47
CA ILE I 223 12.65 28.89 -11.69
C ILE I 223 12.18 27.47 -11.37
N PHE I 224 10.94 27.34 -10.90
CA PHE I 224 10.40 26.04 -10.56
C PHE I 224 10.32 25.14 -11.79
N GLY I 225 9.93 25.69 -12.93
CA GLY I 225 9.85 24.91 -14.14
C GLY I 225 11.20 24.39 -14.58
N SER I 226 12.24 25.23 -14.50
CA SER I 226 13.58 24.77 -14.86
C SER I 226 14.03 23.65 -13.92
N TYR I 227 13.83 23.86 -12.62
CA TYR I 227 14.25 22.84 -11.65
C TYR I 227 13.56 21.52 -11.93
N MET I 228 12.25 21.54 -12.14
CA MET I 228 11.55 20.29 -12.40
C MET I 228 11.93 19.70 -13.74
N ALA I 229 12.22 20.54 -14.73
CA ALA I 229 12.64 20.04 -16.03
C ALA I 229 13.98 19.32 -15.95
N ASP I 230 14.80 19.62 -14.96
CA ASP I 230 16.06 18.89 -14.82
C ASP I 230 15.94 17.68 -13.91
N LEU I 231 14.75 17.39 -13.38
CA LEU I 231 14.56 16.25 -12.47
C LEU I 231 14.46 14.95 -13.25
N ARG I 232 15.10 13.91 -12.73
CA ARG I 232 15.14 12.62 -13.41
C ARG I 232 15.19 11.50 -12.38
N PHE I 233 14.47 10.41 -12.67
CA PHE I 233 14.52 9.21 -11.83
C PHE I 233 15.54 8.21 -12.36
N ASP I 234 16.76 8.67 -12.58
CA ASP I 234 17.83 7.79 -13.03
C ASP I 234 18.59 7.27 -11.81
N GLY I 235 19.67 6.56 -12.08
CA GLY I 235 20.46 6.06 -10.97
C GLY I 235 21.45 7.06 -10.42
N ALA I 236 21.46 8.29 -10.92
CA ALA I 236 22.47 9.27 -10.57
C ALA I 236 21.96 10.39 -9.67
N GLN I 237 20.66 10.59 -9.59
CA GLN I 237 20.09 11.65 -8.77
C GLN I 237 19.46 11.05 -7.53
N ASN I 238 19.65 11.72 -6.40
CA ASN I 238 19.03 11.28 -5.16
C ASN I 238 17.57 11.69 -5.16
N VAL I 239 16.68 10.71 -5.02
CA VAL I 239 15.26 10.98 -5.09
C VAL I 239 14.84 11.91 -3.95
N ALA I 240 15.36 11.67 -2.75
CA ALA I 240 15.02 12.52 -1.62
C ALA I 240 15.44 13.95 -1.86
N TYR I 241 16.65 14.16 -2.38
CA TYR I 241 17.13 15.51 -2.65
C TYR I 241 16.21 16.21 -3.66
N ALA I 242 15.84 15.50 -4.72
CA ALA I 242 15.04 16.12 -5.78
C ALA I 242 13.65 16.48 -5.28
N ILE I 243 12.97 15.54 -4.60
CA ILE I 243 11.63 15.82 -4.12
C ILE I 243 11.66 16.91 -3.06
N GLY I 244 12.69 16.90 -2.21
CA GLY I 244 12.81 17.95 -1.21
C GLY I 244 13.04 19.31 -1.83
N GLY I 245 13.87 19.39 -2.86
CA GLY I 245 14.03 20.65 -3.57
C GLY I 245 12.72 21.12 -4.18
N SER I 246 11.97 20.18 -4.75
CA SER I 246 10.67 20.53 -5.31
C SER I 246 9.76 21.14 -4.27
N VAL I 247 9.62 20.47 -3.11
CA VAL I 247 8.69 20.97 -2.11
C VAL I 247 9.18 22.28 -1.52
N ILE I 248 10.50 22.43 -1.33
CA ILE I 248 11.02 23.67 -0.78
C ILE I 248 10.75 24.83 -1.74
N LEU I 249 11.01 24.63 -3.03
CA LEU I 249 10.75 25.69 -4.00
C LEU I 249 9.28 26.06 -4.04
N SER I 250 8.41 25.05 -4.08
CA SER I 250 6.97 25.33 -4.14
C SER I 250 6.52 26.13 -2.92
N ILE I 251 6.89 25.64 -1.74
CA ILE I 251 6.44 26.32 -0.48
C ILE I 251 7.03 27.72 -0.43
N VAL I 252 8.31 27.87 -0.78
CA VAL I 252 8.96 29.21 -0.69
C VAL I 252 8.18 30.15 -1.60
N SER I 253 7.86 29.71 -2.82
CA SER I 253 7.14 30.57 -3.79
C SER I 253 5.74 30.90 -3.27
N ILE I 254 5.01 29.90 -2.75
CA ILE I 254 3.61 30.14 -2.32
C ILE I 254 3.57 31.14 -1.15
N VAL I 255 4.45 30.94 -0.15
CA VAL I 255 4.45 31.85 1.04
C VAL I 255 4.92 33.25 0.62
N LEU I 256 5.89 33.33 -0.31
CA LEU I 256 6.31 34.66 -0.82
C LEU I 256 5.11 35.31 -1.50
N LEU I 257 4.38 34.55 -2.33
CA LEU I 257 3.19 35.08 -3.04
C LEU I 257 2.13 35.49 -1.99
N MET I 258 1.98 34.70 -0.93
CA MET I 258 0.97 34.98 0.12
C MET I 258 1.25 36.35 0.75
N GLN I 259 2.51 36.78 0.77
CA GLN I 259 2.82 38.11 1.30
C GLN I 259 2.49 39.23 0.33
N LEU I 260 2.58 38.98 -0.98
CA LEU I 260 2.35 40.06 -1.94
C LEU I 260 1.02 40.82 -1.79
N PRO I 261 -0.14 40.18 -1.63
CA PRO I 261 -1.39 40.97 -1.60
C PRO I 261 -1.43 42.01 -0.50
N SER I 262 -0.93 41.67 0.68
CA SER I 262 -0.90 42.64 1.77
C SER I 262 -0.01 43.81 1.41
N ILE I 263 1.10 43.54 0.72
CA ILE I 263 1.97 44.61 0.26
C ILE I 263 1.22 45.54 -0.70
N ALA I 264 0.50 44.96 -1.66
CA ALA I 264 -0.20 45.80 -2.62
C ALA I 264 -1.25 46.67 -1.93
N SER I 265 -2.03 46.07 -1.02
CA SER I 265 -3.03 46.85 -0.31
C SER I 265 -2.40 47.92 0.56
N GLY I 266 -1.25 47.60 1.17
CA GLY I 266 -0.58 48.58 2.01
C GLY I 266 -0.05 49.77 1.23
N LEU I 267 0.55 49.53 0.08
CA LEU I 267 0.97 50.65 -0.76
C LEU I 267 -0.21 51.48 -1.23
N ALA I 268 -1.30 50.82 -1.65
CA ALA I 268 -2.46 51.57 -2.08
C ALA I 268 -2.99 52.46 -0.95
N GLY I 269 -3.02 51.92 0.27
CA GLY I 269 -3.44 52.74 1.40
C GLY I 269 -2.44 53.83 1.73
N GLY I 270 -1.15 53.55 1.56
CA GLY I 270 -0.13 54.53 1.88
C GLY I 270 -0.21 55.76 1.00
N ILE I 271 -0.40 55.55 -0.31
CA ILE I 271 -0.72 56.69 -1.16
C ILE I 271 -2.05 57.27 -0.72
N GLY I 272 -2.08 58.57 -0.48
CA GLY I 272 -3.22 59.20 0.14
C GLY I 272 -4.55 58.96 -0.54
N LEU I 273 -4.72 59.50 -1.74
CA LEU I 273 -5.96 59.34 -2.51
C LEU I 273 -7.20 59.70 -1.70
N ALA J 2 -28.57 9.11 -8.09
CA ALA J 2 -27.86 10.34 -8.39
C ALA J 2 -27.31 10.98 -7.13
N PHE J 3 -26.46 11.98 -7.29
CA PHE J 3 -25.88 12.70 -6.17
C PHE J 3 -26.78 13.85 -5.79
N GLU J 4 -27.38 13.76 -4.61
CA GLU J 4 -28.27 14.80 -4.07
C GLU J 4 -27.84 15.06 -2.64
N LEU J 5 -27.03 16.07 -2.45
CA LEU J 5 -26.62 16.47 -1.11
C LEU J 5 -26.99 17.90 -0.77
N PHE J 6 -26.76 18.84 -1.68
CA PHE J 6 -27.04 20.24 -1.37
C PHE J 6 -28.51 20.57 -1.41
N THR J 7 -29.29 19.90 -2.26
CA THR J 7 -30.73 20.12 -2.23
C THR J 7 -31.36 19.70 -0.92
N PRO J 8 -31.17 18.48 -0.41
CA PRO J 8 -31.74 18.15 0.90
C PRO J 8 -31.21 19.01 2.03
N LEU J 9 -29.93 19.34 2.02
CA LEU J 9 -29.36 20.15 3.09
C LEU J 9 -29.97 21.55 3.09
N PHE J 10 -30.07 22.16 1.91
CA PHE J 10 -30.66 23.49 1.83
C PHE J 10 -32.12 23.47 2.22
N ASN J 11 -32.87 22.44 1.81
CA ASN J 11 -34.26 22.35 2.21
C ASN J 11 -34.39 22.17 3.72
N LYS J 12 -33.52 21.38 4.32
CA LYS J 12 -33.56 21.19 5.77
C LYS J 12 -33.29 22.49 6.50
N ILE J 13 -32.25 23.21 6.08
CA ILE J 13 -31.91 24.46 6.75
C ILE J 13 -33.01 25.49 6.55
N ASP J 14 -33.61 25.52 5.35
CA ASP J 14 -34.69 26.46 5.11
C ASP J 14 -35.92 26.13 5.93
N GLN J 15 -36.24 24.84 6.08
CA GLN J 15 -37.36 24.47 6.94
C GLN J 15 -37.07 24.86 8.39
N THR J 16 -35.85 24.62 8.86
CA THR J 16 -35.50 24.99 10.22
C THR J 16 -35.64 26.49 10.44
N THR J 17 -35.08 27.29 9.53
CA THR J 17 -35.16 28.73 9.71
C THR J 17 -36.58 29.23 9.58
N ALA J 18 -37.37 28.64 8.68
CA ALA J 18 -38.77 29.04 8.55
C ALA J 18 -39.53 28.76 9.83
N THR J 19 -39.33 27.59 10.43
CA THR J 19 -40.09 27.24 11.62
C THR J 19 -39.65 28.06 12.83
N TYR J 20 -38.37 28.41 12.93
CA TYR J 20 -37.87 28.96 14.17
C TYR J 20 -37.68 30.48 14.15
N VAL J 21 -37.29 31.07 13.02
CA VAL J 21 -37.14 32.51 12.96
C VAL J 21 -38.36 33.15 12.30
N THR J 22 -38.65 32.76 11.06
CA THR J 22 -39.66 33.44 10.27
C THR J 22 -41.05 33.26 10.87
N ASP J 23 -41.43 32.03 11.20
CA ASP J 23 -42.77 31.79 11.69
C ASP J 23 -42.98 32.44 13.05
N ILE J 24 -41.98 32.40 13.92
CA ILE J 24 -42.12 33.05 15.22
C ILE J 24 -42.28 34.56 15.06
N SER J 25 -41.47 35.16 14.19
CA SER J 25 -41.60 36.61 13.98
C SER J 25 -42.97 36.95 13.43
N SER J 26 -43.43 36.16 12.45
CA SER J 26 -44.77 36.39 11.85
C SER J 26 -45.84 36.28 12.94
N ARG J 27 -45.78 35.23 13.74
CA ARG J 27 -46.80 35.00 14.80
C ARG J 27 -46.75 36.16 15.80
N ALA J 28 -45.54 36.59 16.19
CA ALA J 28 -45.41 37.67 17.19
C ALA J 28 -46.00 38.97 16.64
N ILE J 29 -45.71 39.29 15.36
CA ILE J 29 -46.29 40.52 14.74
C ILE J 29 -47.81 40.37 14.65
N ALA J 30 -48.29 39.20 14.26
CA ALA J 30 -49.75 38.98 14.11
C ALA J 30 -50.42 39.17 15.47
N ALA J 31 -49.76 38.70 16.53
CA ALA J 31 -50.33 38.80 17.90
C ALA J 31 -50.38 40.26 18.35
N ILE J 32 -49.45 41.11 17.90
CA ILE J 32 -49.46 42.48 18.42
C ILE J 32 -50.15 43.46 17.50
N THR J 33 -50.33 43.12 16.23
CA THR J 33 -50.82 44.11 15.26
C THR J 33 -52.17 44.70 15.63
N PRO J 34 -53.23 43.92 15.93
CA PRO J 34 -54.52 44.55 16.26
C PRO J 34 -54.47 45.39 17.52
N VAL J 35 -53.90 44.82 18.59
CA VAL J 35 -53.90 45.52 19.87
C VAL J 35 -53.05 46.78 19.79
N VAL J 36 -51.87 46.69 19.18
CA VAL J 36 -51.03 47.88 19.06
C VAL J 36 -51.70 48.90 18.17
N SER J 37 -52.35 48.45 17.10
CA SER J 37 -53.05 49.39 16.18
C SER J 37 -54.08 50.20 16.96
N VAL J 38 -54.99 49.54 17.67
CA VAL J 38 -56.07 50.24 18.44
C VAL J 38 -55.42 51.11 19.52
N GLY J 39 -54.40 50.57 20.21
CA GLY J 39 -53.72 51.33 21.28
C GLY J 39 -53.02 52.57 20.73
N LEU J 40 -52.36 52.44 19.57
CA LEU J 40 -51.67 53.59 18.94
C LEU J 40 -52.71 54.64 18.55
N THR J 41 -53.84 54.20 18.00
CA THR J 41 -54.91 55.15 17.57
C THR J 41 -55.47 55.86 18.80
N LEU J 42 -55.84 55.12 19.84
CA LEU J 42 -56.45 55.73 21.02
C LEU J 42 -55.47 56.67 21.71
N GLY J 43 -54.19 56.28 21.76
CA GLY J 43 -53.19 57.15 22.33
C GLY J 43 -53.02 58.45 21.56
N PHE J 44 -53.05 58.36 20.22
CA PHE J 44 -53.01 59.58 19.42
C PHE J 44 -54.19 60.48 19.74
N ILE J 45 -55.39 59.91 19.81
CA ILE J 45 -56.57 60.73 20.12
C ILE J 45 -56.42 61.39 21.49
N THR J 46 -56.01 60.61 22.48
CA THR J 46 -55.87 61.13 23.83
C THR J 46 -54.84 62.25 23.89
N TYR J 47 -53.68 62.04 23.28
CA TYR J 47 -52.65 63.06 23.34
C TYR J 47 -53.09 64.32 22.61
N GLY J 48 -53.83 64.17 21.51
CA GLY J 48 -54.36 65.35 20.84
C GLY J 48 -55.28 66.15 21.73
N TRP J 49 -56.22 65.47 22.39
CA TRP J 49 -57.12 66.19 23.30
C TRP J 49 -56.34 66.87 24.42
N LEU J 50 -55.39 66.18 25.03
CA LEU J 50 -54.63 66.77 26.12
C LEU J 50 -53.82 67.99 25.65
N ILE J 51 -53.18 67.91 24.49
CA ILE J 51 -52.36 69.03 24.05
C ILE J 51 -53.23 70.22 23.68
N ILE J 52 -54.42 69.97 23.13
CA ILE J 52 -55.30 71.11 22.85
C ILE J 52 -55.99 71.59 24.12
N ARG J 53 -55.91 70.83 25.22
CA ARG J 53 -56.56 71.18 26.47
C ARG J 53 -55.60 71.26 27.64
N GLY J 54 -54.44 71.89 27.46
CA GLY J 54 -53.59 72.18 28.60
C GLY J 54 -52.10 71.92 28.45
N ALA J 55 -51.74 70.88 27.69
CA ALA J 55 -50.33 70.56 27.55
C ALA J 55 -49.65 71.50 26.55
N VAL J 56 -48.32 71.49 26.55
CA VAL J 56 -47.56 72.28 25.60
C VAL J 56 -47.69 71.64 24.22
N GLU J 57 -48.08 72.45 23.23
CA GLU J 57 -48.38 71.93 21.91
C GLU J 57 -48.02 72.92 20.82
N MET J 58 -47.58 72.39 19.68
CA MET J 58 -47.55 73.13 18.42
C MET J 58 -48.60 72.49 17.53
N PRO J 59 -49.77 73.08 17.40
CA PRO J 59 -50.96 72.31 17.00
C PRO J 59 -50.86 71.63 15.64
N VAL J 60 -50.57 72.40 14.59
CA VAL J 60 -50.71 71.90 13.24
C VAL J 60 -49.38 71.44 12.64
N ALA J 61 -48.27 72.08 12.97
CA ALA J 61 -47.00 71.70 12.36
C ALA J 61 -46.37 70.51 13.09
N GLU J 62 -46.01 70.71 14.36
CA GLU J 62 -45.23 69.70 15.06
C GLU J 62 -46.05 68.45 15.35
N PHE J 63 -47.30 68.61 15.75
CA PHE J 63 -48.09 67.43 16.06
C PHE J 63 -48.31 66.57 14.83
N LEU J 64 -48.73 67.18 13.71
CA LEU J 64 -48.93 66.40 12.49
C LEU J 64 -47.62 65.78 12.03
N ASN J 65 -46.51 66.52 12.07
CA ASN J 65 -45.25 65.98 11.59
C ASN J 65 -44.80 64.79 12.44
N ARG J 66 -44.83 64.94 13.76
CA ARG J 66 -44.40 63.86 14.64
C ARG J 66 -45.32 62.65 14.52
N CYS J 67 -46.62 62.89 14.45
CA CYS J 67 -47.56 61.78 14.29
C CYS J 67 -47.31 61.04 12.99
N LEU J 68 -47.05 61.78 11.90
CA LEU J 68 -46.78 61.12 10.62
C LEU J 68 -45.50 60.31 10.67
N ARG J 69 -44.46 60.84 11.32
CA ARG J 69 -43.23 60.07 11.46
C ARG J 69 -43.50 58.75 12.18
N ILE J 70 -44.13 58.83 13.35
CA ILE J 70 -44.39 57.62 14.12
C ILE J 70 -45.25 56.65 13.31
N GLY J 71 -46.26 57.17 12.64
CA GLY J 71 -47.16 56.33 11.88
C GLY J 71 -46.48 55.61 10.73
N ILE J 72 -45.67 56.32 9.96
CA ILE J 72 -44.99 55.70 8.83
C ILE J 72 -44.01 54.64 9.32
N ILE J 73 -43.26 54.96 10.37
CA ILE J 73 -42.26 54.00 10.85
C ILE J 73 -42.95 52.76 11.40
N VAL J 74 -44.03 52.94 12.16
CA VAL J 74 -44.74 51.79 12.71
C VAL J 74 -45.39 50.99 11.59
N SER J 75 -45.89 51.67 10.56
CA SER J 75 -46.49 50.96 9.43
C SER J 75 -45.46 50.08 8.74
N ILE J 76 -44.22 50.54 8.63
CA ILE J 76 -43.23 49.71 7.90
C ILE J 76 -42.87 48.53 8.81
N ALA J 77 -42.64 48.77 10.09
CA ALA J 77 -42.18 47.68 10.99
C ALA J 77 -43.26 46.62 11.10
N LEU J 78 -44.51 47.03 11.29
CA LEU J 78 -45.62 46.05 11.39
C LEU J 78 -45.77 45.34 10.04
N ALA J 79 -45.51 46.03 8.92
CA ALA J 79 -45.60 45.43 7.57
C ALA J 79 -44.50 44.40 7.39
N GLY J 80 -43.46 44.45 8.20
CA GLY J 80 -42.40 43.42 8.17
C GLY J 80 -43.01 42.10 8.59
N GLY J 81 -44.24 42.13 9.12
CA GLY J 81 -44.99 40.91 9.48
C GLY J 81 -45.25 40.02 8.29
N LEU J 82 -45.21 40.55 7.07
CA LEU J 82 -45.29 39.69 5.87
C LEU J 82 -43.90 39.11 5.63
N TYR J 83 -43.35 38.35 6.59
CA TYR J 83 -41.98 37.76 6.50
C TYR J 83 -41.91 36.67 5.45
N GLN J 84 -42.99 35.92 5.26
CA GLN J 84 -42.95 34.76 4.33
C GLN J 84 -42.57 35.23 2.93
N GLY J 85 -43.03 36.40 2.51
CA GLY J 85 -42.59 36.93 1.22
C GLY J 85 -41.09 37.19 1.17
N GLU J 86 -40.51 37.73 2.23
CA GLU J 86 -39.07 38.11 2.20
C GLU J 86 -38.17 36.87 2.27
N ILE J 87 -38.59 35.83 2.98
CA ILE J 87 -37.83 34.58 3.06
C ILE J 87 -37.87 33.86 1.71
N ALA J 88 -39.04 33.81 1.07
CA ALA J 88 -39.11 33.24 -0.26
C ALA J 88 -38.29 34.05 -1.25
N ASN J 89 -38.23 35.37 -1.05
CA ASN J 89 -37.46 36.22 -1.95
C ASN J 89 -35.98 35.89 -1.88
N ALA J 90 -35.45 35.64 -0.68
CA ALA J 90 -34.04 35.25 -0.59
C ALA J 90 -33.81 33.88 -1.20
N ILE J 91 -34.66 32.90 -0.84
CA ILE J 91 -34.51 31.55 -1.34
C ILE J 91 -34.63 31.49 -2.86
N THR J 92 -35.32 32.46 -3.47
CA THR J 92 -35.36 32.54 -4.92
C THR J 92 -34.33 33.46 -5.52
N THR J 93 -33.76 34.37 -4.73
CA THR J 93 -32.69 35.22 -5.23
C THR J 93 -31.45 34.41 -5.50
N VAL J 94 -31.18 33.40 -4.68
CA VAL J 94 -30.01 32.54 -4.92
C VAL J 94 -30.09 31.86 -6.30
N PRO J 95 -31.15 31.12 -6.64
CA PRO J 95 -31.11 30.36 -7.90
C PRO J 95 -31.24 31.22 -9.13
N ASP J 96 -32.02 32.30 -9.09
CA ASP J 96 -32.16 33.14 -10.27
C ASP J 96 -30.82 33.70 -10.69
N GLU J 97 -30.02 34.17 -9.72
CA GLU J 97 -28.70 34.70 -10.05
C GLU J 97 -27.76 33.59 -10.48
N LEU J 98 -27.71 32.49 -9.73
CA LEU J 98 -26.68 31.50 -10.02
C LEU J 98 -26.99 30.74 -11.32
N ALA J 99 -28.25 30.73 -11.74
CA ALA J 99 -28.65 29.88 -12.85
C ALA J 99 -28.09 30.37 -14.19
N SER J 100 -28.26 31.67 -14.48
CA SER J 100 -27.86 32.14 -15.79
C SER J 100 -27.25 33.53 -15.82
N ALA J 101 -27.03 34.19 -14.69
CA ALA J 101 -26.55 35.57 -14.71
C ALA J 101 -25.17 35.68 -15.35
N LEU J 102 -24.26 34.77 -14.99
CA LEU J 102 -22.91 34.78 -15.53
C LEU J 102 -22.52 33.49 -16.23
N LEU J 103 -23.35 32.45 -16.18
CA LEU J 103 -22.98 31.20 -16.83
C LEU J 103 -22.94 31.35 -18.34
N GLY J 104 -23.84 32.17 -18.89
CA GLY J 104 -23.87 32.36 -20.33
C GLY J 104 -24.58 31.24 -21.05
N ASN J 105 -24.13 30.01 -20.84
CA ASN J 105 -24.81 28.86 -21.40
C ASN J 105 -26.21 28.76 -20.79
N PRO J 106 -27.26 28.70 -21.60
CA PRO J 106 -28.62 28.74 -21.04
C PRO J 106 -28.94 27.48 -20.27
N THR J 107 -29.49 27.67 -19.07
CA THR J 107 -30.01 26.58 -18.26
C THR J 107 -31.53 26.75 -18.20
N GLN J 108 -32.26 25.66 -18.43
CA GLN J 108 -33.72 25.74 -18.50
C GLN J 108 -34.31 26.23 -17.19
N GLY J 109 -33.96 25.58 -16.10
CA GLY J 109 -34.39 26.01 -14.78
C GLY J 109 -33.91 25.06 -13.70
N ALA J 110 -33.36 25.62 -12.63
CA ALA J 110 -32.77 24.83 -11.55
C ALA J 110 -32.47 25.78 -10.40
N SER J 111 -31.80 25.26 -9.37
CA SER J 111 -31.41 26.03 -8.21
C SER J 111 -29.90 25.97 -8.05
N ALA J 112 -29.39 26.77 -7.12
CA ALA J 112 -27.96 26.76 -6.85
C ALA J 112 -27.51 25.39 -6.36
N ALA J 113 -28.26 24.82 -5.41
CA ALA J 113 -27.93 23.50 -4.92
C ALA J 113 -27.92 22.48 -6.04
N ALA J 114 -28.81 22.63 -7.01
CA ALA J 114 -28.86 21.68 -8.12
C ALA J 114 -27.56 21.70 -8.91
N LEU J 115 -27.08 22.89 -9.27
CA LEU J 115 -25.87 22.95 -10.09
C LEU J 115 -24.64 22.51 -9.31
N VAL J 116 -24.57 22.88 -8.04
CA VAL J 116 -23.47 22.38 -7.22
C VAL J 116 -23.50 20.87 -7.16
N ASP J 117 -24.70 20.30 -7.04
CA ASP J 117 -24.84 18.86 -6.98
C ASP J 117 -24.39 18.21 -8.29
N GLN J 118 -24.74 18.79 -9.43
CA GLN J 118 -24.36 18.20 -10.70
C GLN J 118 -22.85 18.21 -10.88
N SER J 119 -22.20 19.33 -10.60
CA SER J 119 -20.75 19.38 -10.76
C SER J 119 -20.06 18.44 -9.77
N ALA J 120 -20.51 18.42 -8.52
CA ALA J 120 -19.95 17.49 -7.56
C ALA J 120 -20.18 16.05 -7.98
N GLN J 121 -21.30 15.78 -8.64
CA GLN J 121 -21.56 14.43 -9.14
C GLN J 121 -20.56 14.06 -10.21
N GLN J 122 -20.23 14.99 -11.10
CA GLN J 122 -19.22 14.68 -12.11
C GLN J 122 -17.89 14.34 -11.46
N GLY J 123 -17.47 15.17 -10.50
CA GLY J 123 -16.20 14.89 -9.82
C GLY J 123 -16.22 13.56 -9.10
N PHE J 124 -17.30 13.28 -8.38
CA PHE J 124 -17.38 12.05 -7.61
C PHE J 124 -17.51 10.84 -8.52
N ASP J 125 -18.09 11.00 -9.70
CA ASP J 125 -18.13 9.90 -10.66
C ASP J 125 -16.73 9.58 -11.16
N ARG J 126 -15.92 10.61 -11.41
CA ARG J 126 -14.53 10.34 -11.79
C ARG J 126 -13.78 9.64 -10.66
N ALA J 127 -14.02 10.07 -9.42
CA ALA J 127 -13.39 9.40 -8.29
C ALA J 127 -13.85 7.94 -8.19
N SER J 128 -15.13 7.69 -8.45
CA SER J 128 -15.65 6.34 -8.40
C SER J 128 -15.03 5.47 -9.49
N GLU J 129 -14.82 6.03 -10.67
CA GLU J 129 -14.15 5.28 -11.72
C GLU J 129 -12.72 4.97 -11.32
N ALA J 130 -12.04 5.91 -10.67
CA ALA J 130 -10.70 5.64 -10.17
C ALA J 130 -10.72 4.50 -9.15
N PHE J 131 -11.71 4.49 -8.26
CA PHE J 131 -11.83 3.42 -7.28
C PHE J 131 -12.08 2.08 -7.96
N GLU J 132 -12.89 2.09 -9.02
CA GLU J 132 -13.15 0.87 -9.78
C GLU J 132 -11.86 0.35 -10.40
N GLU J 133 -11.06 1.23 -10.97
CA GLU J 133 -9.77 0.81 -11.51
C GLU J 133 -8.87 0.26 -10.42
N ALA J 134 -8.91 0.87 -9.24
CA ALA J 134 -8.16 0.34 -8.11
C ALA J 134 -8.63 -1.06 -7.75
N GLY J 135 -9.94 -1.30 -7.85
CA GLY J 135 -10.45 -2.64 -7.59
C GLY J 135 -9.99 -3.64 -8.63
N PHE J 136 -9.86 -3.21 -9.88
CA PHE J 136 -9.42 -4.13 -10.93
C PHE J 136 -8.01 -4.64 -10.66
N PHE J 137 -7.06 -3.73 -10.43
CA PHE J 137 -5.69 -4.11 -10.10
C PHE J 137 -5.64 -4.37 -8.60
N SER J 138 -5.63 -5.64 -8.20
CA SER J 138 -5.66 -5.99 -6.79
C SER J 138 -4.49 -5.35 -6.06
N SER J 139 -3.28 -5.79 -6.35
CA SER J 139 -2.10 -5.03 -6.01
C SER J 139 -1.72 -4.18 -7.22
N ASP J 140 -0.83 -3.21 -6.99
CA ASP J 140 -0.54 -2.18 -7.99
C ASP J 140 -1.80 -1.43 -8.38
N GLY J 141 -2.71 -1.26 -7.43
CA GLY J 141 -3.98 -0.61 -7.71
C GLY J 141 -4.26 0.51 -6.74
N LEU J 142 -3.52 0.57 -5.64
CA LEU J 142 -3.74 1.63 -4.68
C LEU J 142 -3.33 2.99 -5.21
N LEU J 143 -2.54 3.03 -6.28
CA LEU J 143 -2.29 4.29 -6.96
C LEU J 143 -3.59 4.90 -7.46
N TYR J 144 -4.45 4.08 -8.04
CA TYR J 144 -5.75 4.57 -8.47
C TYR J 144 -6.61 4.97 -7.28
N GLY J 145 -6.44 4.29 -6.14
CA GLY J 145 -7.13 4.73 -4.94
C GLY J 145 -6.70 6.12 -4.51
N LEU J 146 -5.40 6.39 -4.56
CA LEU J 146 -4.92 7.73 -4.23
C LEU J 146 -5.43 8.76 -5.21
N PHE J 147 -5.48 8.41 -6.50
CA PHE J 147 -6.07 9.31 -7.49
C PHE J 147 -7.52 9.63 -7.14
N GLY J 148 -8.29 8.60 -6.78
CA GLY J 148 -9.67 8.82 -6.41
C GLY J 148 -9.81 9.67 -5.16
N ILE J 149 -8.91 9.46 -4.20
CA ILE J 149 -8.93 10.27 -2.95
C ILE J 149 -8.71 11.75 -3.32
N ILE J 150 -7.70 12.02 -4.15
CA ILE J 150 -7.37 13.43 -4.51
C ILE J 150 -8.55 14.07 -5.26
N ILE J 151 -9.15 13.34 -6.19
CA ILE J 151 -10.32 13.87 -6.96
C ILE J 151 -11.45 14.15 -5.96
N LEU J 152 -11.74 13.18 -5.09
CA LEU J 152 -12.83 13.33 -4.14
C LEU J 152 -12.59 14.52 -3.23
N LEU J 153 -11.37 14.67 -2.74
CA LEU J 153 -11.06 15.79 -1.84
C LEU J 153 -11.16 17.12 -2.57
N ALA J 154 -10.63 17.21 -3.78
CA ALA J 154 -10.72 18.47 -4.51
C ALA J 154 -12.18 18.88 -4.72
N THR J 155 -12.98 17.95 -5.24
CA THR J 155 -14.39 18.25 -5.48
C THR J 155 -15.10 18.62 -4.18
N GLY J 156 -14.87 17.85 -3.12
CA GLY J 156 -15.57 18.09 -1.87
C GLY J 156 -15.20 19.40 -1.23
N LEU J 157 -13.90 19.72 -1.18
CA LEU J 157 -13.48 21.01 -0.66
C LEU J 157 -14.11 22.16 -1.41
N LEU J 158 -14.05 22.14 -2.75
CA LEU J 158 -14.61 23.25 -3.49
C LEU J 158 -16.11 23.40 -3.23
N ALA J 159 -16.85 22.31 -3.38
CA ALA J 159 -18.30 22.38 -3.20
C ALA J 159 -18.65 22.78 -1.79
N ALA J 160 -17.97 22.23 -0.79
CA ALA J 160 -18.29 22.51 0.59
C ALA J 160 -18.05 23.97 0.93
N ILE J 161 -16.91 24.50 0.46
CA ILE J 161 -16.55 25.93 0.71
C ILE J 161 -17.65 26.83 0.13
N GLY J 162 -18.05 26.62 -1.13
CA GLY J 162 -19.03 27.48 -1.75
C GLY J 162 -20.41 27.34 -1.14
N GLY J 163 -20.86 26.10 -0.96
CA GLY J 163 -22.18 25.88 -0.41
C GLY J 163 -22.30 26.36 1.02
N ALA J 164 -21.22 26.28 1.78
CA ALA J 164 -21.28 26.72 3.16
C ALA J 164 -21.38 28.23 3.25
N PHE J 165 -20.68 28.94 2.38
CA PHE J 165 -20.88 30.39 2.41
C PHE J 165 -22.25 30.80 1.89
N LEU J 166 -22.80 30.05 0.94
CA LEU J 166 -24.19 30.30 0.55
C LEU J 166 -25.14 30.08 1.72
N LEU J 167 -24.92 29.00 2.48
CA LEU J 167 -25.75 28.72 3.64
C LEU J 167 -25.63 29.81 4.68
N LEU J 168 -24.41 30.29 4.93
CA LEU J 168 -24.23 31.37 5.89
C LEU J 168 -24.99 32.62 5.47
N ALA J 169 -24.91 32.96 4.18
CA ALA J 169 -25.64 34.11 3.69
C ALA J 169 -27.14 33.95 3.89
N LYS J 170 -27.67 32.77 3.55
CA LYS J 170 -29.11 32.56 3.65
C LYS J 170 -29.57 32.60 5.10
N ILE J 171 -28.84 31.94 6.01
CA ILE J 171 -29.22 31.94 7.43
C ILE J 171 -29.16 33.35 7.99
N ALA J 172 -28.10 34.09 7.68
CA ALA J 172 -27.98 35.44 8.20
C ALA J 172 -29.10 36.34 7.67
N LEU J 173 -29.43 36.19 6.39
CA LEU J 173 -30.50 37.02 5.83
C LEU J 173 -31.84 36.66 6.45
N ALA J 174 -32.08 35.39 6.72
CA ALA J 174 -33.32 34.99 7.39
C ALA J 174 -33.40 35.58 8.78
N LEU J 175 -32.31 35.50 9.55
CA LEU J 175 -32.31 36.04 10.90
C LEU J 175 -32.51 37.55 10.89
N LEU J 176 -31.84 38.25 9.96
CA LEU J 176 -31.99 39.70 9.89
C LEU J 176 -33.40 40.09 9.47
N ALA J 177 -33.99 39.38 8.50
CA ALA J 177 -35.35 39.68 8.11
C ALA J 177 -36.31 39.44 9.25
N GLY J 178 -36.08 38.40 10.04
CA GLY J 178 -36.93 38.16 11.19
C GLY J 178 -36.82 39.25 12.23
N LEU J 179 -35.60 39.71 12.51
CA LEU J 179 -35.41 40.74 13.52
C LEU J 179 -35.63 42.14 12.98
N GLY J 180 -35.94 42.27 11.69
CA GLY J 180 -36.18 43.54 11.06
C GLY J 180 -37.04 44.53 11.82
N PRO J 181 -38.27 44.15 12.17
CA PRO J 181 -39.20 45.13 12.75
C PRO J 181 -38.68 45.83 13.99
N LEU J 182 -37.92 45.15 14.84
CA LEU J 182 -37.36 45.82 16.00
C LEU J 182 -36.44 46.96 15.59
N PHE J 183 -35.58 46.73 14.61
CA PHE J 183 -34.65 47.77 14.18
C PHE J 183 -35.32 48.82 13.29
N ILE J 184 -36.48 48.48 12.72
CA ILE J 184 -37.23 49.54 11.97
C ILE J 184 -37.78 50.50 13.03
N LEU J 185 -38.18 49.97 14.19
CA LEU J 185 -38.69 50.81 15.31
C LEU J 185 -37.55 51.71 15.84
N ALA J 186 -36.30 51.30 15.68
CA ALA J 186 -35.15 52.08 16.17
C ALA J 186 -35.12 53.44 15.47
N LEU J 187 -35.68 53.53 14.27
CA LEU J 187 -35.75 54.83 13.52
C LEU J 187 -36.54 55.84 14.36
N ILE J 188 -37.58 55.39 15.08
CA ILE J 188 -38.44 56.32 15.87
C ILE J 188 -37.59 57.03 16.92
N TRP J 189 -36.67 56.32 17.58
CA TRP J 189 -35.90 56.94 18.70
C TRP J 189 -34.54 57.43 18.20
N GLN J 190 -34.25 58.72 18.40
CA GLN J 190 -32.93 59.28 18.00
C GLN J 190 -31.80 58.50 18.71
N PRO J 191 -31.79 58.23 20.05
CA PRO J 191 -30.70 57.45 20.64
C PRO J 191 -30.53 56.07 20.01
N THR J 192 -31.60 55.52 19.46
CA THR J 192 -31.58 54.16 18.91
C THR J 192 -31.49 54.13 17.40
N HIS J 193 -31.03 55.21 16.77
CA HIS J 193 -30.85 55.20 15.32
C HIS J 193 -29.65 54.36 14.90
N ARG J 194 -28.64 54.28 15.76
CA ARG J 194 -27.44 53.53 15.40
C ARG J 194 -27.75 52.05 15.24
N PHE J 195 -28.75 51.55 15.95
CA PHE J 195 -29.14 50.16 15.79
C PHE J 195 -29.65 49.89 14.38
N PHE J 196 -30.49 50.78 13.87
CA PHE J 196 -30.97 50.62 12.51
C PHE J 196 -29.84 50.75 11.52
N ASP J 197 -28.91 51.67 11.76
CA ASP J 197 -27.77 51.82 10.86
C ASP J 197 -26.96 50.54 10.78
N GLN J 198 -26.68 49.94 11.93
CA GLN J 198 -25.89 48.70 11.96
C GLN J 198 -26.65 47.55 11.32
N TRP J 199 -27.95 47.45 11.58
CA TRP J 199 -28.75 46.40 10.96
C TRP J 199 -28.75 46.53 9.45
N ALA J 200 -28.91 47.76 8.95
CA ALA J 200 -28.88 47.97 7.51
C ALA J 200 -27.52 47.60 6.93
N GLN J 201 -26.45 47.95 7.65
CA GLN J 201 -25.13 47.62 7.13
C GLN J 201 -24.93 46.11 7.04
N GLN J 202 -25.36 45.37 8.05
CA GLN J 202 -25.25 43.92 7.99
C GLN J 202 -26.11 43.34 6.88
N VAL J 203 -27.33 43.88 6.69
CA VAL J 203 -28.18 43.40 5.62
C VAL J 203 -27.50 43.60 4.28
N LEU J 204 -26.92 44.77 4.06
CA LEU J 204 -26.20 45.03 2.82
C LEU J 204 -25.00 44.10 2.68
N ASN J 205 -24.29 43.87 3.78
CA ASN J 205 -23.14 42.97 3.74
C ASN J 205 -23.54 41.60 3.24
N TYR J 206 -24.57 41.02 3.84
CA TYR J 206 -24.93 39.65 3.48
C TYR J 206 -25.65 39.57 2.15
N GLY J 207 -26.34 40.63 1.73
CA GLY J 207 -26.91 40.65 0.39
C GLY J 207 -25.84 40.69 -0.69
N LEU J 208 -24.85 41.56 -0.53
CA LEU J 208 -23.71 41.55 -1.44
C LEU J 208 -23.02 40.20 -1.39
N LEU J 209 -22.93 39.62 -0.20
CA LEU J 209 -22.27 38.34 -0.02
C LEU J 209 -22.93 37.30 -0.89
N ILE J 210 -24.25 37.22 -0.80
CA ILE J 210 -25.01 36.20 -1.51
C ILE J 210 -24.96 36.43 -3.01
N VAL J 211 -25.00 37.70 -3.44
CA VAL J 211 -24.91 37.98 -4.87
C VAL J 211 -23.58 37.50 -5.42
N LEU J 212 -22.49 37.86 -4.75
CA LEU J 212 -21.17 37.50 -5.23
C LEU J 212 -20.98 35.99 -5.27
N PHE J 213 -21.35 35.28 -4.20
CA PHE J 213 -21.20 33.83 -4.24
C PHE J 213 -22.10 33.18 -5.27
N ALA J 214 -23.38 33.56 -5.33
CA ALA J 214 -24.23 33.02 -6.38
C ALA J 214 -23.52 33.09 -7.73
N ALA J 215 -23.15 34.30 -8.15
CA ALA J 215 -22.58 34.47 -9.48
C ALA J 215 -21.26 33.72 -9.64
N VAL J 216 -20.25 34.09 -8.86
CA VAL J 216 -18.91 33.58 -9.07
C VAL J 216 -18.85 32.08 -8.81
N PHE J 217 -19.49 31.61 -7.73
CA PHE J 217 -19.51 30.20 -7.43
C PHE J 217 -20.19 29.40 -8.53
N GLY J 218 -21.32 29.88 -9.06
CA GLY J 218 -21.93 29.18 -10.16
C GLY J 218 -20.99 29.04 -11.34
N LEU J 219 -20.34 30.14 -11.71
CA LEU J 219 -19.42 30.10 -12.85
C LEU J 219 -18.29 29.10 -12.61
N LEU J 220 -17.64 29.20 -11.45
CA LEU J 220 -16.48 28.38 -11.17
C LEU J 220 -16.86 26.91 -11.05
N MET J 221 -17.97 26.61 -10.40
CA MET J 221 -18.39 25.23 -10.24
C MET J 221 -18.85 24.63 -11.56
N GLN J 222 -19.45 25.43 -12.44
CA GLN J 222 -19.78 24.91 -13.76
C GLN J 222 -18.54 24.61 -14.57
N ILE J 223 -17.52 25.47 -14.48
CA ILE J 223 -16.26 25.20 -15.17
C ILE J 223 -15.64 23.92 -14.65
N PHE J 224 -15.60 23.76 -13.33
CA PHE J 224 -15.02 22.56 -12.73
C PHE J 224 -15.81 21.33 -13.12
N GLY J 225 -17.13 21.43 -13.15
CA GLY J 225 -17.95 20.30 -13.54
C GLY J 225 -17.71 19.88 -14.97
N SER J 226 -17.59 20.84 -15.89
CA SER J 226 -17.29 20.50 -17.27
C SER J 226 -15.94 19.82 -17.39
N TYR J 227 -14.93 20.39 -16.72
CA TYR J 227 -13.59 19.80 -16.79
C TYR J 227 -13.59 18.37 -16.28
N MET J 228 -14.22 18.13 -15.13
CA MET J 228 -14.26 16.77 -14.61
C MET J 228 -15.10 15.86 -15.49
N ALA J 229 -16.16 16.37 -16.09
CA ALA J 229 -16.98 15.56 -16.97
C ALA J 229 -16.23 15.14 -18.22
N ASP J 230 -15.18 15.85 -18.59
CA ASP J 230 -14.36 15.43 -19.72
C ASP J 230 -13.18 14.54 -19.32
N LEU J 231 -13.02 14.23 -18.04
CA LEU J 231 -11.90 13.44 -17.58
C LEU J 231 -12.15 11.95 -17.80
N ARG J 232 -11.13 11.23 -18.25
CA ARG J 232 -11.24 9.82 -18.58
C ARG J 232 -9.93 9.11 -18.26
N PHE J 233 -10.02 7.90 -17.75
CA PHE J 233 -8.85 7.05 -17.55
C PHE J 233 -8.63 6.11 -18.72
N ASP J 234 -8.61 6.65 -19.93
CA ASP J 234 -8.34 5.86 -21.11
C ASP J 234 -6.84 5.86 -21.41
N GLY J 235 -6.46 5.27 -22.52
CA GLY J 235 -5.07 5.27 -22.85
C GLY J 235 -4.57 6.52 -23.55
N ALA J 236 -5.43 7.50 -23.75
CA ALA J 236 -5.10 8.69 -24.52
C ALA J 236 -4.95 9.95 -23.69
N GLN J 237 -5.33 9.91 -22.41
CA GLN J 237 -5.25 11.08 -21.54
C GLN J 237 -4.18 10.86 -20.49
N ASN J 238 -3.32 11.85 -20.32
CA ASN J 238 -2.29 11.77 -19.30
C ASN J 238 -2.91 11.93 -17.93
N VAL J 239 -2.75 10.92 -17.08
CA VAL J 239 -3.38 10.94 -15.77
C VAL J 239 -2.84 12.10 -14.94
N ALA J 240 -1.52 12.33 -15.00
CA ALA J 240 -0.94 13.43 -14.25
C ALA J 240 -1.51 14.76 -14.70
N TYR J 241 -1.63 14.98 -16.01
CA TYR J 241 -2.18 16.24 -16.51
C TYR J 241 -3.60 16.44 -16.01
N ALA J 242 -4.42 15.39 -16.07
CA ALA J 242 -5.82 15.52 -15.68
C ALA J 242 -5.97 15.80 -14.18
N ILE J 243 -5.27 15.02 -13.34
CA ILE J 243 -5.38 15.23 -11.91
C ILE J 243 -4.82 16.59 -11.52
N GLY J 244 -3.73 17.01 -12.17
CA GLY J 244 -3.18 18.32 -11.91
C GLY J 244 -4.13 19.44 -12.29
N GLY J 245 -4.79 19.31 -13.44
CA GLY J 245 -5.80 20.29 -13.81
C GLY J 245 -6.93 20.34 -12.80
N SER J 246 -7.35 19.17 -12.31
CA SER J 246 -8.41 19.15 -11.31
C SER J 246 -7.99 19.90 -10.05
N VAL J 247 -6.80 19.61 -9.53
CA VAL J 247 -6.38 20.25 -8.28
C VAL J 247 -6.14 21.73 -8.49
N ILE J 248 -5.62 22.12 -9.66
CA ILE J 248 -5.39 23.54 -9.93
C ILE J 248 -6.71 24.29 -9.99
N LEU J 249 -7.69 23.73 -10.70
CA LEU J 249 -9.00 24.38 -10.77
C LEU J 249 -9.62 24.49 -9.38
N SER J 250 -9.55 23.40 -8.61
CA SER J 250 -10.13 23.41 -7.26
C SER J 250 -9.50 24.50 -6.41
N ILE J 251 -8.17 24.56 -6.38
CA ILE J 251 -7.50 25.52 -5.50
C ILE J 251 -7.73 26.94 -5.97
N VAL J 252 -7.71 27.17 -7.28
CA VAL J 252 -7.97 28.52 -7.81
C VAL J 252 -9.34 28.99 -7.37
N SER J 253 -10.35 28.14 -7.57
CA SER J 253 -11.70 28.51 -7.17
C SER J 253 -11.78 28.76 -5.68
N ILE J 254 -11.13 27.92 -4.88
CA ILE J 254 -11.22 28.07 -3.43
C ILE J 254 -10.63 29.39 -2.98
N VAL J 255 -9.45 29.76 -3.51
CA VAL J 255 -8.83 30.98 -3.02
C VAL J 255 -9.62 32.20 -3.49
N LEU J 256 -10.14 32.19 -4.71
CA LEU J 256 -11.00 33.29 -5.12
C LEU J 256 -12.19 33.43 -4.17
N LEU J 257 -12.89 32.32 -3.93
CA LEU J 257 -14.06 32.36 -3.07
C LEU J 257 -13.70 32.80 -1.66
N MET J 258 -12.50 32.52 -1.20
CA MET J 258 -12.03 33.01 0.08
C MET J 258 -11.76 34.50 0.08
N GLN J 259 -11.41 35.08 -1.06
CA GLN J 259 -11.29 36.53 -1.10
C GLN J 259 -12.62 37.24 -1.18
N LEU J 260 -13.67 36.61 -1.71
CA LEU J 260 -14.96 37.32 -1.81
C LEU J 260 -15.55 37.85 -0.50
N PRO J 261 -15.55 37.13 0.63
CA PRO J 261 -16.22 37.66 1.83
C PRO J 261 -15.65 38.99 2.30
N SER J 262 -14.32 39.13 2.25
CA SER J 262 -13.71 40.40 2.62
C SER J 262 -14.16 41.50 1.70
N ILE J 263 -14.31 41.20 0.41
CA ILE J 263 -14.79 42.21 -0.53
C ILE J 263 -16.20 42.65 -0.17
N ALA J 264 -17.07 41.69 0.16
CA ALA J 264 -18.43 42.06 0.52
C ALA J 264 -18.48 42.92 1.77
N SER J 265 -17.75 42.52 2.81
CA SER J 265 -17.74 43.31 4.04
C SER J 265 -17.15 44.68 3.80
N GLY J 266 -16.11 44.76 2.98
CA GLY J 266 -15.50 46.05 2.70
C GLY J 266 -16.41 46.98 1.93
N LEU J 267 -17.17 46.44 0.97
CA LEU J 267 -18.13 47.27 0.26
C LEU J 267 -19.22 47.77 1.20
N ALA J 268 -19.72 46.89 2.06
CA ALA J 268 -20.74 47.30 3.01
C ALA J 268 -20.22 48.40 3.93
N GLY J 269 -18.98 48.27 4.39
CA GLY J 269 -18.38 49.34 5.17
C GLY J 269 -18.15 50.61 4.39
N GLY J 270 -17.80 50.47 3.10
CA GLY J 270 -17.54 51.64 2.29
C GLY J 270 -18.78 52.49 2.08
N ILE J 271 -19.91 51.85 1.80
CA ILE J 271 -21.17 52.60 1.82
C ILE J 271 -21.40 53.08 3.24
N GLY J 272 -21.69 54.37 3.38
CA GLY J 272 -21.74 55.01 4.68
C GLY J 272 -22.67 54.36 5.68
N LEU J 273 -23.98 54.45 5.43
CA LEU J 273 -25.00 53.85 6.30
C LEU J 273 -24.81 54.26 7.76
#